data_4XK9
#
_entry.id   4XK9
#
_cell.length_a   184.844
_cell.length_b   142.918
_cell.length_c   142.130
_cell.angle_alpha   90.00
_cell.angle_beta   126.48
_cell.angle_gamma   90.00
#
_symmetry.space_group_name_H-M   'C 1 2 1'
#
loop_
_entity.id
_entity.type
_entity.pdbx_description
1 polymer 'Soluble acetylcholine receptor'
2 non-polymer 'Pinnatoxin G'
3 non-polymer 'CHLORIDE ION'
4 water water
#
_entity_poly.entity_id   1
_entity_poly.type   'polypeptide(L)'
_entity_poly.pdbx_seq_one_letter_code
;DYKDDDDKLHSQANLMRLKSDLFNRSPMYPGPTKDDPLTVTLGFTLQDIVKADSSTNEVDLVYYEQQRWKLNSLMWDPNE
YGNITDFRTSAADIWTPDITAYSSTRPVQVLSPQIAVVTHDGSVMFIPAQRLSFMCDPTGVDSEEGATCAVKFGSWVYSG
FEIDLKTDTDQVDLSSYYASSKYEILSATQTRQVQHYSCCPEPYIDVNLVVKFRERRAGNGFFRNLFD
;
_entity_poly.pdbx_strand_id   A,B,C,D,E,F,G,H,I,J
#
# COMPACT_ATOMS: atom_id res chain seq x y z
N LYS A 8 21.47 -33.34 -3.01
CA LYS A 8 20.63 -32.78 -4.11
C LYS A 8 20.55 -31.26 -4.08
N LEU A 9 20.35 -30.70 -2.88
CA LEU A 9 20.44 -29.24 -2.67
C LEU A 9 21.82 -28.71 -3.05
N HIS A 10 22.86 -29.46 -2.67
CA HIS A 10 24.25 -29.11 -2.97
C HIS A 10 24.53 -29.08 -4.48
N SER A 11 24.07 -30.09 -5.23
CA SER A 11 24.28 -30.13 -6.70
C SER A 11 23.53 -28.99 -7.41
N GLN A 12 22.33 -28.68 -6.93
CA GLN A 12 21.55 -27.54 -7.44
C GLN A 12 22.23 -26.20 -7.20
N ALA A 13 22.75 -26.02 -5.98
CA ALA A 13 23.45 -24.79 -5.59
C ALA A 13 24.72 -24.58 -6.43
N ASN A 14 25.44 -25.66 -6.68
CA ASN A 14 26.62 -25.62 -7.53
C ASN A 14 26.31 -25.26 -8.99
N LEU A 15 25.23 -25.81 -9.54
CA LEU A 15 24.80 -25.48 -10.90
C LEU A 15 24.45 -23.99 -11.02
N MET A 16 23.68 -23.49 -10.05
CA MET A 16 23.29 -22.06 -10.03
C MET A 16 24.50 -21.15 -9.89
N ARG A 17 25.44 -21.52 -9.03
CA ARG A 17 26.69 -20.77 -8.85
C ARG A 17 27.53 -20.76 -10.13
N LEU A 18 27.64 -21.91 -10.78
CA LEU A 18 28.35 -22.03 -12.07
C LEU A 18 27.76 -21.11 -13.12
N LYS A 19 26.45 -21.20 -13.31
CA LYS A 19 25.75 -20.38 -14.30
C LYS A 19 25.90 -18.89 -13.99
N SER A 20 25.74 -18.54 -12.71
CA SER A 20 25.95 -17.17 -12.25
C SER A 20 27.38 -16.70 -12.55
N ASP A 21 28.37 -17.55 -12.25
CA ASP A 21 29.77 -17.23 -12.55
C ASP A 21 30.05 -16.99 -14.04
N LEU A 22 29.48 -17.83 -14.90
CA LEU A 22 29.70 -17.70 -16.36
C LEU A 22 28.89 -16.57 -17.01
N PHE A 23 27.65 -16.38 -16.57
CA PHE A 23 26.71 -15.48 -17.24
C PHE A 23 26.59 -14.07 -16.62
N ASN A 24 26.76 -13.96 -15.31
CA ASN A 24 26.54 -12.71 -14.56
C ASN A 24 27.82 -12.05 -14.09
N ARG A 25 28.75 -12.83 -13.56
CA ARG A 25 30.02 -12.31 -13.06
C ARG A 25 31.12 -12.17 -14.11
N SER A 26 30.95 -12.85 -15.25
CA SER A 26 31.92 -12.76 -16.33
C SER A 26 31.34 -11.94 -17.48
N PRO A 27 32.20 -11.17 -18.18
CA PRO A 27 31.77 -10.59 -19.44
C PRO A 27 31.57 -11.69 -20.47
N MET A 28 30.58 -11.55 -21.33
CA MET A 28 30.24 -12.61 -22.25
C MET A 28 30.74 -12.39 -23.66
N TYR A 29 30.98 -13.52 -24.34
CA TYR A 29 31.56 -13.56 -25.67
C TYR A 29 30.91 -12.57 -26.64
N PRO A 30 31.67 -11.58 -27.13
CA PRO A 30 31.14 -10.59 -28.07
C PRO A 30 31.11 -11.06 -29.54
N GLY A 31 31.57 -12.27 -29.81
CA GLY A 31 31.66 -12.79 -31.17
C GLY A 31 33.13 -12.91 -31.56
N PRO A 32 33.39 -13.60 -32.67
CA PRO A 32 34.76 -13.77 -33.13
C PRO A 32 35.34 -12.53 -33.80
N THR A 33 36.66 -12.49 -33.87
CA THR A 33 37.41 -11.44 -34.56
C THR A 33 38.45 -12.09 -35.49
N LYS A 34 39.09 -11.26 -36.31
CA LYS A 34 40.20 -11.65 -37.20
C LYS A 34 41.38 -12.20 -36.35
N ASP A 35 41.64 -11.57 -35.21
CA ASP A 35 42.70 -11.99 -34.28
C ASP A 35 42.35 -13.23 -33.47
N ASP A 36 41.05 -13.50 -33.32
CA ASP A 36 40.56 -14.63 -32.54
C ASP A 36 39.42 -15.37 -33.27
N PRO A 37 39.74 -16.07 -34.37
CA PRO A 37 38.70 -16.73 -35.17
C PRO A 37 38.08 -17.91 -34.45
N LEU A 38 36.83 -18.23 -34.79
CA LEU A 38 36.11 -19.30 -34.14
C LEU A 38 35.83 -20.39 -35.15
N THR A 39 36.12 -21.62 -34.75
CA THR A 39 35.75 -22.78 -35.55
C THR A 39 34.31 -23.18 -35.20
N VAL A 40 33.46 -23.30 -36.21
CA VAL A 40 32.11 -23.79 -36.04
C VAL A 40 31.96 -25.00 -36.90
N THR A 41 31.57 -26.12 -36.30
CA THR A 41 31.37 -27.36 -37.04
C THR A 41 29.88 -27.61 -37.23
N LEU A 42 29.53 -27.96 -38.46
CA LEU A 42 28.16 -28.00 -38.92
C LEU A 42 27.87 -29.34 -39.57
N GLY A 43 26.72 -29.92 -39.26
CA GLY A 43 26.28 -31.15 -39.88
C GLY A 43 24.77 -31.27 -39.89
N PHE A 44 24.24 -31.98 -40.88
CA PHE A 44 22.80 -32.09 -41.07
C PHE A 44 22.33 -33.53 -40.91
N THR A 45 21.17 -33.65 -40.29
CA THR A 45 20.44 -34.89 -40.18
C THR A 45 19.11 -34.62 -40.85
N LEU A 46 18.91 -35.23 -42.01
CA LEU A 46 17.74 -34.96 -42.81
C LEU A 46 16.60 -35.89 -42.40
N GLN A 47 15.48 -35.31 -42.02
CA GLN A 47 14.36 -36.07 -41.47
C GLN A 47 13.24 -36.32 -42.49
N ASP A 48 12.95 -35.34 -43.35
CA ASP A 48 11.85 -35.46 -44.29
C ASP A 48 11.91 -34.40 -45.37
N ILE A 49 11.63 -34.80 -46.60
CA ILE A 49 11.26 -33.87 -47.65
C ILE A 49 9.74 -33.90 -47.62
N VAL A 50 9.16 -32.79 -47.16
CA VAL A 50 7.73 -32.73 -46.89
C VAL A 50 6.97 -32.47 -48.18
N LYS A 51 7.48 -31.57 -48.99
CA LYS A 51 6.75 -31.00 -50.11
C LYS A 51 7.68 -30.52 -51.20
N ALA A 52 7.31 -30.79 -52.44
CA ALA A 52 8.04 -30.28 -53.61
C ALA A 52 7.02 -29.64 -54.53
N ASP A 53 7.17 -28.34 -54.72
CA ASP A 53 6.19 -27.52 -55.44
C ASP A 53 6.80 -27.08 -56.79
N SER A 54 6.33 -27.73 -57.86
CA SER A 54 6.84 -27.46 -59.20
C SER A 54 6.21 -26.23 -59.84
N SER A 55 5.16 -25.68 -59.25
CA SER A 55 4.57 -24.43 -59.74
C SER A 55 5.38 -23.19 -59.28
N THR A 56 6.13 -23.31 -58.18
CA THR A 56 6.97 -22.21 -57.69
C THR A 56 8.48 -22.56 -57.56
N ASN A 57 8.82 -23.83 -57.78
CA ASN A 57 10.17 -24.33 -57.56
C ASN A 57 10.69 -24.01 -56.18
N GLU A 58 9.92 -24.47 -55.21
CA GLU A 58 10.26 -24.46 -53.80
C GLU A 58 10.13 -25.87 -53.25
N VAL A 59 11.07 -26.27 -52.42
CA VAL A 59 11.02 -27.55 -51.72
C VAL A 59 11.11 -27.29 -50.23
N ASP A 60 10.38 -28.10 -49.46
CA ASP A 60 10.35 -27.97 -47.99
C ASP A 60 11.00 -29.17 -47.34
N LEU A 61 12.06 -28.92 -46.56
CA LEU A 61 12.75 -29.94 -45.81
C LEU A 61 12.53 -29.77 -44.33
N VAL A 62 12.56 -30.88 -43.62
CA VAL A 62 12.67 -30.91 -42.17
C VAL A 62 13.99 -31.61 -41.86
N TYR A 63 14.83 -30.96 -41.06
CA TYR A 63 16.15 -31.48 -40.70
C TYR A 63 16.55 -30.99 -39.32
N TYR A 64 17.53 -31.67 -38.73
CA TYR A 64 18.21 -31.20 -37.53
C TYR A 64 19.55 -30.63 -37.97
N GLU A 65 19.85 -29.42 -37.52
CA GLU A 65 21.08 -28.75 -37.89
C GLU A 65 22.01 -28.71 -36.69
N GLN A 66 23.01 -29.57 -36.73
CA GLN A 66 23.93 -29.70 -35.61
C GLN A 66 25.05 -28.67 -35.71
N GLN A 67 25.19 -27.85 -34.68
CA GLN A 67 26.23 -26.82 -34.62
C GLN A 67 27.05 -27.00 -33.36
N ARG A 68 28.35 -26.88 -33.51
CA ARG A 68 29.28 -27.04 -32.40
C ARG A 68 30.42 -26.04 -32.49
N TRP A 69 30.73 -25.43 -31.35
CA TRP A 69 31.87 -24.55 -31.24
C TRP A 69 32.40 -24.61 -29.81
N LYS A 70 33.55 -23.99 -29.59
CA LYS A 70 34.20 -24.05 -28.29
C LYS A 70 34.76 -22.69 -27.90
N LEU A 71 34.50 -22.30 -26.65
CA LEU A 71 34.92 -21.01 -26.11
C LEU A 71 35.65 -21.19 -24.78
N ASN A 72 36.78 -20.49 -24.65
CA ASN A 72 37.55 -20.45 -23.41
C ASN A 72 36.76 -19.84 -22.27
N SER A 73 35.97 -18.81 -22.58
CA SER A 73 35.12 -18.15 -21.59
C SER A 73 34.00 -19.03 -21.01
N LEU A 74 33.75 -20.19 -21.61
CA LEU A 74 32.78 -21.16 -21.08
C LEU A 74 33.41 -22.40 -20.43
N MET A 75 34.73 -22.37 -20.23
CA MET A 75 35.43 -23.46 -19.54
C MET A 75 35.32 -23.34 -18.03
N TRP A 76 35.27 -24.48 -17.37
CA TRP A 76 35.39 -24.55 -15.91
C TRP A 76 35.98 -25.88 -15.49
N ASP A 77 36.45 -25.90 -14.25
CA ASP A 77 36.98 -27.10 -13.60
C ASP A 77 35.81 -27.74 -12.84
N PRO A 78 35.39 -28.97 -13.23
CA PRO A 78 34.28 -29.60 -12.51
C PRO A 78 34.49 -29.79 -11.01
N ASN A 79 35.75 -29.92 -10.58
CA ASN A 79 36.09 -30.05 -9.15
C ASN A 79 35.74 -28.83 -8.31
N GLU A 80 35.71 -27.65 -8.94
CA GLU A 80 35.29 -26.42 -8.25
C GLU A 80 33.77 -26.23 -8.21
N TYR A 81 33.00 -27.15 -8.81
CA TYR A 81 31.55 -27.01 -8.95
C TYR A 81 30.81 -28.33 -8.75
N GLY A 82 31.20 -29.06 -7.71
CA GLY A 82 30.52 -30.30 -7.31
C GLY A 82 30.49 -31.39 -8.36
N ASN A 83 31.53 -31.45 -9.19
CA ASN A 83 31.63 -32.46 -10.27
C ASN A 83 30.64 -32.26 -11.44
N ILE A 84 30.08 -31.06 -11.58
CA ILE A 84 29.25 -30.75 -12.74
C ILE A 84 30.14 -30.66 -13.98
N THR A 85 29.83 -31.50 -14.98
CA THR A 85 30.58 -31.57 -16.22
C THR A 85 29.87 -30.90 -17.39
N ASP A 86 28.58 -30.59 -17.23
CA ASP A 86 27.79 -29.98 -18.29
C ASP A 86 26.54 -29.34 -17.73
N PHE A 87 25.96 -28.41 -18.50
CA PHE A 87 24.64 -27.86 -18.19
C PHE A 87 23.89 -27.44 -19.47
N ARG A 88 22.65 -26.99 -19.27
CA ARG A 88 21.82 -26.51 -20.36
C ARG A 88 21.55 -25.04 -20.17
N THR A 89 21.46 -24.33 -21.29
CA THR A 89 21.12 -22.93 -21.28
C THR A 89 20.27 -22.58 -22.47
N SER A 90 19.40 -21.61 -22.28
CA SER A 90 18.63 -21.07 -23.38
C SER A 90 19.62 -20.50 -24.40
N ALA A 91 19.34 -20.75 -25.68
CA ALA A 91 20.18 -20.25 -26.77
C ALA A 91 20.23 -18.72 -26.83
N ALA A 92 19.20 -18.06 -26.32
CA ALA A 92 19.17 -16.60 -26.21
C ALA A 92 20.19 -16.03 -25.21
N ASP A 93 20.63 -16.81 -24.23
CA ASP A 93 21.55 -16.35 -23.18
C ASP A 93 23.04 -16.51 -23.51
N ILE A 94 23.34 -17.11 -24.66
CA ILE A 94 24.73 -17.22 -25.11
C ILE A 94 24.82 -16.70 -26.52
N TRP A 95 26.03 -16.43 -26.95
CA TRP A 95 26.31 -16.14 -28.33
C TRP A 95 26.08 -17.43 -29.15
N THR A 96 25.47 -17.28 -30.32
CA THR A 96 25.33 -18.39 -31.26
C THR A 96 25.72 -17.90 -32.65
N PRO A 97 26.21 -18.80 -33.49
CA PRO A 97 26.63 -18.37 -34.82
C PRO A 97 25.46 -18.07 -35.73
N ASP A 98 25.65 -17.09 -36.61
CA ASP A 98 24.61 -16.62 -37.54
C ASP A 98 24.54 -17.45 -38.83
N ILE A 99 24.49 -18.77 -38.69
CA ILE A 99 24.52 -19.65 -39.84
C ILE A 99 23.15 -19.56 -40.50
N THR A 100 23.12 -19.38 -41.81
CA THR A 100 21.89 -19.11 -42.55
C THR A 100 21.90 -19.84 -43.86
N ALA A 101 20.71 -20.30 -44.27
CA ALA A 101 20.48 -20.80 -45.62
C ALA A 101 20.53 -19.60 -46.57
N TYR A 102 21.29 -19.71 -47.66
CA TYR A 102 21.47 -18.59 -48.56
C TYR A 102 20.38 -18.48 -49.62
N SER A 103 19.59 -19.54 -49.83
CA SER A 103 18.56 -19.54 -50.85
C SER A 103 17.21 -19.99 -50.32
N SER A 104 16.92 -19.65 -49.07
CA SER A 104 15.59 -19.86 -48.52
C SER A 104 14.60 -18.92 -49.20
N THR A 105 13.34 -19.34 -49.25
CA THR A 105 12.26 -18.53 -49.79
C THR A 105 11.20 -18.12 -48.74
N ARG A 106 11.31 -18.64 -47.52
CA ARG A 106 10.46 -18.24 -46.38
CA ARG A 106 10.46 -18.24 -46.39
C ARG A 106 11.30 -18.30 -45.12
N PRO A 107 10.91 -17.54 -44.08
CA PRO A 107 11.68 -17.67 -42.84
C PRO A 107 11.70 -19.13 -42.36
N VAL A 108 12.85 -19.57 -41.84
CA VAL A 108 12.95 -20.91 -41.27
C VAL A 108 12.02 -21.03 -40.06
N GLN A 109 11.38 -22.18 -39.92
CA GLN A 109 10.52 -22.43 -38.79
C GLN A 109 11.25 -23.40 -37.85
N VAL A 110 11.38 -23.00 -36.59
CA VAL A 110 12.07 -23.78 -35.59
C VAL A 110 11.08 -24.74 -34.93
N LEU A 111 11.48 -26.01 -34.80
CA LEU A 111 10.61 -27.09 -34.30
C LEU A 111 10.98 -27.61 -32.92
N SER A 112 12.12 -27.19 -32.39
CA SER A 112 12.65 -27.71 -31.14
C SER A 112 12.88 -26.58 -30.17
N PRO A 113 12.93 -26.88 -28.86
CA PRO A 113 13.19 -25.83 -27.88
C PRO A 113 14.59 -25.30 -28.07
N GLN A 114 14.76 -24.00 -27.92
CA GLN A 114 16.02 -23.36 -28.27
C GLN A 114 16.99 -23.43 -27.10
N ILE A 115 17.53 -24.62 -26.90
CA ILE A 115 18.37 -24.91 -25.74
C ILE A 115 19.67 -25.51 -26.22
N ALA A 116 20.77 -25.00 -25.67
CA ALA A 116 22.11 -25.49 -25.99
C ALA A 116 22.71 -26.25 -24.81
N VAL A 117 23.66 -27.13 -25.13
CA VAL A 117 24.39 -27.94 -24.16
C VAL A 117 25.79 -27.39 -24.04
N VAL A 118 26.20 -27.06 -22.82
CA VAL A 118 27.54 -26.53 -22.57
C VAL A 118 28.28 -27.52 -21.70
N THR A 119 29.46 -27.91 -22.15
CA THR A 119 30.35 -28.82 -21.41
C THR A 119 31.54 -28.09 -20.83
N HIS A 120 32.13 -28.69 -19.79
CA HIS A 120 33.20 -28.06 -19.00
C HIS A 120 34.49 -27.67 -19.77
N ASP A 121 34.74 -28.33 -20.89
CA ASP A 121 35.79 -27.94 -21.83
C ASP A 121 35.46 -26.67 -22.63
N GLY A 122 34.28 -26.08 -22.40
CA GLY A 122 33.86 -24.86 -23.09
C GLY A 122 33.16 -25.10 -24.41
N SER A 123 32.91 -26.37 -24.76
CA SER A 123 32.27 -26.67 -26.02
C SER A 123 30.75 -26.57 -25.86
N VAL A 124 30.14 -26.05 -26.91
CA VAL A 124 28.72 -25.79 -26.96
C VAL A 124 28.15 -26.61 -28.10
N MET A 125 27.04 -27.27 -27.82
CA MET A 125 26.34 -28.05 -28.83
C MET A 125 24.92 -27.48 -28.92
N PHE A 126 24.52 -27.13 -30.13
CA PHE A 126 23.21 -26.53 -30.40
C PHE A 126 22.64 -27.19 -31.63
N ILE A 127 21.46 -27.79 -31.48
CA ILE A 127 20.86 -28.60 -32.54
C ILE A 127 19.41 -28.23 -32.80
N PRO A 128 19.17 -27.10 -33.48
CA PRO A 128 17.78 -26.75 -33.80
C PRO A 128 17.21 -27.66 -34.87
N ALA A 129 16.04 -28.23 -34.60
CA ALA A 129 15.21 -28.85 -35.63
C ALA A 129 14.48 -27.74 -36.39
N GLN A 130 14.45 -27.86 -37.71
CA GLN A 130 13.96 -26.78 -38.58
C GLN A 130 13.18 -27.29 -39.76
N ARG A 131 12.17 -26.50 -40.16
CA ARG A 131 11.55 -26.63 -41.46
C ARG A 131 11.96 -25.44 -42.33
N LEU A 132 12.45 -25.76 -43.53
CA LEU A 132 13.00 -24.81 -44.46
C LEU A 132 12.38 -24.95 -45.84
N SER A 133 11.89 -23.84 -46.39
CA SER A 133 11.53 -23.75 -47.81
C SER A 133 12.68 -23.10 -48.55
N PHE A 134 13.15 -23.73 -49.62
CA PHE A 134 14.27 -23.20 -50.40
C PHE A 134 14.08 -23.44 -51.91
N MET A 135 14.90 -22.74 -52.68
CA MET A 135 14.76 -22.72 -54.14
C MET A 135 15.24 -24.03 -54.71
N CYS A 136 14.36 -24.71 -55.43
CA CYS A 136 14.63 -26.05 -55.92
C CYS A 136 13.66 -26.40 -57.04
N ASP A 137 14.20 -26.78 -58.20
CA ASP A 137 13.42 -27.27 -59.33
C ASP A 137 13.29 -28.77 -59.20
N PRO A 138 12.07 -29.26 -58.92
CA PRO A 138 11.89 -30.70 -58.71
C PRO A 138 11.67 -31.51 -60.00
N THR A 139 11.92 -30.92 -61.17
CA THR A 139 11.84 -31.65 -62.44
C THR A 139 12.67 -32.95 -62.39
N GLY A 140 12.06 -34.03 -62.84
CA GLY A 140 12.67 -35.35 -62.78
C GLY A 140 12.37 -36.15 -61.52
N VAL A 141 11.64 -35.57 -60.57
CA VAL A 141 11.31 -36.22 -59.31
C VAL A 141 10.42 -37.46 -59.51
N ASP A 142 9.60 -37.43 -60.55
CA ASP A 142 8.73 -38.54 -60.95
C ASP A 142 9.41 -39.51 -61.94
N SER A 143 10.74 -39.65 -61.85
CA SER A 143 11.51 -40.56 -62.69
C SER A 143 12.53 -41.31 -61.83
N GLU A 144 13.12 -42.34 -62.40
CA GLU A 144 14.12 -43.16 -61.71
C GLU A 144 15.36 -42.39 -61.31
N GLU A 145 15.80 -41.50 -62.18
CA GLU A 145 16.97 -40.68 -61.91
C GLU A 145 16.76 -39.65 -60.79
N GLY A 146 15.53 -39.19 -60.65
CA GLY A 146 15.16 -38.26 -59.59
C GLY A 146 15.55 -36.82 -59.90
N ALA A 147 15.25 -35.95 -58.93
CA ALA A 147 15.60 -34.54 -59.01
C ALA A 147 16.81 -34.30 -58.14
N THR A 148 17.55 -33.24 -58.44
CA THR A 148 18.70 -32.82 -57.64
C THR A 148 18.50 -31.38 -57.24
N CYS A 149 18.65 -31.09 -55.95
CA CYS A 149 18.64 -29.71 -55.47
C CYS A 149 19.73 -29.45 -54.46
N ALA A 150 20.05 -28.18 -54.32
CA ALA A 150 21.16 -27.75 -53.50
C ALA A 150 20.81 -26.49 -52.76
N VAL A 151 21.36 -26.34 -51.56
CA VAL A 151 21.25 -25.11 -50.80
C VAL A 151 22.51 -24.92 -49.94
N LYS A 152 23.03 -23.70 -49.94
CA LYS A 152 24.22 -23.37 -49.20
C LYS A 152 23.88 -22.77 -47.85
N PHE A 153 24.69 -23.11 -46.86
CA PHE A 153 24.60 -22.59 -45.51
C PHE A 153 25.91 -21.94 -45.13
N GLY A 154 25.82 -20.78 -44.50
CA GLY A 154 27.00 -20.10 -44.01
C GLY A 154 26.66 -18.93 -43.15
N SER A 155 27.69 -18.34 -42.57
CA SER A 155 27.54 -17.12 -41.77
C SER A 155 27.04 -16.02 -42.70
N TRP A 156 26.17 -15.17 -42.19
CA TRP A 156 25.66 -14.04 -42.96
C TRP A 156 26.66 -12.87 -42.98
N VAL A 157 27.37 -12.67 -41.86
CA VAL A 157 28.21 -11.48 -41.69
C VAL A 157 29.69 -11.72 -41.36
N TYR A 158 30.13 -12.97 -41.29
CA TYR A 158 31.53 -13.26 -40.96
C TYR A 158 32.20 -14.01 -42.08
N SER A 159 33.41 -13.57 -42.41
CA SER A 159 34.26 -14.25 -43.38
C SER A 159 34.90 -15.49 -42.76
N GLY A 160 35.61 -16.23 -43.61
CA GLY A 160 36.40 -17.37 -43.20
C GLY A 160 37.53 -17.05 -42.23
N PHE A 161 37.98 -15.79 -42.17
CA PHE A 161 38.97 -15.36 -41.18
C PHE A 161 38.36 -15.05 -39.80
N GLU A 162 37.04 -15.16 -39.67
CA GLU A 162 36.34 -14.87 -38.42
C GLU A 162 35.57 -16.09 -37.90
N ILE A 163 34.78 -16.71 -38.77
CA ILE A 163 34.19 -18.01 -38.49
C ILE A 163 34.73 -19.02 -39.49
N ASP A 164 35.51 -19.96 -38.99
CA ASP A 164 36.02 -21.05 -39.82
C ASP A 164 34.98 -22.16 -39.75
N LEU A 165 34.19 -22.26 -40.81
CA LEU A 165 33.10 -23.20 -40.87
C LEU A 165 33.62 -24.54 -41.36
N LYS A 166 33.33 -25.62 -40.63
CA LYS A 166 33.78 -26.98 -40.97
C LYS A 166 32.67 -28.01 -40.89
N THR A 167 32.94 -29.18 -41.47
CA THR A 167 32.11 -30.37 -41.31
C THR A 167 32.97 -31.48 -40.73
N ASP A 168 32.32 -32.45 -40.09
CA ASP A 168 32.98 -33.69 -39.64
C ASP A 168 32.94 -34.78 -40.70
N THR A 169 31.94 -34.71 -41.58
CA THR A 169 31.76 -35.66 -42.64
C THR A 169 31.04 -34.94 -43.77
N ASP A 170 31.20 -35.45 -44.98
CA ASP A 170 30.46 -34.92 -46.11
C ASP A 170 29.18 -35.72 -46.38
N GLN A 171 28.90 -36.74 -45.57
CA GLN A 171 27.66 -37.51 -45.68
C GLN A 171 26.60 -36.94 -44.75
N VAL A 172 25.46 -36.56 -45.33
CA VAL A 172 24.30 -36.16 -44.55
C VAL A 172 23.79 -37.40 -43.80
N ASP A 173 23.41 -37.22 -42.54
CA ASP A 173 22.93 -38.33 -41.74
C ASP A 173 21.48 -38.62 -42.16
N LEU A 174 21.26 -39.79 -42.74
CA LEU A 174 19.95 -40.24 -43.22
C LEU A 174 19.34 -41.34 -42.35
N SER A 175 19.96 -41.63 -41.21
CA SER A 175 19.52 -42.75 -40.38
C SER A 175 18.17 -42.52 -39.68
N SER A 176 17.71 -41.26 -39.60
CA SER A 176 16.39 -40.91 -39.08
C SER A 176 15.44 -40.43 -40.17
N TYR A 177 15.79 -40.64 -41.44
CA TYR A 177 14.92 -40.15 -42.50
C TYR A 177 13.59 -40.89 -42.43
N TYR A 178 12.50 -40.16 -42.56
CA TYR A 178 11.16 -40.71 -42.43
C TYR A 178 10.88 -41.77 -43.51
N ALA A 179 10.70 -43.00 -43.07
CA ALA A 179 10.56 -44.15 -43.97
C ALA A 179 9.32 -44.11 -44.87
N SER A 180 8.28 -43.37 -44.50
CA SER A 180 7.06 -43.28 -45.32
C SER A 180 6.86 -41.89 -45.92
N SER A 181 7.96 -41.13 -46.06
CA SER A 181 7.93 -39.87 -46.79
C SER A 181 7.35 -40.07 -48.19
N LYS A 182 6.81 -39.00 -48.77
CA LYS A 182 6.44 -39.01 -50.19
C LYS A 182 7.66 -39.14 -51.09
N TYR A 183 8.83 -38.72 -50.59
CA TYR A 183 10.06 -38.73 -51.36
C TYR A 183 11.10 -39.61 -50.69
N GLU A 184 11.72 -40.46 -51.48
CA GLU A 184 12.87 -41.24 -51.00
C GLU A 184 14.16 -40.52 -51.43
N ILE A 185 15.18 -40.62 -50.58
CA ILE A 185 16.48 -39.98 -50.79
C ILE A 185 17.42 -40.95 -51.49
N LEU A 186 17.94 -40.53 -52.64
CA LEU A 186 18.95 -41.28 -53.38
C LEU A 186 20.34 -40.95 -52.86
N SER A 187 20.58 -39.69 -52.55
CA SER A 187 21.80 -39.28 -51.85
C SER A 187 21.66 -37.88 -51.26
N ALA A 188 22.49 -37.62 -50.27
CA ALA A 188 22.50 -36.37 -49.59
C ALA A 188 23.89 -36.12 -49.07
N THR A 189 24.52 -35.06 -49.58
CA THR A 189 25.87 -34.69 -49.19
C THR A 189 25.93 -33.26 -48.66
N GLN A 190 26.96 -33.00 -47.86
CA GLN A 190 27.20 -31.69 -47.24
C GLN A 190 28.68 -31.37 -47.42
N THR A 191 28.98 -30.43 -48.30
CA THR A 191 30.37 -30.19 -48.73
C THR A 191 30.80 -28.78 -48.39
N ARG A 192 31.88 -28.68 -47.63
CA ARG A 192 32.51 -27.40 -47.32
C ARG A 192 33.10 -26.83 -48.61
N GLN A 193 32.76 -25.58 -48.93
CA GLN A 193 33.31 -24.88 -50.10
C GLN A 193 33.90 -23.54 -49.69
N VAL A 194 34.99 -23.18 -50.34
CA VAL A 194 35.68 -21.92 -50.09
C VAL A 194 35.42 -21.07 -51.31
N GLN A 195 35.02 -19.82 -51.07
CA GLN A 195 34.65 -18.89 -52.13
C GLN A 195 35.39 -17.55 -51.99
N HIS A 196 35.79 -17.01 -53.13
CA HIS A 196 36.37 -15.67 -53.14
C HIS A 196 35.47 -14.68 -53.88
N TYR A 197 35.51 -13.45 -53.39
CA TYR A 197 34.90 -12.31 -54.05
C TYR A 197 36.01 -11.38 -54.56
N SER A 198 35.85 -10.88 -55.78
CA SER A 198 36.92 -10.15 -56.45
C SER A 198 37.36 -8.86 -55.75
N CYS A 199 36.48 -8.29 -54.94
CA CYS A 199 36.82 -7.12 -54.13
C CYS A 199 37.94 -7.36 -53.08
N CYS A 200 38.06 -8.59 -52.59
CA CYS A 200 38.49 -8.85 -51.23
C CYS A 200 39.39 -10.09 -51.19
N PRO A 201 40.49 -10.03 -50.41
CA PRO A 201 41.34 -11.22 -50.29
C PRO A 201 40.82 -12.37 -49.39
N GLU A 202 40.04 -12.06 -48.35
CA GLU A 202 39.55 -13.08 -47.37
C GLU A 202 38.67 -14.14 -48.03
N PRO A 203 38.80 -15.40 -47.59
CA PRO A 203 37.92 -16.45 -48.04
C PRO A 203 36.55 -16.43 -47.36
N TYR A 204 35.53 -16.86 -48.08
CA TYR A 204 34.18 -17.01 -47.57
C TYR A 204 33.80 -18.49 -47.65
N ILE A 205 33.24 -19.01 -46.56
CA ILE A 205 33.03 -20.43 -46.42
C ILE A 205 31.55 -20.70 -46.40
N ASP A 206 31.13 -21.76 -47.09
CA ASP A 206 29.77 -22.27 -46.95
C ASP A 206 29.78 -23.79 -46.97
N VAL A 207 28.67 -24.36 -46.55
CA VAL A 207 28.45 -25.80 -46.61
C VAL A 207 27.28 -26.01 -47.57
N ASN A 208 27.56 -26.70 -48.66
CA ASN A 208 26.59 -26.95 -49.70
C ASN A 208 25.89 -28.28 -49.46
N LEU A 209 24.58 -28.19 -49.22
CA LEU A 209 23.76 -29.36 -48.99
C LEU A 209 23.14 -29.74 -50.32
N VAL A 210 23.52 -30.91 -50.86
CA VAL A 210 23.02 -31.38 -52.15
C VAL A 210 22.19 -32.63 -51.87
N VAL A 211 20.93 -32.60 -52.29
CA VAL A 211 20.02 -33.71 -52.05
C VAL A 211 19.46 -34.19 -53.40
N LYS A 212 19.57 -35.50 -53.62
CA LYS A 212 18.98 -36.18 -54.77
C LYS A 212 17.85 -37.06 -54.28
N PHE A 213 16.69 -36.92 -54.90
CA PHE A 213 15.48 -37.53 -54.39
C PHE A 213 14.48 -37.78 -55.48
N ARG A 214 13.55 -38.69 -55.21
CA ARG A 214 12.46 -38.98 -56.13
C ARG A 214 11.22 -39.44 -55.39
N GLU A 215 10.09 -39.39 -56.09
CA GLU A 215 8.82 -39.89 -55.56
C GLU A 215 8.95 -41.36 -55.22
N ARG A 216 8.47 -41.73 -54.05
CA ARG A 216 8.51 -43.11 -53.56
C ARG A 216 7.51 -43.98 -54.32
N ARG A 217 7.86 -45.23 -54.58
CA ARG A 217 7.01 -46.12 -55.37
C ARG A 217 7.11 -47.55 -54.88
N ASP B 5 -14.23 -8.88 3.10
CA ASP B 5 -13.64 -7.54 2.77
C ASP B 5 -12.22 -7.35 3.38
N ASP B 6 -12.13 -7.43 4.72
CA ASP B 6 -10.85 -7.49 5.47
C ASP B 6 -10.10 -8.82 5.23
N ASP B 7 -10.85 -9.91 5.32
CA ASP B 7 -10.33 -11.28 5.00
C ASP B 7 -9.89 -11.36 3.54
N LYS B 8 -10.70 -10.77 2.65
CA LYS B 8 -10.40 -10.74 1.22
C LYS B 8 -9.09 -10.03 0.87
N LEU B 9 -8.88 -8.84 1.46
CA LEU B 9 -7.58 -8.15 1.34
C LEU B 9 -6.45 -9.00 1.88
N HIS B 10 -6.71 -9.66 3.01
CA HIS B 10 -5.74 -10.56 3.64
C HIS B 10 -5.34 -11.74 2.74
N SER B 11 -6.32 -12.41 2.14
CA SER B 11 -6.02 -13.56 1.26
C SER B 11 -5.23 -13.11 0.01
N GLN B 12 -5.57 -11.94 -0.54
CA GLN B 12 -4.83 -11.36 -1.67
C GLN B 12 -3.39 -11.03 -1.30
N ALA B 13 -3.20 -10.42 -0.14
CA ALA B 13 -1.86 -10.03 0.36
C ALA B 13 -0.98 -11.26 0.56
N ASN B 14 -1.57 -12.33 1.10
CA ASN B 14 -0.86 -13.60 1.28
C ASN B 14 -0.45 -14.27 -0.02
N LEU B 15 -1.34 -14.24 -1.03
CA LEU B 15 -0.99 -14.77 -2.35
C LEU B 15 0.18 -14.00 -2.97
N MET B 16 0.12 -12.66 -2.91
CA MET B 16 1.19 -11.82 -3.45
C MET B 16 2.51 -12.04 -2.73
N ARG B 17 2.45 -12.16 -1.41
CA ARG B 17 3.65 -12.44 -0.60
C ARG B 17 4.25 -13.81 -0.95
N LEU B 18 3.38 -14.82 -1.11
CA LEU B 18 3.82 -16.16 -1.50
C LEU B 18 4.54 -16.16 -2.84
N LYS B 19 3.91 -15.55 -3.83
CA LYS B 19 4.49 -15.47 -5.17
C LYS B 19 5.81 -14.70 -5.17
N SER B 20 5.83 -13.57 -4.46
CA SER B 20 7.05 -12.80 -4.26
C SER B 20 8.14 -13.66 -3.60
N ASP B 21 7.78 -14.40 -2.55
CA ASP B 21 8.75 -15.26 -1.86
C ASP B 21 9.34 -16.34 -2.78
N LEU B 22 8.50 -16.96 -3.59
CA LEU B 22 8.96 -18.04 -4.48
C LEU B 22 9.70 -17.53 -5.72
N PHE B 23 9.24 -16.41 -6.30
CA PHE B 23 9.74 -15.93 -7.59
C PHE B 23 10.81 -14.83 -7.54
N ASN B 24 10.75 -13.97 -6.53
CA ASN B 24 11.62 -12.79 -6.42
C ASN B 24 12.70 -12.93 -5.36
N ARG B 25 12.33 -13.45 -4.20
CA ARG B 25 13.25 -13.59 -3.09
C ARG B 25 14.06 -14.90 -3.10
N SER B 26 13.59 -15.88 -3.87
CA SER B 26 14.30 -17.16 -3.98
C SER B 26 14.95 -17.27 -5.35
N PRO B 27 16.14 -17.90 -5.42
CA PRO B 27 16.69 -18.27 -6.72
C PRO B 27 15.81 -19.36 -7.34
N MET B 28 15.65 -19.32 -8.65
CA MET B 28 14.70 -20.23 -9.29
C MET B 28 15.37 -21.41 -9.99
N TYR B 29 14.60 -22.49 -10.07
CA TYR B 29 15.06 -23.78 -10.56
C TYR B 29 15.83 -23.67 -11.88
N PRO B 30 17.13 -24.05 -11.88
CA PRO B 30 17.98 -24.00 -13.07
C PRO B 30 17.83 -25.19 -14.01
N GLY B 31 16.97 -26.14 -13.65
CA GLY B 31 16.79 -27.35 -14.42
C GLY B 31 17.38 -28.53 -13.67
N PRO B 32 17.09 -29.75 -14.13
CA PRO B 32 17.56 -30.95 -13.47
C PRO B 32 19.01 -31.25 -13.76
N THR B 33 19.60 -32.07 -12.89
CA THR B 33 20.97 -32.56 -13.03
C THR B 33 21.00 -34.07 -12.84
N LYS B 34 22.14 -34.69 -13.12
CA LYS B 34 22.34 -36.12 -12.89
C LYS B 34 22.23 -36.48 -11.41
N ASP B 35 22.72 -35.59 -10.55
CA ASP B 35 22.61 -35.76 -9.10
C ASP B 35 21.20 -35.52 -8.56
N ASP B 36 20.40 -34.75 -9.30
CA ASP B 36 19.07 -34.36 -8.88
C ASP B 36 18.06 -34.48 -10.05
N PRO B 37 17.76 -35.73 -10.47
CA PRO B 37 16.90 -35.92 -11.62
C PRO B 37 15.47 -35.56 -11.34
N LEU B 38 14.74 -35.20 -12.39
CA LEU B 38 13.36 -34.75 -12.25
C LEU B 38 12.45 -35.73 -12.95
N THR B 39 11.41 -36.14 -12.24
CA THR B 39 10.37 -36.98 -12.85
C THR B 39 9.35 -36.05 -13.50
N VAL B 40 9.07 -36.30 -14.77
CA VAL B 40 8.03 -35.57 -15.49
C VAL B 40 7.05 -36.60 -16.01
N THR B 41 5.79 -36.43 -15.65
CA THR B 41 4.74 -37.33 -16.06
C THR B 41 3.95 -36.69 -17.18
N LEU B 42 3.71 -37.46 -18.22
CA LEU B 42 3.17 -36.98 -19.46
C LEU B 42 1.97 -37.82 -19.89
N GLY B 43 0.91 -37.17 -20.34
CA GLY B 43 -0.27 -37.87 -20.85
C GLY B 43 -1.00 -37.04 -21.86
N PHE B 44 -1.68 -37.70 -22.78
CA PHE B 44 -2.37 -37.03 -23.87
C PHE B 44 -3.87 -37.26 -23.79
N THR B 45 -4.60 -36.19 -24.11
CA THR B 45 -6.03 -36.23 -24.31
C THR B 45 -6.26 -35.78 -25.74
N LEU B 46 -6.65 -36.71 -26.60
CA LEU B 46 -6.77 -36.45 -28.01
C LEU B 46 -8.16 -35.91 -28.31
N GLN B 47 -8.20 -34.71 -28.90
CA GLN B 47 -9.47 -34.03 -29.15
C GLN B 47 -9.96 -34.17 -30.59
N ASP B 48 -9.05 -34.17 -31.56
CA ASP B 48 -9.47 -34.19 -32.96
C ASP B 48 -8.30 -34.51 -33.87
N ILE B 49 -8.54 -35.35 -34.87
CA ILE B 49 -7.70 -35.42 -36.05
C ILE B 49 -8.38 -34.49 -37.05
N VAL B 50 -7.76 -33.36 -37.31
CA VAL B 50 -8.37 -32.30 -38.09
C VAL B 50 -8.24 -32.60 -39.57
N LYS B 51 -7.05 -33.04 -39.96
CA LYS B 51 -6.67 -33.12 -41.36
C LYS B 51 -5.63 -34.20 -41.58
N ALA B 52 -5.82 -34.94 -42.67
CA ALA B 52 -4.84 -35.92 -43.12
C ALA B 52 -4.52 -35.64 -44.58
N ASP B 53 -3.27 -35.28 -44.86
CA ASP B 53 -2.85 -34.82 -46.18
C ASP B 53 -1.95 -35.90 -46.80
N SER B 54 -2.53 -36.63 -47.75
CA SER B 54 -1.80 -37.69 -48.43
C SER B 54 -0.87 -37.20 -49.54
N SER B 55 -0.97 -35.92 -49.92
CA SER B 55 -0.03 -35.34 -50.89
C SER B 55 1.32 -34.97 -50.25
N THR B 56 1.34 -34.74 -48.93
CA THR B 56 2.58 -34.45 -48.20
C THR B 56 2.91 -35.43 -47.06
N ASN B 57 1.98 -36.35 -46.77
CA ASN B 57 2.10 -37.23 -45.62
C ASN B 57 2.36 -36.46 -44.32
N GLU B 58 1.44 -35.56 -44.06
CA GLU B 58 1.33 -34.83 -42.81
C GLU B 58 -0.09 -35.01 -42.26
N VAL B 59 -0.19 -35.20 -40.95
CA VAL B 59 -1.46 -35.24 -40.26
C VAL B 59 -1.47 -34.20 -39.17
N ASP B 60 -2.63 -33.58 -38.97
CA ASP B 60 -2.81 -32.53 -37.98
C ASP B 60 -3.71 -33.02 -36.85
N LEU B 61 -3.18 -33.01 -35.63
CA LEU B 61 -3.92 -33.35 -34.43
C LEU B 61 -4.13 -32.16 -33.55
N VAL B 62 -5.26 -32.18 -32.83
CA VAL B 62 -5.50 -31.26 -31.72
C VAL B 62 -5.61 -32.12 -30.47
N TYR B 63 -4.81 -31.80 -29.47
CA TYR B 63 -4.77 -32.56 -28.23
C TYR B 63 -4.41 -31.67 -27.07
N TYR B 64 -4.69 -32.14 -25.87
CA TYR B 64 -4.20 -31.52 -24.64
C TYR B 64 -3.05 -32.36 -24.15
N GLU B 65 -1.93 -31.71 -23.87
CA GLU B 65 -0.74 -32.39 -23.41
C GLU B 65 -0.53 -32.12 -21.94
N GLN B 66 -0.85 -33.11 -21.11
CA GLN B 66 -0.76 -32.95 -19.67
C GLN B 66 0.66 -33.23 -19.17
N GLN B 67 1.25 -32.26 -18.50
CA GLN B 67 2.60 -32.38 -17.95
C GLN B 67 2.59 -32.09 -16.46
N ARG B 68 3.27 -32.91 -15.70
CA ARG B 68 3.31 -32.77 -14.25
C ARG B 68 4.70 -33.09 -13.72
N TRP B 69 5.18 -32.24 -12.83
CA TRP B 69 6.43 -32.46 -12.13
C TRP B 69 6.35 -31.82 -10.76
N LYS B 70 7.36 -32.07 -9.95
CA LYS B 70 7.38 -31.59 -8.59
C LYS B 70 8.76 -31.05 -8.21
N LEU B 71 8.78 -29.88 -7.57
CA LEU B 71 10.00 -29.22 -7.14
C LEU B 71 9.94 -28.82 -5.67
N ASN B 72 11.04 -29.11 -4.96
CA ASN B 72 11.18 -28.70 -3.56
C ASN B 72 11.18 -27.19 -3.42
N SER B 73 11.80 -26.50 -4.37
CA SER B 73 11.85 -25.03 -4.37
C SER B 73 10.47 -24.34 -4.55
N LEU B 74 9.44 -25.10 -4.93
CA LEU B 74 8.07 -24.59 -5.03
C LEU B 74 7.15 -25.03 -3.88
N MET B 75 7.71 -25.66 -2.85
CA MET B 75 6.94 -26.08 -1.68
C MET B 75 6.73 -24.91 -0.73
N TRP B 76 5.58 -24.91 -0.07
CA TRP B 76 5.36 -24.02 1.05
C TRP B 76 4.37 -24.65 2.02
N ASP B 77 4.34 -24.09 3.23
CA ASP B 77 3.41 -24.49 4.28
C ASP B 77 2.21 -23.56 4.17
N PRO B 78 1.02 -24.09 3.85
CA PRO B 78 -0.15 -23.22 3.74
C PRO B 78 -0.48 -22.40 4.99
N ASN B 79 -0.10 -22.90 6.16
CA ASN B 79 -0.31 -22.18 7.43
C ASN B 79 0.47 -20.88 7.54
N GLU B 80 1.60 -20.78 6.84
CA GLU B 80 2.37 -19.54 6.78
C GLU B 80 1.87 -18.54 5.75
N TYR B 81 0.82 -18.88 5.00
CA TYR B 81 0.32 -18.06 3.89
C TYR B 81 -1.20 -18.05 3.80
N GLY B 82 -1.85 -17.88 4.95
CA GLY B 82 -3.30 -17.73 5.03
C GLY B 82 -4.09 -18.89 4.45
N ASN B 83 -3.53 -20.10 4.58
CA ASN B 83 -4.15 -21.33 4.12
C ASN B 83 -4.28 -21.48 2.59
N ILE B 84 -3.45 -20.73 1.85
CA ILE B 84 -3.35 -20.90 0.40
C ILE B 84 -2.67 -22.23 0.10
N THR B 85 -3.37 -23.08 -0.63
CA THR B 85 -2.90 -24.42 -0.99
C THR B 85 -2.44 -24.53 -2.46
N ASP B 86 -2.77 -23.53 -3.27
CA ASP B 86 -2.40 -23.53 -4.69
C ASP B 86 -2.48 -22.13 -5.28
N PHE B 87 -1.78 -21.91 -6.40
CA PHE B 87 -1.93 -20.68 -7.17
C PHE B 87 -1.67 -20.94 -8.67
N ARG B 88 -1.86 -19.89 -9.46
CA ARG B 88 -1.61 -19.91 -10.88
C ARG B 88 -0.47 -18.99 -11.24
N THR B 89 0.31 -19.39 -12.22
CA THR B 89 1.39 -18.58 -12.71
C THR B 89 1.52 -18.75 -14.21
N SER B 90 1.96 -17.69 -14.86
CA SER B 90 2.34 -17.76 -16.25
C SER B 90 3.44 -18.81 -16.41
N ALA B 91 3.33 -19.64 -17.43
CA ALA B 91 4.34 -20.65 -17.73
C ALA B 91 5.73 -20.05 -18.04
N ALA B 92 5.76 -18.81 -18.51
CA ALA B 92 7.03 -18.10 -18.76
C ALA B 92 7.80 -17.77 -17.48
N ASP B 93 7.11 -17.70 -16.33
CA ASP B 93 7.75 -17.33 -15.05
C ASP B 93 8.31 -18.51 -14.24
N ILE B 94 8.14 -19.73 -14.73
CA ILE B 94 8.72 -20.92 -14.11
C ILE B 94 9.47 -21.71 -15.13
N TRP B 95 10.33 -22.61 -14.65
CA TRP B 95 10.94 -23.60 -15.48
C TRP B 95 9.85 -24.56 -15.96
N THR B 96 9.93 -24.94 -17.23
CA THR B 96 9.07 -25.99 -17.77
C THR B 96 9.92 -26.96 -18.56
N PRO B 97 9.49 -28.22 -18.65
CA PRO B 97 10.31 -29.21 -19.36
C PRO B 97 10.27 -29.00 -20.87
N ASP B 98 11.37 -29.33 -21.52
CA ASP B 98 11.54 -29.14 -22.96
C ASP B 98 11.02 -30.35 -23.74
N ILE B 99 9.79 -30.77 -23.45
CA ILE B 99 9.20 -31.92 -24.11
C ILE B 99 8.83 -31.49 -25.52
N THR B 100 9.22 -32.30 -26.49
CA THR B 100 9.06 -31.96 -27.89
C THR B 100 8.62 -33.17 -28.69
N ALA B 101 7.76 -32.93 -29.68
CA ALA B 101 7.48 -33.92 -30.71
C ALA B 101 8.75 -34.07 -31.56
N TYR B 102 9.17 -35.30 -31.80
CA TYR B 102 10.40 -35.56 -32.55
C TYR B 102 10.21 -35.56 -34.07
N SER B 103 8.98 -35.66 -34.55
CA SER B 103 8.71 -35.73 -36.00
C SER B 103 7.63 -34.74 -36.44
N SER B 104 7.58 -33.59 -35.80
CA SER B 104 6.72 -32.51 -36.25
C SER B 104 7.26 -31.96 -37.58
N THR B 105 6.35 -31.39 -38.37
CA THR B 105 6.70 -30.76 -39.63
C THR B 105 6.44 -29.26 -39.67
N ARG B 106 5.80 -28.72 -38.62
CA ARG B 106 5.56 -27.28 -38.48
CA ARG B 106 5.56 -27.28 -38.49
C ARG B 106 5.62 -26.95 -37.01
N PRO B 107 5.92 -25.68 -36.67
CA PRO B 107 5.89 -25.34 -35.24
C PRO B 107 4.52 -25.60 -34.63
N VAL B 108 4.51 -26.11 -33.41
CA VAL B 108 3.30 -26.42 -32.72
CA VAL B 108 3.26 -26.41 -32.72
C VAL B 108 2.53 -25.11 -32.49
N GLN B 109 1.21 -25.15 -32.62
CA GLN B 109 0.38 -23.98 -32.35
C GLN B 109 -0.36 -24.18 -31.04
N VAL B 110 -0.21 -23.22 -30.14
CA VAL B 110 -0.74 -23.32 -28.80
C VAL B 110 -2.15 -22.72 -28.82
N LEU B 111 -3.10 -23.42 -28.22
CA LEU B 111 -4.52 -23.04 -28.25
C LEU B 111 -5.08 -22.59 -26.92
N SER B 112 -4.30 -22.70 -25.86
CA SER B 112 -4.76 -22.39 -24.51
C SER B 112 -3.84 -21.34 -23.88
N PRO B 113 -4.33 -20.62 -22.86
CA PRO B 113 -3.46 -19.67 -22.17
C PRO B 113 -2.34 -20.38 -21.46
N GLN B 114 -1.14 -19.82 -21.50
CA GLN B 114 0.03 -20.52 -21.02
C GLN B 114 0.15 -20.29 -19.53
N ILE B 115 -0.69 -21.00 -18.78
CA ILE B 115 -0.77 -20.86 -17.33
C ILE B 115 -0.62 -22.23 -16.68
N ALA B 116 0.23 -22.29 -15.66
CA ALA B 116 0.44 -23.50 -14.89
C ALA B 116 -0.20 -23.37 -13.50
N VAL B 117 -0.50 -24.54 -12.92
CA VAL B 117 -1.06 -24.65 -11.56
C VAL B 117 0.03 -25.16 -10.63
N VAL B 118 0.29 -24.43 -9.54
CA VAL B 118 1.28 -24.81 -8.57
C VAL B 118 0.59 -25.09 -7.25
N THR B 119 0.85 -26.25 -6.68
CA THR B 119 0.31 -26.65 -5.37
C THR B 119 1.37 -26.64 -4.31
N HIS B 120 0.94 -26.54 -3.05
CA HIS B 120 1.83 -26.35 -1.89
C HIS B 120 2.86 -27.47 -1.66
N ASP B 121 2.57 -28.67 -2.13
CA ASP B 121 3.54 -29.77 -2.15
C ASP B 121 4.66 -29.58 -3.20
N GLY B 122 4.62 -28.48 -3.96
CA GLY B 122 5.62 -28.19 -4.97
C GLY B 122 5.33 -28.79 -6.34
N SER B 123 4.17 -29.42 -6.50
CA SER B 123 3.82 -30.03 -7.77
C SER B 123 3.22 -29.00 -8.71
N VAL B 124 3.58 -29.13 -9.98
CA VAL B 124 3.21 -28.20 -11.01
C VAL B 124 2.45 -28.99 -12.06
N MET B 125 1.34 -28.43 -12.50
CA MET B 125 0.54 -29.02 -13.54
C MET B 125 0.45 -28.00 -14.67
N PHE B 126 0.82 -28.44 -15.88
CA PHE B 126 0.84 -27.59 -17.07
C PHE B 126 0.25 -28.36 -18.24
N ILE B 127 -0.83 -27.83 -18.82
CA ILE B 127 -1.64 -28.55 -19.80
C ILE B 127 -1.91 -27.70 -21.02
N PRO B 128 -0.90 -27.53 -21.89
CA PRO B 128 -1.14 -26.79 -23.12
C PRO B 128 -2.00 -27.58 -24.11
N ALA B 129 -3.05 -26.94 -24.60
CA ALA B 129 -3.78 -27.44 -25.75
C ALA B 129 -2.99 -27.04 -27.00
N GLN B 130 -2.84 -27.97 -27.93
CA GLN B 130 -1.95 -27.79 -29.06
C GLN B 130 -2.52 -28.35 -30.35
N ARG B 131 -2.21 -27.67 -31.45
CA ARG B 131 -2.34 -28.25 -32.78
C ARG B 131 -0.95 -28.57 -33.33
N LEU B 132 -0.78 -29.81 -33.77
CA LEU B 132 0.48 -30.35 -34.23
C LEU B 132 0.34 -30.98 -35.59
N SER B 133 1.22 -30.58 -36.51
CA SER B 133 1.40 -31.28 -37.79
C SER B 133 2.60 -32.17 -37.66
N PHE B 134 2.44 -33.46 -37.99
CA PHE B 134 3.55 -34.41 -37.90
C PHE B 134 3.53 -35.40 -39.05
N MET B 135 4.65 -36.12 -39.19
CA MET B 135 4.87 -37.00 -40.34
C MET B 135 4.02 -38.24 -40.18
N CYS B 136 3.18 -38.49 -41.19
CA CYS B 136 2.22 -39.57 -41.12
C CYS B 136 1.71 -39.87 -42.51
N ASP B 137 1.83 -41.14 -42.91
CA ASP B 137 1.26 -41.64 -44.15
C ASP B 137 -0.15 -42.11 -43.86
N PRO B 138 -1.17 -41.41 -44.39
CA PRO B 138 -2.56 -41.82 -44.11
C PRO B 138 -3.12 -42.90 -45.05
N THR B 139 -2.27 -43.59 -45.81
CA THR B 139 -2.72 -44.71 -46.65
C THR B 139 -3.51 -45.72 -45.82
N GLY B 140 -4.66 -46.15 -46.36
CA GLY B 140 -5.56 -47.06 -45.66
C GLY B 140 -6.63 -46.38 -44.81
N VAL B 141 -6.61 -45.05 -44.75
CA VAL B 141 -7.57 -44.28 -43.93
C VAL B 141 -9.01 -44.43 -44.46
N ASP B 142 -9.13 -44.64 -45.77
CA ASP B 142 -10.42 -44.88 -46.43
C ASP B 142 -10.79 -46.38 -46.50
N SER B 143 -10.34 -47.17 -45.53
CA SER B 143 -10.66 -48.59 -45.45
C SER B 143 -11.03 -48.94 -44.01
N GLU B 144 -11.56 -50.14 -43.83
CA GLU B 144 -11.99 -50.62 -42.52
C GLU B 144 -10.83 -50.75 -41.52
N GLU B 145 -9.68 -51.24 -42.01
CA GLU B 145 -8.49 -51.45 -41.16
C GLU B 145 -7.87 -50.09 -40.72
N GLY B 146 -8.06 -49.05 -41.54
CA GLY B 146 -7.62 -47.69 -41.19
C GLY B 146 -6.13 -47.48 -41.40
N ALA B 147 -5.68 -46.27 -41.08
CA ALA B 147 -4.27 -45.91 -41.14
C ALA B 147 -3.70 -45.92 -39.74
N THR B 148 -2.38 -46.11 -39.65
CA THR B 148 -1.69 -46.10 -38.37
C THR B 148 -0.57 -45.09 -38.47
N CYS B 149 -0.50 -44.18 -37.50
CA CYS B 149 0.62 -43.27 -37.40
C CYS B 149 1.14 -43.14 -36.00
N ALA B 150 2.37 -42.69 -35.91
CA ALA B 150 3.08 -42.62 -34.66
C ALA B 150 3.93 -41.35 -34.59
N VAL B 151 4.05 -40.80 -33.38
CA VAL B 151 4.96 -39.68 -33.12
C VAL B 151 5.48 -39.80 -31.70
N LYS B 152 6.79 -39.62 -31.56
CA LYS B 152 7.45 -39.67 -30.28
C LYS B 152 7.60 -38.31 -29.66
N PHE B 153 7.46 -38.26 -28.33
CA PHE B 153 7.64 -37.07 -27.54
C PHE B 153 8.72 -37.33 -26.51
N GLY B 154 9.58 -36.35 -26.32
CA GLY B 154 10.60 -36.45 -25.30
C GLY B 154 11.35 -35.16 -25.14
N SER B 155 12.21 -35.15 -24.12
CA SER B 155 13.08 -34.01 -23.87
C SER B 155 14.01 -33.88 -25.06
N TRP B 156 14.31 -32.65 -25.46
CA TRP B 156 15.24 -32.41 -26.55
C TRP B 156 16.69 -32.55 -26.08
N VAL B 157 16.98 -32.12 -24.85
CA VAL B 157 18.36 -32.01 -24.37
C VAL B 157 18.71 -32.75 -23.07
N TYR B 158 17.76 -33.48 -22.49
CA TYR B 158 18.01 -34.22 -21.26
C TYR B 158 17.82 -35.71 -21.44
N SER B 159 18.79 -36.47 -20.94
CA SER B 159 18.71 -37.95 -20.92
C SER B 159 17.76 -38.41 -19.83
N GLY B 160 17.57 -39.73 -19.79
CA GLY B 160 16.81 -40.38 -18.75
C GLY B 160 17.39 -40.25 -17.34
N PHE B 161 18.68 -39.95 -17.21
CA PHE B 161 19.30 -39.67 -15.90
C PHE B 161 19.07 -38.24 -15.42
N GLU B 162 18.40 -37.40 -16.22
CA GLU B 162 18.17 -36.00 -15.86
C GLU B 162 16.68 -35.70 -15.82
N ILE B 163 15.95 -36.09 -16.87
CA ILE B 163 14.49 -36.08 -16.86
C ILE B 163 13.99 -37.52 -17.00
N ASP B 164 13.38 -38.03 -15.94
CA ASP B 164 12.77 -39.34 -15.97
C ASP B 164 11.36 -39.14 -16.44
N LEU B 165 11.13 -39.42 -17.71
CA LEU B 165 9.85 -39.22 -18.35
C LEU B 165 8.96 -40.45 -18.10
N LYS B 166 7.75 -40.21 -17.58
CA LYS B 166 6.80 -41.29 -17.25
C LYS B 166 5.40 -41.02 -17.79
N THR B 167 4.59 -42.08 -17.80
CA THR B 167 3.16 -41.96 -18.05
C THR B 167 2.42 -42.56 -16.85
N ASP B 168 1.16 -42.15 -16.68
CA ASP B 168 0.26 -42.76 -15.66
C ASP B 168 -0.49 -43.94 -16.24
N THR B 169 -0.68 -43.92 -17.55
CA THR B 169 -1.40 -44.96 -18.27
C THR B 169 -0.87 -44.98 -19.68
N ASP B 170 -1.02 -46.12 -20.35
CA ASP B 170 -0.67 -46.23 -21.74
C ASP B 170 -1.87 -46.01 -22.67
N GLN B 171 -3.05 -45.73 -22.10
CA GLN B 171 -4.23 -45.40 -22.90
C GLN B 171 -4.33 -43.89 -23.06
N VAL B 172 -4.38 -43.44 -24.31
CA VAL B 172 -4.67 -42.03 -24.61
C VAL B 172 -6.10 -41.77 -24.18
N ASP B 173 -6.34 -40.62 -23.56
CA ASP B 173 -7.69 -40.28 -23.12
C ASP B 173 -8.48 -39.83 -24.35
N LEU B 174 -9.51 -40.60 -24.70
CA LEU B 174 -10.39 -40.34 -25.86
C LEU B 174 -11.77 -39.87 -25.44
N SER B 175 -11.96 -39.58 -24.16
CA SER B 175 -13.30 -39.27 -23.64
C SER B 175 -13.83 -37.90 -24.09
N SER B 176 -12.93 -37.03 -24.58
CA SER B 176 -13.31 -35.73 -25.18
C SER B 176 -13.13 -35.70 -26.70
N TYR B 177 -12.89 -36.85 -27.34
CA TYR B 177 -12.63 -36.84 -28.77
C TYR B 177 -13.87 -36.34 -29.49
N TYR B 178 -13.67 -35.47 -30.46
CA TYR B 178 -14.77 -34.82 -31.17
C TYR B 178 -15.61 -35.85 -31.92
N ALA B 179 -16.86 -35.99 -31.52
CA ALA B 179 -17.75 -37.03 -32.05
C ALA B 179 -18.09 -36.89 -33.55
N SER B 180 -17.97 -35.68 -34.11
CA SER B 180 -18.26 -35.47 -35.53
C SER B 180 -17.00 -35.16 -36.34
N SER B 181 -15.84 -35.57 -35.84
CA SER B 181 -14.59 -35.48 -36.61
C SER B 181 -14.75 -36.18 -37.95
N LYS B 182 -13.93 -35.78 -38.91
CA LYS B 182 -13.85 -36.52 -40.17
C LYS B 182 -13.25 -37.90 -39.98
N TYR B 183 -12.48 -38.06 -38.92
CA TYR B 183 -11.80 -39.32 -38.64
C TYR B 183 -12.25 -39.86 -37.31
N GLU B 184 -12.59 -41.16 -37.30
CA GLU B 184 -12.88 -41.85 -36.04
C GLU B 184 -11.60 -42.61 -35.60
N ILE B 185 -11.41 -42.68 -34.28
CA ILE B 185 -10.25 -43.30 -33.66
C ILE B 185 -10.56 -44.76 -33.36
N LEU B 186 -9.76 -45.66 -33.90
CA LEU B 186 -9.82 -47.10 -33.62
C LEU B 186 -9.02 -47.43 -32.38
N SER B 187 -7.87 -46.79 -32.21
CA SER B 187 -7.12 -46.86 -30.97
C SER B 187 -6.07 -45.77 -30.89
N ALA B 188 -5.68 -45.48 -29.66
CA ALA B 188 -4.69 -44.47 -29.39
C ALA B 188 -3.96 -44.81 -28.12
N THR B 189 -2.66 -45.07 -28.25
CA THR B 189 -1.83 -45.47 -27.11
C THR B 189 -0.65 -44.54 -26.96
N GLN B 190 -0.14 -44.48 -25.74
CA GLN B 190 1.00 -43.65 -25.36
C GLN B 190 1.95 -44.51 -24.53
N THR B 191 3.08 -44.91 -25.12
CA THR B 191 3.94 -45.94 -24.54
C THR B 191 5.30 -45.36 -24.24
N ARG B 192 5.69 -45.42 -22.98
CA ARG B 192 7.03 -45.06 -22.57
C ARG B 192 8.02 -46.05 -23.16
N GLN B 193 9.05 -45.53 -23.82
CA GLN B 193 10.11 -46.37 -24.40
C GLN B 193 11.45 -45.90 -23.89
N VAL B 194 12.31 -46.87 -23.61
CA VAL B 194 13.68 -46.61 -23.18
C VAL B 194 14.58 -47.04 -24.33
N GLN B 195 15.54 -46.19 -24.66
CA GLN B 195 16.46 -46.48 -25.77
C GLN B 195 17.89 -46.22 -25.38
N HIS B 196 18.76 -47.07 -25.91
CA HIS B 196 20.21 -46.86 -25.79
C HIS B 196 20.86 -46.54 -27.14
N TYR B 197 21.82 -45.63 -27.05
CA TYR B 197 22.64 -45.27 -28.19
C TYR B 197 24.01 -45.85 -27.89
N SER B 198 24.61 -46.44 -28.90
CA SER B 198 25.88 -47.17 -28.72
C SER B 198 27.04 -46.31 -28.20
N CYS B 199 26.98 -45.00 -28.43
CA CYS B 199 28.00 -44.06 -27.93
C CYS B 199 28.07 -43.96 -26.41
N CYS B 200 26.96 -44.22 -25.74
CA CYS B 200 26.65 -43.60 -24.46
C CYS B 200 25.95 -44.59 -23.52
N PRO B 201 26.32 -44.63 -22.24
CA PRO B 201 25.68 -45.60 -21.32
C PRO B 201 24.28 -45.19 -20.83
N GLU B 202 24.01 -43.88 -20.76
CA GLU B 202 22.72 -43.38 -20.27
C GLU B 202 21.52 -43.80 -21.11
N PRO B 203 20.34 -43.99 -20.47
CA PRO B 203 19.11 -44.27 -21.21
C PRO B 203 18.45 -43.00 -21.69
N TYR B 204 17.76 -43.11 -22.82
CA TYR B 204 17.01 -42.01 -23.40
C TYR B 204 15.57 -42.45 -23.46
N ILE B 205 14.68 -41.56 -23.03
CA ILE B 205 13.28 -41.88 -22.84
C ILE B 205 12.44 -41.08 -23.82
N ASP B 206 11.45 -41.73 -24.39
CA ASP B 206 10.39 -41.02 -25.10
C ASP B 206 9.05 -41.68 -24.81
N VAL B 207 7.99 -40.96 -25.18
CA VAL B 207 6.64 -41.47 -25.13
C VAL B 207 6.15 -41.52 -26.57
N ASN B 208 5.83 -42.72 -27.02
CA ASN B 208 5.39 -42.95 -28.39
C ASN B 208 3.88 -42.94 -28.47
N LEU B 209 3.35 -41.96 -29.18
CA LEU B 209 1.92 -41.79 -29.35
C LEU B 209 1.55 -42.49 -30.67
N VAL B 210 0.80 -43.59 -30.58
CA VAL B 210 0.42 -44.36 -31.76
C VAL B 210 -1.10 -44.22 -31.90
N VAL B 211 -1.53 -43.71 -33.06
CA VAL B 211 -2.95 -43.50 -33.31
C VAL B 211 -3.35 -44.27 -34.57
N LYS B 212 -4.42 -45.06 -34.41
CA LYS B 212 -5.04 -45.78 -35.51
C LYS B 212 -6.40 -45.18 -35.76
N PHE B 213 -6.66 -44.84 -37.02
CA PHE B 213 -7.82 -44.04 -37.37
C PHE B 213 -8.28 -44.29 -38.77
N ARG B 214 -9.54 -43.96 -39.03
CA ARG B 214 -10.09 -44.05 -40.38
C ARG B 214 -11.17 -43.01 -40.61
N GLU B 215 -11.49 -42.79 -41.88
CA GLU B 215 -12.58 -41.90 -42.27
C GLU B 215 -13.88 -42.40 -41.67
N ARG B 216 -14.66 -41.50 -41.09
CA ARG B 216 -15.95 -41.83 -40.47
C ARG B 216 -17.00 -42.16 -41.53
N ARG B 217 -17.88 -43.10 -41.19
CA ARG B 217 -18.91 -43.61 -42.10
C ARG B 217 -20.20 -43.90 -41.34
N LEU C 9 -6.25 20.93 -18.59
CA LEU C 9 -5.06 20.36 -17.88
C LEU C 9 -5.44 19.66 -16.56
N HIS C 10 -6.43 20.22 -15.84
CA HIS C 10 -6.96 19.67 -14.57
C HIS C 10 -7.52 18.23 -14.75
N SER C 11 -8.36 18.03 -15.76
CA SER C 11 -8.98 16.71 -16.01
C SER C 11 -7.92 15.65 -16.42
N GLN C 12 -6.95 16.06 -17.22
CA GLN C 12 -5.83 15.20 -17.61
C GLN C 12 -4.99 14.79 -16.41
N ALA C 13 -4.66 15.75 -15.55
CA ALA C 13 -3.86 15.51 -14.35
C ALA C 13 -4.56 14.53 -13.40
N ASN C 14 -5.86 14.71 -13.25
CA ASN C 14 -6.68 13.80 -12.43
C ASN C 14 -6.72 12.37 -12.98
N LEU C 15 -6.85 12.21 -14.29
CA LEU C 15 -6.82 10.90 -14.92
C LEU C 15 -5.49 10.20 -14.67
N MET C 16 -4.39 10.92 -14.88
CA MET C 16 -3.04 10.38 -14.67
C MET C 16 -2.82 9.99 -13.21
N ARG C 17 -3.29 10.82 -12.30
CA ARG C 17 -3.18 10.56 -10.86
C ARG C 17 -3.99 9.31 -10.48
N LEU C 18 -5.21 9.21 -11.01
CA LEU C 18 -6.06 8.04 -10.79
C LEU C 18 -5.39 6.75 -11.24
N LYS C 19 -4.91 6.75 -12.48
CA LYS C 19 -4.24 5.58 -13.05
C LYS C 19 -2.98 5.22 -12.26
N SER C 20 -2.20 6.24 -11.92
CA SER C 20 -1.03 6.05 -11.05
C SER C 20 -1.42 5.44 -9.71
N ASP C 21 -2.48 5.96 -9.09
CA ASP C 21 -2.95 5.43 -7.81
C ASP C 21 -3.38 3.97 -7.89
N LEU C 22 -4.08 3.59 -8.95
CA LEU C 22 -4.58 2.21 -9.11
C LEU C 22 -3.50 1.22 -9.57
N PHE C 23 -2.61 1.67 -10.46
CA PHE C 23 -1.65 0.78 -11.13
C PHE C 23 -0.25 0.75 -10.51
N ASN C 24 0.20 1.87 -9.94
CA ASN C 24 1.57 2.03 -9.45
C ASN C 24 1.68 2.05 -7.92
N ARG C 25 0.77 2.77 -7.25
CA ARG C 25 0.76 2.86 -5.76
C ARG C 25 0.06 1.73 -5.10
N SER C 26 -0.81 1.02 -5.82
CA SER C 26 -1.56 -0.07 -5.22
C SER C 26 -1.01 -1.37 -5.75
N PRO C 27 -0.99 -2.41 -4.88
CA PRO C 27 -0.72 -3.75 -5.38
C PRO C 27 -1.89 -4.19 -6.27
N MET C 28 -1.59 -4.91 -7.33
CA MET C 28 -2.63 -5.26 -8.28
C MET C 28 -3.16 -6.67 -8.07
N TYR C 29 -4.39 -6.86 -8.52
CA TYR C 29 -5.16 -8.11 -8.43
C TYR C 29 -4.36 -9.33 -8.89
N PRO C 30 -4.06 -10.25 -7.97
CA PRO C 30 -3.34 -11.48 -8.31
C PRO C 30 -4.19 -12.60 -8.95
N GLY C 31 -5.50 -12.37 -9.10
CA GLY C 31 -6.42 -13.40 -9.58
C GLY C 31 -7.31 -13.85 -8.45
N PRO C 32 -8.37 -14.60 -8.79
CA PRO C 32 -9.30 -15.04 -7.78
C PRO C 32 -8.78 -16.21 -6.97
N THR C 33 -9.39 -16.41 -5.81
CA THR C 33 -9.11 -17.54 -4.92
C THR C 33 -10.43 -18.19 -4.52
N LYS C 34 -10.33 -19.34 -3.86
CA LYS C 34 -11.52 -20.02 -3.30
C LYS C 34 -12.21 -19.16 -2.22
N ASP C 35 -11.41 -18.44 -1.44
CA ASP C 35 -11.92 -17.52 -0.42
C ASP C 35 -12.49 -16.22 -1.00
N ASP C 36 -12.03 -15.82 -2.19
CA ASP C 36 -12.47 -14.57 -2.90
C ASP C 36 -12.81 -14.87 -4.35
N PRO C 37 -13.90 -15.64 -4.61
CA PRO C 37 -14.23 -15.96 -6.00
C PRO C 37 -14.67 -14.75 -6.81
N LEU C 38 -14.48 -14.83 -8.12
CA LEU C 38 -14.80 -13.72 -9.00
C LEU C 38 -15.91 -14.14 -9.94
N THR C 39 -16.91 -13.29 -10.06
CA THR C 39 -17.96 -13.50 -11.04
C THR C 39 -17.51 -12.87 -12.36
N VAL C 40 -17.56 -13.66 -13.43
CA VAL C 40 -17.28 -13.16 -14.77
C VAL C 40 -18.49 -13.42 -15.61
N THR C 41 -19.02 -12.37 -16.21
CA THR C 41 -20.19 -12.48 -17.07
C THR C 41 -19.76 -12.43 -18.52
N LEU C 42 -20.29 -13.35 -19.30
CA LEU C 42 -19.86 -13.60 -20.64
C LEU C 42 -21.04 -13.58 -21.60
N GLY C 43 -20.86 -12.94 -22.76
CA GLY C 43 -21.89 -12.91 -23.79
C GLY C 43 -21.28 -12.74 -25.16
N PHE C 44 -21.96 -13.27 -26.17
CA PHE C 44 -21.46 -13.25 -27.54
C PHE C 44 -22.34 -12.45 -28.46
N THR C 45 -21.70 -11.72 -29.35
CA THR C 45 -22.34 -11.01 -30.43
C THR C 45 -21.73 -11.59 -31.70
N LEU C 46 -22.53 -12.37 -32.42
CA LEU C 46 -22.03 -13.10 -33.57
C LEU C 46 -22.13 -12.21 -34.82
N GLN C 47 -20.99 -12.00 -35.48
CA GLN C 47 -20.91 -11.09 -36.61
C GLN C 47 -20.93 -11.79 -37.97
N ASP C 48 -20.29 -12.95 -38.07
CA ASP C 48 -20.19 -13.63 -39.35
C ASP C 48 -19.72 -15.07 -39.20
N ILE C 49 -20.34 -15.97 -39.96
CA ILE C 49 -19.77 -17.28 -40.21
C ILE C 49 -19.07 -17.09 -41.55
N VAL C 50 -17.75 -17.11 -41.50
CA VAL C 50 -16.94 -16.75 -42.67
C VAL C 50 -16.81 -17.94 -43.60
N LYS C 51 -16.59 -19.11 -43.00
CA LYS C 51 -16.18 -20.29 -43.75
C LYS C 51 -16.60 -21.56 -43.03
N ALA C 52 -17.07 -22.53 -43.81
CA ALA C 52 -17.39 -23.85 -43.31
C ALA C 52 -16.70 -24.88 -44.21
N ASP C 53 -15.77 -25.64 -43.63
CA ASP C 53 -14.90 -26.54 -44.38
C ASP C 53 -15.29 -27.97 -44.06
N SER C 54 -15.97 -28.62 -45.00
CA SER C 54 -16.44 -29.99 -44.81
C SER C 54 -15.36 -31.03 -45.07
N SER C 55 -14.21 -30.62 -45.61
CA SER C 55 -13.08 -31.55 -45.78
C SER C 55 -12.30 -31.75 -44.47
N THR C 56 -12.37 -30.79 -43.55
CA THR C 56 -11.70 -30.91 -42.23
C THR C 56 -12.64 -30.81 -41.03
N ASN C 57 -13.91 -30.48 -41.28
CA ASN C 57 -14.88 -30.19 -40.23
C ASN C 57 -14.39 -29.11 -39.26
N GLU C 58 -14.07 -27.97 -39.86
CA GLU C 58 -13.73 -26.75 -39.15
C GLU C 58 -14.64 -25.64 -39.67
N VAL C 59 -15.13 -24.81 -38.76
CA VAL C 59 -15.89 -23.63 -39.11
C VAL C 59 -15.20 -22.40 -38.51
N ASP C 60 -15.24 -21.30 -39.25
CA ASP C 60 -14.64 -20.04 -38.82
C ASP C 60 -15.71 -18.99 -38.53
N LEU C 61 -15.72 -18.51 -37.28
CA LEU C 61 -16.64 -17.46 -36.86
C LEU C 61 -15.88 -16.19 -36.58
N VAL C 62 -16.57 -15.07 -36.80
CA VAL C 62 -16.15 -13.76 -36.31
C VAL C 62 -17.24 -13.30 -35.33
N TYR C 63 -16.81 -12.97 -34.11
CA TYR C 63 -17.74 -12.56 -33.05
C TYR C 63 -17.04 -11.57 -32.12
N TYR C 64 -17.87 -10.85 -31.35
CA TYR C 64 -17.38 -10.03 -30.26
C TYR C 64 -17.68 -10.78 -28.99
N GLU C 65 -16.68 -10.94 -28.14
CA GLU C 65 -16.82 -11.67 -26.90
C GLU C 65 -16.83 -10.68 -25.73
N GLN C 66 -18.01 -10.44 -25.19
CA GLN C 66 -18.18 -9.48 -24.12
C GLN C 66 -17.90 -10.12 -22.77
N GLN C 67 -16.94 -9.55 -22.04
CA GLN C 67 -16.54 -10.04 -20.73
C GLN C 67 -16.65 -8.91 -19.73
N ARG C 68 -17.22 -9.21 -18.57
CA ARG C 68 -17.39 -8.23 -17.52
C ARG C 68 -17.14 -8.85 -16.16
N TRP C 69 -16.40 -8.12 -15.34
CA TRP C 69 -16.17 -8.50 -13.95
C TRP C 69 -15.99 -7.25 -13.13
N LYS C 70 -15.92 -7.42 -11.81
CA LYS C 70 -15.85 -6.28 -10.91
C LYS C 70 -14.86 -6.56 -9.79
N LEU C 71 -14.00 -5.58 -9.53
CA LEU C 71 -12.97 -5.67 -8.50
C LEU C 71 -13.03 -4.49 -7.56
N ASN C 72 -12.94 -4.77 -6.26
CA ASN C 72 -12.85 -3.73 -5.23
C ASN C 72 -11.59 -2.89 -5.39
N SER C 73 -10.49 -3.54 -5.76
CA SER C 73 -9.21 -2.84 -5.97
C SER C 73 -9.22 -1.84 -7.14
N LEU C 74 -10.25 -1.86 -7.99
CA LEU C 74 -10.43 -0.87 -9.06
C LEU C 74 -11.52 0.17 -8.80
N MET C 75 -12.05 0.22 -7.58
CA MET C 75 -13.04 1.23 -7.19
C MET C 75 -12.39 2.55 -6.83
N TRP C 76 -13.08 3.63 -7.13
CA TRP C 76 -12.70 4.95 -6.64
C TRP C 76 -13.93 5.84 -6.52
N ASP C 77 -13.75 6.93 -5.77
CA ASP C 77 -14.77 7.96 -5.61
C ASP C 77 -14.49 9.04 -6.66
N PRO C 78 -15.42 9.25 -7.62
CA PRO C 78 -15.18 10.28 -8.64
C PRO C 78 -14.93 11.69 -8.12
N ASN C 79 -15.48 12.00 -6.93
CA ASN C 79 -15.28 13.31 -6.29
C ASN C 79 -13.82 13.58 -5.89
N GLU C 80 -13.06 12.53 -5.62
CA GLU C 80 -11.63 12.66 -5.32
C GLU C 80 -10.74 12.76 -6.58
N TYR C 81 -11.34 12.69 -7.78
CA TYR C 81 -10.58 12.64 -9.04
C TYR C 81 -11.25 13.46 -10.15
N GLY C 82 -11.67 14.67 -9.81
CA GLY C 82 -12.25 15.60 -10.77
C GLY C 82 -13.47 15.12 -11.52
N ASN C 83 -14.30 14.32 -10.86
CA ASN C 83 -15.53 13.75 -11.46
C ASN C 83 -15.29 12.71 -12.57
N ILE C 84 -14.10 12.13 -12.64
CA ILE C 84 -13.84 11.04 -13.58
C ILE C 84 -14.60 9.79 -13.11
N THR C 85 -15.47 9.29 -13.98
CA THR C 85 -16.31 8.12 -13.69
C THR C 85 -15.83 6.85 -14.38
N ASP C 86 -14.92 6.98 -15.36
CA ASP C 86 -14.40 5.84 -16.10
C ASP C 86 -13.10 6.19 -16.80
N PHE C 87 -12.33 5.18 -17.16
CA PHE C 87 -11.15 5.35 -18.02
C PHE C 87 -10.89 4.10 -18.86
N ARG C 88 -9.88 4.20 -19.72
CA ARG C 88 -9.45 3.11 -20.57
C ARG C 88 -8.06 2.67 -20.20
N THR C 89 -7.81 1.38 -20.32
CA THR C 89 -6.49 0.83 -20.06
C THR C 89 -6.22 -0.32 -21.00
N SER C 90 -4.95 -0.47 -21.33
CA SER C 90 -4.52 -1.62 -22.09
C SER C 90 -4.87 -2.89 -21.29
N ALA C 91 -5.37 -3.90 -21.98
CA ALA C 91 -5.71 -5.18 -21.36
C ALA C 91 -4.50 -5.89 -20.74
N ALA C 92 -3.31 -5.61 -21.25
CA ALA C 92 -2.07 -6.13 -20.68
C ALA C 92 -1.74 -5.58 -19.29
N ASP C 93 -2.26 -4.40 -18.94
CA ASP C 93 -1.95 -3.75 -17.66
C ASP C 93 -2.89 -4.10 -16.49
N ILE C 94 -3.90 -4.92 -16.77
CA ILE C 94 -4.80 -5.41 -15.73
C ILE C 94 -4.88 -6.91 -15.83
N TRP C 95 -5.35 -7.52 -14.76
CA TRP C 95 -5.73 -8.92 -14.80
C TRP C 95 -6.93 -9.08 -15.73
N THR C 96 -6.93 -10.14 -16.52
CA THR C 96 -8.09 -10.51 -17.34
C THR C 96 -8.33 -12.00 -17.21
N PRO C 97 -9.59 -12.43 -17.37
CA PRO C 97 -9.89 -13.85 -17.18
C PRO C 97 -9.38 -14.69 -18.33
N ASP C 98 -8.97 -15.91 -18.03
CA ASP C 98 -8.43 -16.85 -19.01
C ASP C 98 -9.52 -17.66 -19.74
N ILE C 99 -10.53 -16.97 -20.24
CA ILE C 99 -11.65 -17.63 -20.90
C ILE C 99 -11.15 -18.14 -22.24
N THR C 100 -11.45 -19.40 -22.54
CA THR C 100 -10.92 -20.07 -23.72
C THR C 100 -11.97 -20.95 -24.38
N ALA C 101 -11.93 -21.00 -25.71
CA ALA C 101 -12.70 -21.97 -26.46
C ALA C 101 -12.08 -23.34 -26.21
N TYR C 102 -12.88 -24.34 -25.87
CA TYR C 102 -12.36 -25.66 -25.56
C TYR C 102 -12.13 -26.55 -26.79
N SER C 103 -12.69 -26.20 -27.93
CA SER C 103 -12.58 -27.02 -29.13
C SER C 103 -12.16 -26.20 -30.35
N SER C 104 -11.32 -25.19 -30.12
CA SER C 104 -10.67 -24.48 -31.21
C SER C 104 -9.68 -25.43 -31.91
N THR C 105 -9.44 -25.15 -33.19
CA THR C 105 -8.45 -25.89 -33.99
C THR C 105 -7.26 -25.03 -34.45
N ARG C 106 -7.31 -23.71 -34.21
CA ARG C 106 -6.21 -22.78 -34.50
CA ARG C 106 -6.21 -22.79 -34.50
C ARG C 106 -6.22 -21.69 -33.43
N PRO C 107 -5.06 -21.05 -33.19
CA PRO C 107 -5.11 -19.94 -32.23
C PRO C 107 -6.11 -18.87 -32.64
N VAL C 108 -6.82 -18.32 -31.66
CA VAL C 108 -7.81 -17.28 -31.94
C VAL C 108 -7.06 -16.05 -32.47
N GLN C 109 -7.65 -15.38 -33.44
CA GLN C 109 -7.07 -14.15 -33.98
C GLN C 109 -7.88 -12.98 -33.46
N VAL C 110 -7.18 -12.04 -32.85
CA VAL C 110 -7.80 -10.85 -32.29
C VAL C 110 -7.91 -9.76 -33.35
N LEU C 111 -9.09 -9.14 -33.45
CA LEU C 111 -9.39 -8.15 -34.50
C LEU C 111 -9.54 -6.71 -33.99
N SER C 112 -9.54 -6.52 -32.67
CA SER C 112 -9.79 -5.23 -32.07
C SER C 112 -8.64 -4.85 -31.16
N PRO C 113 -8.46 -3.55 -30.88
CA PRO C 113 -7.40 -3.12 -29.96
C PRO C 113 -7.69 -3.66 -28.57
N GLN C 114 -6.64 -4.12 -27.89
CA GLN C 114 -6.84 -4.81 -26.64
C GLN C 114 -6.93 -3.81 -25.50
N ILE C 115 -8.10 -3.16 -25.42
CA ILE C 115 -8.34 -2.08 -24.47
C ILE C 115 -9.61 -2.37 -23.68
N ALA C 116 -9.51 -2.22 -22.36
CA ALA C 116 -10.64 -2.43 -21.46
C ALA C 116 -11.15 -1.11 -20.91
N VAL C 117 -12.42 -1.11 -20.51
CA VAL C 117 -13.10 0.04 -19.93
C VAL C 117 -13.26 -0.23 -18.43
N VAL C 118 -12.77 0.68 -17.60
CA VAL C 118 -12.89 0.56 -16.16
C VAL C 118 -13.78 1.69 -15.67
N THR C 119 -14.83 1.33 -14.91
CA THR C 119 -15.78 2.29 -14.30
C THR C 119 -15.52 2.38 -12.78
N HIS C 120 -15.90 3.52 -12.20
CA HIS C 120 -15.58 3.88 -10.79
C HIS C 120 -16.13 2.92 -9.72
N ASP C 121 -17.17 2.16 -10.06
CA ASP C 121 -17.64 1.04 -9.24
C ASP C 121 -16.70 -0.20 -9.27
N GLY C 122 -15.60 -0.13 -10.02
CA GLY C 122 -14.64 -1.23 -10.09
C GLY C 122 -14.95 -2.25 -11.15
N SER C 123 -15.99 -2.01 -11.95
CA SER C 123 -16.35 -2.94 -12.99
C SER C 123 -15.50 -2.70 -14.24
N VAL C 124 -15.15 -3.80 -14.88
CA VAL C 124 -14.29 -3.81 -16.03
C VAL C 124 -15.09 -4.43 -17.16
N MET C 125 -15.03 -3.81 -18.32
CA MET C 125 -15.66 -4.32 -19.51
C MET C 125 -14.57 -4.50 -20.56
N PHE C 126 -14.50 -5.71 -21.11
CA PHE C 126 -13.48 -6.07 -22.09
C PHE C 126 -14.17 -6.84 -23.20
N ILE C 127 -14.07 -6.34 -24.43
CA ILE C 127 -14.82 -6.89 -25.55
C ILE C 127 -13.91 -7.13 -26.78
N PRO C 128 -13.11 -8.23 -26.73
CA PRO C 128 -12.29 -8.52 -27.91
C PRO C 128 -13.13 -9.04 -29.07
N ALA C 129 -12.95 -8.43 -30.23
CA ALA C 129 -13.42 -9.02 -31.48
C ALA C 129 -12.44 -10.10 -31.93
N GLN C 130 -12.96 -11.24 -32.35
CA GLN C 130 -12.14 -12.42 -32.59
C GLN C 130 -12.59 -13.20 -33.80
N ARG C 131 -11.63 -13.81 -34.49
CA ARG C 131 -11.89 -14.87 -35.44
C ARG C 131 -11.42 -16.19 -34.85
N LEU C 132 -12.32 -17.17 -34.87
CA LEU C 132 -12.09 -18.48 -34.27
C LEU C 132 -12.39 -19.59 -35.27
N SER C 133 -11.45 -20.52 -35.43
CA SER C 133 -11.70 -21.79 -36.10
C SER C 133 -11.97 -22.84 -35.03
N PHE C 134 -13.06 -23.58 -35.17
CA PHE C 134 -13.41 -24.63 -34.19
C PHE C 134 -14.03 -25.85 -34.87
N MET C 135 -14.10 -26.92 -34.09
CA MET C 135 -14.52 -28.23 -34.61
C MET C 135 -16.01 -28.22 -34.86
N CYS C 136 -16.39 -28.48 -36.10
CA CYS C 136 -17.78 -28.37 -36.51
C CYS C 136 -18.01 -29.13 -37.81
N ASP C 137 -18.98 -30.05 -37.80
CA ASP C 137 -19.40 -30.79 -38.98
C ASP C 137 -20.50 -30.00 -39.65
N PRO C 138 -20.23 -29.41 -40.83
CA PRO C 138 -21.26 -28.62 -41.49
C PRO C 138 -22.27 -29.41 -42.36
N THR C 139 -22.31 -30.74 -42.22
CA THR C 139 -23.30 -31.56 -42.94
C THR C 139 -24.71 -31.02 -42.70
N GLY C 140 -25.47 -30.90 -43.78
CA GLY C 140 -26.82 -30.34 -43.74
C GLY C 140 -26.90 -28.84 -43.96
N VAL C 141 -25.75 -28.18 -44.12
CA VAL C 141 -25.70 -26.72 -44.31
C VAL C 141 -26.35 -26.28 -45.63
N ASP C 142 -26.30 -27.16 -46.63
CA ASP C 142 -26.95 -26.95 -47.92
C ASP C 142 -28.40 -27.50 -47.97
N SER C 143 -29.10 -27.48 -46.84
CA SER C 143 -30.50 -27.91 -46.75
C SER C 143 -31.30 -26.91 -45.90
N GLU C 144 -32.63 -27.04 -45.93
CA GLU C 144 -33.57 -26.18 -45.17
C GLU C 144 -33.35 -26.27 -43.66
N GLU C 145 -33.11 -27.48 -43.17
CA GLU C 145 -32.90 -27.72 -41.73
C GLU C 145 -31.56 -27.16 -41.23
N GLY C 146 -30.55 -27.10 -42.11
CA GLY C 146 -29.25 -26.49 -41.78
C GLY C 146 -28.35 -27.41 -40.98
N ALA C 147 -27.18 -26.89 -40.63
CA ALA C 147 -26.22 -27.60 -39.80
C ALA C 147 -26.28 -27.04 -38.40
N THR C 148 -25.86 -27.83 -37.43
CA THR C 148 -25.79 -27.41 -36.03
C THR C 148 -24.40 -27.66 -35.52
N CYS C 149 -23.80 -26.64 -34.91
CA CYS C 149 -22.50 -26.80 -34.26
C CYS C 149 -22.45 -26.11 -32.93
N ALA C 150 -21.50 -26.55 -32.12
CA ALA C 150 -21.39 -26.12 -30.75
C ALA C 150 -19.93 -25.98 -30.35
N VAL C 151 -19.66 -25.01 -29.48
CA VAL C 151 -18.34 -24.83 -28.88
C VAL C 151 -18.48 -24.26 -27.48
N LYS C 152 -17.73 -24.84 -26.54
CA LYS C 152 -17.76 -24.42 -25.17
C LYS C 152 -16.66 -23.45 -24.87
N PHE C 153 -16.99 -22.48 -24.01
CA PHE C 153 -16.05 -21.49 -23.51
C PHE C 153 -15.98 -21.57 -22.01
N GLY C 154 -14.78 -21.47 -21.46
CA GLY C 154 -14.61 -21.44 -20.03
C GLY C 154 -13.20 -21.13 -19.64
N SER C 155 -12.99 -20.94 -18.33
CA SER C 155 -11.66 -20.75 -17.79
C SER C 155 -10.84 -21.99 -18.05
N TRP C 156 -9.57 -21.82 -18.35
CA TRP C 156 -8.68 -22.95 -18.56
C TRP C 156 -8.19 -23.54 -17.24
N VAL C 157 -7.97 -22.69 -16.24
CA VAL C 157 -7.31 -23.11 -14.99
C VAL C 157 -8.08 -22.84 -13.69
N TYR C 158 -9.29 -22.31 -13.77
CA TYR C 158 -10.07 -22.00 -12.56
C TYR C 158 -11.38 -22.74 -12.55
N SER C 159 -11.68 -23.36 -11.41
CA SER C 159 -12.96 -24.01 -11.18
C SER C 159 -14.07 -22.99 -10.94
N GLY C 160 -15.28 -23.50 -10.84
CA GLY C 160 -16.44 -22.73 -10.45
C GLY C 160 -16.38 -22.07 -9.07
N PHE C 161 -15.54 -22.59 -8.17
CA PHE C 161 -15.29 -21.97 -6.86
C PHE C 161 -14.29 -20.82 -6.91
N GLU C 162 -13.73 -20.53 -8.08
CA GLU C 162 -12.73 -19.47 -8.24
C GLU C 162 -13.20 -18.43 -9.25
N ILE C 163 -13.65 -18.88 -10.42
CA ILE C 163 -14.35 -18.02 -11.36
C ILE C 163 -15.77 -18.54 -11.56
N ASP C 164 -16.73 -17.76 -11.11
CA ASP C 164 -18.13 -18.08 -11.31
C ASP C 164 -18.53 -17.46 -12.62
N LEU C 165 -18.61 -18.30 -13.64
CA LEU C 165 -18.89 -17.85 -14.97
C LEU C 165 -20.41 -17.77 -15.15
N LYS C 166 -20.90 -16.62 -15.62
CA LYS C 166 -22.34 -16.38 -15.84
C LYS C 166 -22.64 -15.79 -17.22
N THR C 167 -23.91 -15.85 -17.60
CA THR C 167 -24.44 -15.11 -18.75
C THR C 167 -25.56 -14.20 -18.27
N ASP C 168 -25.85 -13.14 -19.04
CA ASP C 168 -27.01 -12.25 -18.79
C ASP C 168 -28.24 -12.75 -19.54
N THR C 169 -28.01 -13.48 -20.62
CA THR C 169 -29.08 -14.01 -21.44
C THR C 169 -28.54 -15.25 -22.10
N ASP C 170 -29.44 -16.13 -22.51
CA ASP C 170 -29.05 -17.30 -23.27
C ASP C 170 -29.21 -17.09 -24.78
N GLN C 171 -29.63 -15.88 -25.19
CA GLN C 171 -29.72 -15.54 -26.61
C GLN C 171 -28.44 -14.85 -27.08
N VAL C 172 -27.79 -15.42 -28.08
CA VAL C 172 -26.66 -14.77 -28.73
C VAL C 172 -27.19 -13.51 -29.43
N ASP C 173 -26.44 -12.42 -29.34
CA ASP C 173 -26.86 -11.18 -29.99
C ASP C 173 -26.56 -11.29 -31.49
N LEU C 174 -27.61 -11.28 -32.31
CA LEU C 174 -27.50 -11.39 -33.77
C LEU C 174 -27.81 -10.09 -34.49
N SER C 175 -27.96 -8.99 -33.75
CA SER C 175 -28.39 -7.72 -34.32
C SER C 175 -27.33 -7.06 -35.23
N SER C 176 -26.07 -7.47 -35.11
CA SER C 176 -24.98 -7.04 -36.00
C SER C 176 -24.53 -8.14 -36.97
N TYR C 177 -25.29 -9.22 -37.10
CA TYR C 177 -24.84 -10.31 -37.97
C TYR C 177 -24.80 -9.79 -39.40
N TYR C 178 -23.74 -10.13 -40.13
CA TYR C 178 -23.52 -9.65 -41.49
C TYR C 178 -24.60 -10.12 -42.44
N ALA C 179 -25.38 -9.17 -42.96
CA ALA C 179 -26.57 -9.47 -43.76
C ALA C 179 -26.27 -10.14 -45.09
N SER C 180 -25.05 -10.05 -45.62
CA SER C 180 -24.69 -10.73 -46.87
C SER C 180 -23.66 -11.85 -46.66
N SER C 181 -23.61 -12.41 -45.46
CA SER C 181 -22.82 -13.61 -45.20
C SER C 181 -23.20 -14.73 -46.16
N LYS C 182 -22.27 -15.66 -46.38
CA LYS C 182 -22.59 -16.90 -47.11
C LYS C 182 -23.57 -17.77 -46.34
N TYR C 183 -23.60 -17.62 -45.02
CA TYR C 183 -24.43 -18.42 -44.15
C TYR C 183 -25.40 -17.54 -43.40
N GLU C 184 -26.68 -17.94 -43.39
CA GLU C 184 -27.68 -17.27 -42.56
C GLU C 184 -27.84 -18.09 -41.26
N ILE C 185 -28.09 -17.38 -40.17
CA ILE C 185 -28.26 -17.96 -38.84
C ILE C 185 -29.73 -18.27 -38.58
N LEU C 186 -30.02 -19.53 -38.29
CA LEU C 186 -31.36 -19.98 -37.88
C LEU C 186 -31.55 -19.78 -36.39
N SER C 187 -30.52 -20.07 -35.61
CA SER C 187 -30.53 -19.74 -34.18
C SER C 187 -29.13 -19.81 -33.59
N ALA C 188 -28.97 -19.11 -32.49
CA ALA C 188 -27.70 -19.03 -31.81
C ALA C 188 -27.97 -18.81 -30.34
N THR C 189 -27.57 -19.78 -29.51
CA THR C 189 -27.77 -19.73 -28.07
C THR C 189 -26.45 -19.89 -27.31
N GLN C 190 -26.43 -19.35 -26.10
CA GLN C 190 -25.27 -19.39 -25.20
C GLN C 190 -25.76 -19.82 -23.82
N THR C 191 -25.44 -21.05 -23.44
CA THR C 191 -26.03 -21.70 -22.25
C THR C 191 -24.97 -22.04 -21.23
N ARG C 192 -25.12 -21.50 -20.03
CA ARG C 192 -24.25 -21.82 -18.91
C ARG C 192 -24.50 -23.28 -18.52
N GLN C 193 -23.43 -24.05 -18.39
CA GLN C 193 -23.51 -25.45 -17.96
C GLN C 193 -22.54 -25.71 -16.79
N VAL C 194 -22.97 -26.55 -15.87
CA VAL C 194 -22.18 -26.94 -14.71
C VAL C 194 -21.78 -28.40 -14.89
N GLN C 195 -20.50 -28.70 -14.67
CA GLN C 195 -19.93 -30.04 -14.91
C GLN C 195 -19.11 -30.52 -13.70
N HIS C 196 -19.20 -31.82 -13.43
CA HIS C 196 -18.36 -32.44 -12.40
C HIS C 196 -17.37 -33.45 -12.99
N TYR C 197 -16.20 -33.51 -12.37
CA TYR C 197 -15.17 -34.50 -12.64
C TYR C 197 -15.05 -35.43 -11.46
N SER C 198 -14.93 -36.72 -11.72
CA SER C 198 -15.00 -37.75 -10.65
C SER C 198 -13.91 -37.63 -9.59
N CYS C 199 -12.79 -37.01 -9.92
CA CYS C 199 -11.71 -36.76 -8.98
C CYS C 199 -12.08 -35.81 -7.83
N CYS C 200 -13.03 -34.90 -8.07
CA CYS C 200 -13.05 -33.61 -7.41
C CYS C 200 -14.47 -33.15 -7.10
N PRO C 201 -14.69 -32.55 -5.91
CA PRO C 201 -16.07 -32.11 -5.56
C PRO C 201 -16.49 -30.80 -6.20
N GLU C 202 -15.54 -29.93 -6.52
CA GLU C 202 -15.85 -28.63 -7.11
C GLU C 202 -16.56 -28.70 -8.46
N PRO C 203 -17.43 -27.72 -8.74
CA PRO C 203 -18.05 -27.60 -10.05
C PRO C 203 -17.17 -26.88 -11.06
N TYR C 204 -17.32 -27.26 -12.33
CA TYR C 204 -16.64 -26.62 -13.44
C TYR C 204 -17.69 -26.05 -14.37
N ILE C 205 -17.48 -24.79 -14.77
CA ILE C 205 -18.50 -24.04 -15.48
C ILE C 205 -18.01 -23.76 -16.90
N ASP C 206 -18.92 -23.90 -17.87
CA ASP C 206 -18.67 -23.42 -19.21
C ASP C 206 -19.91 -22.77 -19.79
N VAL C 207 -19.72 -22.04 -20.88
CA VAL C 207 -20.82 -21.48 -21.66
C VAL C 207 -20.77 -22.15 -23.01
N ASN C 208 -21.86 -22.83 -23.35
CA ASN C 208 -21.96 -23.57 -24.58
C ASN C 208 -22.62 -22.72 -25.65
N LEU C 209 -21.86 -22.41 -26.68
CA LEU C 209 -22.37 -21.62 -27.81
C LEU C 209 -22.85 -22.60 -28.87
N VAL C 210 -24.16 -22.62 -29.13
CA VAL C 210 -24.76 -23.52 -30.13
C VAL C 210 -25.31 -22.67 -31.27
N VAL C 211 -24.83 -22.93 -32.48
CA VAL C 211 -25.22 -22.15 -33.65
C VAL C 211 -25.81 -23.10 -34.68
N LYS C 212 -27.01 -22.74 -35.16
CA LYS C 212 -27.68 -23.42 -36.26
C LYS C 212 -27.70 -22.49 -37.47
N PHE C 213 -27.26 -23.00 -38.61
CA PHE C 213 -27.01 -22.15 -39.76
C PHE C 213 -27.13 -22.93 -41.06
N ARG C 214 -27.35 -22.19 -42.14
CA ARG C 214 -27.39 -22.79 -43.46
C ARG C 214 -26.92 -21.82 -44.52
N GLU C 215 -26.59 -22.36 -45.69
CA GLU C 215 -26.23 -21.54 -46.86
C GLU C 215 -27.39 -20.63 -47.21
N ARG C 216 -27.06 -19.37 -47.46
CA ARG C 216 -28.05 -18.38 -47.82
C ARG C 216 -28.56 -18.58 -49.24
N ARG C 217 -29.86 -18.35 -49.44
CA ARG C 217 -30.42 -18.11 -50.78
C ARG C 217 -31.38 -16.92 -50.70
N SER D 11 22.59 20.56 -33.70
CA SER D 11 21.19 20.19 -34.10
C SER D 11 20.77 18.81 -33.56
N GLN D 12 21.70 17.87 -33.58
CA GLN D 12 21.46 16.55 -33.03
C GLN D 12 21.26 16.54 -31.48
N ALA D 13 22.06 17.33 -30.77
CA ALA D 13 21.91 17.51 -29.32
C ALA D 13 20.57 18.14 -28.94
N ASN D 14 20.14 19.12 -29.73
CA ASN D 14 18.83 19.76 -29.54
C ASN D 14 17.66 18.80 -29.76
N LEU D 15 17.75 17.97 -30.80
CA LEU D 15 16.70 16.96 -31.06
C LEU D 15 16.59 15.97 -29.91
N MET D 16 17.72 15.48 -29.43
CA MET D 16 17.75 14.54 -28.29
C MET D 16 17.21 15.17 -27.01
N ARG D 17 17.58 16.43 -26.76
CA ARG D 17 17.07 17.16 -25.61
C ARG D 17 15.55 17.37 -25.70
N LEU D 18 15.06 17.73 -26.89
CA LEU D 18 13.62 17.90 -27.12
C LEU D 18 12.85 16.62 -26.84
N LYS D 19 13.30 15.53 -27.43
CA LYS D 19 12.66 14.23 -27.24
C LYS D 19 12.70 13.80 -25.77
N SER D 20 13.85 13.97 -25.13
CA SER D 20 13.98 13.72 -23.69
C SER D 20 12.99 14.57 -22.89
N ASP D 21 12.90 15.86 -23.22
CA ASP D 21 11.96 16.75 -22.52
C ASP D 21 10.50 16.33 -22.66
N LEU D 22 10.09 15.91 -23.86
CA LEU D 22 8.70 15.51 -24.12
C LEU D 22 8.37 14.11 -23.59
N PHE D 23 9.31 13.17 -23.72
CA PHE D 23 9.04 11.75 -23.44
C PHE D 23 9.48 11.26 -22.04
N ASN D 24 10.54 11.83 -21.49
CA ASN D 24 11.14 11.36 -20.23
C ASN D 24 10.91 12.29 -19.05
N ARG D 25 11.04 13.59 -19.26
CA ARG D 25 10.83 14.58 -18.22
C ARG D 25 9.36 15.01 -18.02
N SER D 26 8.52 14.77 -19.02
CA SER D 26 7.11 15.12 -18.93
C SER D 26 6.26 13.86 -18.77
N PRO D 27 5.16 13.97 -18.00
CA PRO D 27 4.17 12.89 -18.02
C PRO D 27 3.48 12.86 -19.38
N MET D 28 3.16 11.67 -19.86
CA MET D 28 2.65 11.53 -21.21
C MET D 28 1.12 11.32 -21.27
N TYR D 29 0.57 11.76 -22.39
CA TYR D 29 -0.87 11.77 -22.65
C TYR D 29 -1.56 10.44 -22.28
N PRO D 30 -2.48 10.47 -21.29
CA PRO D 30 -3.20 9.27 -20.87
C PRO D 30 -4.41 8.91 -21.74
N GLY D 31 -4.70 9.72 -22.76
CA GLY D 31 -5.88 9.53 -23.59
C GLY D 31 -6.88 10.63 -23.33
N PRO D 32 -7.89 10.73 -24.19
CA PRO D 32 -8.90 11.78 -24.04
C PRO D 32 -9.92 11.48 -22.95
N THR D 33 -10.59 12.54 -22.51
CA THR D 33 -11.68 12.46 -21.53
C THR D 33 -12.88 13.26 -22.05
N LYS D 34 -14.00 13.13 -21.35
CA LYS D 34 -15.20 13.91 -21.67
C LYS D 34 -14.96 15.42 -21.49
N ASP D 35 -14.18 15.76 -20.48
CA ASP D 35 -13.80 17.16 -20.22
C ASP D 35 -12.78 17.70 -21.21
N ASP D 36 -12.00 16.80 -21.82
CA ASP D 36 -10.93 17.16 -22.74
C ASP D 36 -10.94 16.26 -23.99
N PRO D 37 -11.98 16.41 -24.84
CA PRO D 37 -12.11 15.55 -26.01
C PRO D 37 -11.04 15.82 -27.05
N LEU D 38 -10.74 14.80 -27.85
CA LEU D 38 -9.69 14.89 -28.85
C LEU D 38 -10.30 14.77 -30.22
N THR D 39 -9.93 15.68 -31.11
CA THR D 39 -10.32 15.58 -32.50
C THR D 39 -9.29 14.72 -33.23
N VAL D 40 -9.77 13.69 -33.93
CA VAL D 40 -8.94 12.86 -34.76
C VAL D 40 -9.50 12.93 -36.16
N THR D 41 -8.65 13.32 -37.11
CA THR D 41 -9.04 13.42 -38.50
C THR D 41 -8.49 12.24 -39.26
N LEU D 42 -9.36 11.65 -40.07
CA LEU D 42 -9.11 10.37 -40.69
C LEU D 42 -9.38 10.47 -42.19
N GLY D 43 -8.50 9.89 -42.98
CA GLY D 43 -8.69 9.83 -44.43
C GLY D 43 -7.99 8.65 -45.03
N PHE D 44 -8.53 8.15 -46.13
CA PHE D 44 -8.01 6.96 -46.78
C PHE D 44 -7.48 7.26 -48.15
N THR D 45 -6.36 6.61 -48.46
CA THR D 45 -5.78 6.60 -49.78
C THR D 45 -5.78 5.13 -50.18
N LEU D 46 -6.64 4.79 -51.13
CA LEU D 46 -6.82 3.41 -51.54
C LEU D 46 -5.81 3.06 -52.62
N GLN D 47 -5.02 2.02 -52.37
CA GLN D 47 -3.92 1.65 -53.27
C GLN D 47 -4.26 0.46 -54.16
N ASP D 48 -5.00 -0.51 -53.65
CA ASP D 48 -5.28 -1.72 -54.40
C ASP D 48 -6.39 -2.54 -53.76
N ILE D 49 -7.28 -3.07 -54.60
CA ILE D 49 -8.12 -4.17 -54.22
C ILE D 49 -7.37 -5.38 -54.73
N VAL D 50 -6.83 -6.17 -53.80
CA VAL D 50 -5.93 -7.26 -54.16
C VAL D 50 -6.72 -8.49 -54.56
N LYS D 51 -7.79 -8.76 -53.81
CA LYS D 51 -8.48 -10.03 -53.90
C LYS D 51 -9.94 -9.88 -53.49
N ALA D 52 -10.82 -10.54 -54.23
CA ALA D 52 -12.24 -10.63 -53.90
C ALA D 52 -12.64 -12.09 -53.93
N ASP D 53 -13.04 -12.63 -52.77
CA ASP D 53 -13.29 -14.05 -52.59
C ASP D 53 -14.79 -14.27 -52.40
N SER D 54 -15.44 -14.76 -53.45
CA SER D 54 -16.88 -14.98 -53.45
C SER D 54 -17.28 -16.28 -52.75
N SER D 55 -16.31 -17.15 -52.44
CA SER D 55 -16.61 -18.37 -51.67
C SER D 55 -16.73 -18.08 -50.16
N THR D 56 -16.12 -16.99 -49.69
CA THR D 56 -16.23 -16.59 -48.26
C THR D 56 -16.81 -15.18 -48.04
N ASN D 57 -17.01 -14.43 -49.12
CA ASN D 57 -17.41 -13.02 -49.05
C ASN D 57 -16.49 -12.20 -48.16
N GLU D 58 -15.21 -12.28 -48.53
CA GLU D 58 -14.15 -11.44 -47.99
C GLU D 58 -13.45 -10.72 -49.14
N VAL D 59 -13.12 -9.46 -48.93
CA VAL D 59 -12.32 -8.68 -49.88
C VAL D 59 -11.10 -8.14 -49.17
N ASP D 60 -9.98 -8.10 -49.89
CA ASP D 60 -8.72 -7.63 -49.35
C ASP D 60 -8.31 -6.32 -50.01
N LEU D 61 -8.16 -5.27 -49.20
CA LEU D 61 -7.70 -3.96 -49.65
C LEU D 61 -6.32 -3.66 -49.12
N VAL D 62 -5.57 -2.89 -49.89
CA VAL D 62 -4.37 -2.24 -49.44
C VAL D 62 -4.62 -0.74 -49.52
N TYR D 63 -4.41 -0.05 -48.41
CA TYR D 63 -4.63 1.39 -48.34
C TYR D 63 -3.67 2.03 -47.34
N TYR D 64 -3.54 3.35 -47.44
CA TYR D 64 -2.86 4.15 -46.43
C TYR D 64 -3.94 4.83 -45.61
N GLU D 65 -3.83 4.72 -44.30
CA GLU D 65 -4.82 5.27 -43.40
C GLU D 65 -4.20 6.49 -42.71
N GLN D 66 -4.60 7.67 -43.14
CA GLN D 66 -4.04 8.90 -42.61
C GLN D 66 -4.78 9.34 -41.34
N GLN D 67 -4.04 9.48 -40.25
CA GLN D 67 -4.58 9.88 -38.97
C GLN D 67 -3.85 11.11 -38.47
N ARG D 68 -4.61 12.07 -37.99
CA ARG D 68 -4.03 13.31 -37.48
C ARG D 68 -4.76 13.77 -36.23
N TRP D 69 -3.99 14.19 -35.24
CA TRP D 69 -4.53 14.79 -34.04
C TRP D 69 -3.52 15.77 -33.47
N LYS D 70 -3.93 16.53 -32.46
CA LYS D 70 -3.09 17.56 -31.89
C LYS D 70 -3.17 17.54 -30.36
N LEU D 71 -2.00 17.63 -29.71
CA LEU D 71 -1.89 17.62 -28.25
C LEU D 71 -1.04 18.79 -27.76
N ASN D 72 -1.55 19.45 -26.71
CA ASN D 72 -0.82 20.52 -26.03
C ASN D 72 0.47 20.02 -25.41
N SER D 73 0.44 18.80 -24.87
CA SER D 73 1.63 18.18 -24.26
C SER D 73 2.77 17.88 -25.25
N LEU D 74 2.50 17.96 -26.55
CA LEU D 74 3.53 17.79 -27.59
C LEU D 74 3.97 19.10 -28.27
N MET D 75 3.52 20.24 -27.72
CA MET D 75 3.94 21.54 -28.24
C MET D 75 5.31 21.94 -27.72
N TRP D 76 6.06 22.66 -28.55
CA TRP D 76 7.27 23.33 -28.11
C TRP D 76 7.53 24.57 -28.96
N ASP D 77 8.41 25.42 -28.44
CA ASP D 77 8.87 26.62 -29.12
C ASP D 77 10.16 26.24 -29.85
N PRO D 78 10.17 26.29 -31.20
CA PRO D 78 11.39 25.94 -31.93
C PRO D 78 12.64 26.75 -31.56
N ASN D 79 12.44 27.99 -31.11
CA ASN D 79 13.55 28.86 -30.67
C ASN D 79 14.31 28.33 -29.46
N GLU D 80 13.64 27.55 -28.62
CA GLU D 80 14.28 26.92 -27.46
C GLU D 80 14.98 25.60 -27.80
N TYR D 81 14.93 25.17 -29.07
CA TYR D 81 15.47 23.86 -29.49
C TYR D 81 16.15 23.92 -30.86
N GLY D 82 16.98 24.96 -31.05
CA GLY D 82 17.79 25.11 -32.27
C GLY D 82 16.99 25.16 -33.56
N ASN D 83 15.80 25.74 -33.52
CA ASN D 83 14.92 25.87 -34.70
C ASN D 83 14.33 24.55 -35.22
N ILE D 84 14.32 23.50 -34.39
CA ILE D 84 13.66 22.26 -34.76
C ILE D 84 12.15 22.48 -34.77
N THR D 85 11.53 22.23 -35.91
CA THR D 85 10.10 22.42 -36.09
C THR D 85 9.31 21.11 -36.11
N ASP D 86 10.00 19.97 -36.23
CA ASP D 86 9.36 18.66 -36.29
C ASP D 86 10.36 17.55 -35.97
N PHE D 87 9.85 16.39 -35.58
CA PHE D 87 10.67 15.17 -35.43
C PHE D 87 9.84 13.92 -35.67
N ARG D 88 10.53 12.78 -35.65
CA ARG D 88 9.92 11.49 -35.85
C ARG D 88 10.03 10.68 -34.59
N THR D 89 9.00 9.88 -34.34
CA THR D 89 9.00 8.99 -33.19
C THR D 89 8.31 7.70 -33.54
N SER D 90 8.77 6.63 -32.90
CA SER D 90 8.10 5.35 -32.99
C SER D 90 6.67 5.53 -32.46
N ALA D 91 5.70 4.94 -33.17
CA ALA D 91 4.29 5.00 -32.76
C ALA D 91 4.03 4.34 -31.41
N ALA D 92 4.88 3.40 -31.02
CA ALA D 92 4.81 2.78 -29.70
C ALA D 92 5.12 3.74 -28.54
N ASP D 93 5.88 4.81 -28.80
CA ASP D 93 6.32 5.75 -27.75
C ASP D 93 5.37 6.92 -27.50
N ILE D 94 4.29 6.99 -28.26
CA ILE D 94 3.26 8.00 -28.03
C ILE D 94 1.90 7.32 -27.96
N TRP D 95 0.93 8.04 -27.44
CA TRP D 95 -0.45 7.63 -27.51
C TRP D 95 -0.88 7.69 -28.99
N THR D 96 -1.65 6.69 -29.43
CA THR D 96 -2.28 6.73 -30.73
C THR D 96 -3.74 6.31 -30.60
N PRO D 97 -4.58 6.77 -31.52
CA PRO D 97 -6.00 6.48 -31.38
C PRO D 97 -6.31 5.03 -31.76
N ASP D 98 -7.30 4.44 -31.09
CA ASP D 98 -7.69 3.04 -31.29
C ASP D 98 -8.70 2.88 -32.43
N ILE D 99 -8.39 3.48 -33.58
CA ILE D 99 -9.28 3.42 -34.73
C ILE D 99 -9.23 2.02 -35.31
N THR D 100 -10.40 1.44 -35.56
CA THR D 100 -10.51 0.03 -35.94
C THR D 100 -11.56 -0.15 -37.00
N ALA D 101 -11.30 -1.08 -37.92
CA ALA D 101 -12.32 -1.55 -38.85
C ALA D 101 -13.31 -2.39 -38.06
N TYR D 102 -14.59 -2.13 -38.22
CA TYR D 102 -15.63 -2.82 -37.45
C TYR D 102 -16.05 -4.16 -38.04
N SER D 103 -15.70 -4.44 -39.30
CA SER D 103 -16.12 -5.67 -39.94
C SER D 103 -14.95 -6.38 -40.64
N SER D 104 -13.77 -6.28 -40.04
CA SER D 104 -12.63 -7.05 -40.52
C SER D 104 -12.87 -8.54 -40.22
N THR D 105 -12.23 -9.40 -41.00
CA THR D 105 -12.29 -10.85 -40.80
C THR D 105 -10.94 -11.49 -40.46
N ARG D 106 -9.87 -10.71 -40.52
CA ARG D 106 -8.53 -11.15 -40.11
CA ARG D 106 -8.54 -11.16 -40.12
C ARG D 106 -7.82 -9.96 -39.50
N PRO D 107 -6.80 -10.22 -38.63
CA PRO D 107 -6.04 -9.06 -38.12
C PRO D 107 -5.42 -8.24 -39.25
N VAL D 108 -5.44 -6.91 -39.11
CA VAL D 108 -4.88 -6.05 -40.13
C VAL D 108 -3.39 -6.31 -40.20
N GLN D 109 -2.83 -6.27 -41.39
CA GLN D 109 -1.40 -6.43 -41.57
C GLN D 109 -0.82 -5.07 -41.90
N VAL D 110 0.18 -4.67 -41.13
CA VAL D 110 0.83 -3.38 -41.31
C VAL D 110 1.97 -3.53 -42.31
N LEU D 111 2.05 -2.59 -43.25
CA LEU D 111 3.03 -2.66 -44.34
C LEU D 111 4.12 -1.59 -44.28
N SER D 112 4.00 -0.63 -43.37
CA SER D 112 4.90 0.50 -43.28
C SER D 112 5.52 0.56 -41.89
N PRO D 113 6.67 1.24 -41.75
CA PRO D 113 7.29 1.33 -40.43
C PRO D 113 6.40 2.16 -39.54
N GLN D 114 6.29 1.78 -38.28
CA GLN D 114 5.33 2.40 -37.41
C GLN D 114 5.92 3.65 -36.79
N ILE D 115 6.01 4.70 -37.61
CA ILE D 115 6.65 5.96 -37.23
C ILE D 115 5.69 7.12 -37.47
N ALA D 116 5.59 7.99 -36.48
CA ALA D 116 4.74 9.18 -36.56
C ALA D 116 5.57 10.44 -36.67
N VAL D 117 4.95 11.48 -37.23
CA VAL D 117 5.57 12.79 -37.41
C VAL D 117 4.95 13.75 -36.41
N VAL D 118 5.79 14.39 -35.59
CA VAL D 118 5.32 15.34 -34.60
C VAL D 118 5.86 16.72 -34.96
N THR D 119 4.96 17.69 -35.04
CA THR D 119 5.32 19.09 -35.31
C THR D 119 5.19 19.95 -34.08
N HIS D 120 5.89 21.08 -34.08
CA HIS D 120 6.01 21.97 -32.91
C HIS D 120 4.70 22.56 -32.38
N ASP D 121 3.68 22.65 -33.23
CA ASP D 121 2.32 22.99 -32.80
C ASP D 121 1.61 21.84 -32.03
N GLY D 122 2.29 20.70 -31.84
CA GLY D 122 1.72 19.58 -31.11
C GLY D 122 0.92 18.63 -31.97
N SER D 123 0.90 18.86 -33.27
CA SER D 123 0.17 18.00 -34.18
C SER D 123 0.96 16.77 -34.55
N VAL D 124 0.26 15.64 -34.62
CA VAL D 124 0.84 14.35 -34.88
C VAL D 124 0.20 13.82 -36.15
N MET D 125 1.04 13.29 -37.04
CA MET D 125 0.58 12.68 -38.27
C MET D 125 1.09 11.24 -38.27
N PHE D 126 0.18 10.30 -38.47
CA PHE D 126 0.48 8.89 -38.42
C PHE D 126 -0.26 8.23 -39.58
N ILE D 127 0.50 7.58 -40.47
CA ILE D 127 -0.05 7.06 -41.73
C ILE D 127 0.38 5.60 -41.95
N PRO D 128 -0.24 4.66 -41.22
CA PRO D 128 0.07 3.26 -41.48
C PRO D 128 -0.49 2.79 -42.82
N ALA D 129 0.37 2.18 -43.63
CA ALA D 129 -0.08 1.39 -44.77
C ALA D 129 -0.54 0.02 -44.25
N GLN D 130 -1.68 -0.44 -44.74
CA GLN D 130 -2.32 -1.64 -44.20
C GLN D 130 -2.94 -2.51 -45.29
N ARG D 131 -2.90 -3.82 -45.06
CA ARG D 131 -3.73 -4.76 -45.78
C ARG D 131 -4.84 -5.26 -44.83
N LEU D 132 -6.08 -5.20 -45.32
CA LEU D 132 -7.27 -5.50 -44.55
C LEU D 132 -8.16 -6.47 -45.31
N SER D 133 -8.55 -7.56 -44.65
CA SER D 133 -9.61 -8.42 -45.12
C SER D 133 -10.89 -8.05 -44.39
N PHE D 134 -11.96 -7.80 -45.12
CA PHE D 134 -13.24 -7.42 -44.51
C PHE D 134 -14.43 -8.06 -45.23
N MET D 135 -15.58 -8.00 -44.57
CA MET D 135 -16.79 -8.67 -45.04
C MET D 135 -17.37 -7.92 -46.22
N CYS D 136 -17.50 -8.63 -47.34
CA CYS D 136 -17.89 -8.02 -48.60
C CYS D 136 -18.36 -9.08 -49.56
N ASP D 137 -19.58 -8.92 -50.06
CA ASP D 137 -20.14 -9.78 -51.11
C ASP D 137 -19.76 -9.17 -52.47
N PRO D 138 -18.88 -9.84 -53.23
CA PRO D 138 -18.46 -9.27 -54.51
C PRO D 138 -19.38 -9.61 -55.70
N THR D 139 -20.60 -10.10 -55.44
CA THR D 139 -21.57 -10.33 -56.51
C THR D 139 -21.75 -9.08 -57.37
N GLY D 140 -21.73 -9.28 -58.69
CA GLY D 140 -21.81 -8.18 -59.64
C GLY D 140 -20.47 -7.59 -60.07
N VAL D 141 -19.37 -8.08 -59.50
CA VAL D 141 -18.02 -7.58 -59.82
C VAL D 141 -17.63 -7.85 -61.28
N ASP D 142 -18.16 -8.93 -61.83
CA ASP D 142 -17.97 -9.31 -63.24
C ASP D 142 -19.05 -8.71 -64.18
N SER D 143 -19.57 -7.54 -63.83
CA SER D 143 -20.57 -6.84 -64.65
C SER D 143 -20.20 -5.36 -64.72
N GLU D 144 -20.88 -4.65 -65.61
CA GLU D 144 -20.64 -3.21 -65.80
C GLU D 144 -20.98 -2.38 -64.56
N GLU D 145 -22.05 -2.74 -63.89
CA GLU D 145 -22.47 -2.03 -62.69
C GLU D 145 -21.50 -2.22 -61.50
N GLY D 146 -20.85 -3.37 -61.46
CA GLY D 146 -19.87 -3.67 -60.44
C GLY D 146 -20.48 -4.11 -59.12
N ALA D 147 -19.61 -4.35 -58.15
CA ALA D 147 -20.01 -4.70 -56.80
C ALA D 147 -19.85 -3.48 -55.92
N THR D 148 -20.59 -3.45 -54.83
CA THR D 148 -20.48 -2.39 -53.83
C THR D 148 -20.20 -3.03 -52.49
N CYS D 149 -19.18 -2.54 -51.79
CA CYS D 149 -18.94 -2.95 -50.41
C CYS D 149 -18.60 -1.78 -49.52
N ALA D 150 -18.78 -2.02 -48.21
CA ALA D 150 -18.65 -0.99 -47.21
C ALA D 150 -17.99 -1.55 -45.97
N VAL D 151 -17.22 -0.71 -45.30
CA VAL D 151 -16.65 -1.04 -43.99
C VAL D 151 -16.52 0.24 -43.16
N LYS D 152 -16.93 0.15 -41.90
CA LYS D 152 -16.87 1.28 -40.99
C LYS D 152 -15.61 1.24 -40.17
N PHE D 153 -15.08 2.43 -39.90
CA PHE D 153 -13.93 2.64 -39.06
C PHE D 153 -14.31 3.56 -37.92
N GLY D 154 -13.84 3.23 -36.73
CA GLY D 154 -14.05 4.09 -35.58
C GLY D 154 -13.29 3.64 -34.38
N SER D 155 -13.33 4.45 -33.34
CA SER D 155 -12.72 4.10 -32.07
C SER D 155 -13.44 2.85 -31.55
N TRP D 156 -12.69 1.96 -30.93
CA TRP D 156 -13.30 0.79 -30.31
C TRP D 156 -13.92 1.11 -28.94
N VAL D 157 -13.30 2.02 -28.19
CA VAL D 157 -13.68 2.26 -26.79
C VAL D 157 -14.04 3.70 -26.40
N TYR D 158 -14.01 4.63 -27.36
CA TYR D 158 -14.33 6.04 -27.08
C TYR D 158 -15.53 6.51 -27.87
N SER D 159 -16.45 7.17 -27.17
CA SER D 159 -17.61 7.80 -27.81
C SER D 159 -17.20 9.08 -28.53
N GLY D 160 -18.18 9.68 -29.19
CA GLY D 160 -18.04 10.99 -29.81
C GLY D 160 -17.73 12.14 -28.86
N PHE D 161 -18.05 12.00 -27.57
CA PHE D 161 -17.68 12.99 -26.55
C PHE D 161 -16.24 12.85 -26.06
N GLU D 162 -15.51 11.86 -26.54
CA GLU D 162 -14.13 11.63 -26.12
C GLU D 162 -13.16 11.70 -27.31
N ILE D 163 -13.49 11.00 -28.39
CA ILE D 163 -12.80 11.16 -29.66
C ILE D 163 -13.79 11.68 -30.70
N ASP D 164 -13.57 12.91 -31.13
CA ASP D 164 -14.40 13.48 -32.18
C ASP D 164 -13.73 13.13 -33.50
N LEU D 165 -14.29 12.14 -34.17
CA LEU D 165 -13.72 11.63 -35.37
C LEU D 165 -14.23 12.46 -36.53
N LYS D 166 -13.31 12.94 -37.37
CA LYS D 166 -13.64 13.77 -38.54
C LYS D 166 -12.94 13.32 -39.81
N THR D 167 -13.43 13.82 -40.94
CA THR D 167 -12.76 13.71 -42.23
C THR D 167 -12.52 15.12 -42.77
N ASP D 168 -11.54 15.25 -43.67
CA ASP D 168 -11.29 16.50 -44.40
C ASP D 168 -12.09 16.54 -45.70
N THR D 169 -12.42 15.37 -46.22
CA THR D 169 -13.17 15.24 -47.46
C THR D 169 -13.90 13.93 -47.39
N ASP D 170 -14.97 13.82 -48.17
CA ASP D 170 -15.67 12.55 -48.29
C ASP D 170 -15.22 11.74 -49.53
N GLN D 171 -14.26 12.26 -50.29
CA GLN D 171 -13.69 11.53 -51.41
C GLN D 171 -12.45 10.77 -50.96
N VAL D 172 -12.46 9.45 -51.17
CA VAL D 172 -11.27 8.62 -50.96
C VAL D 172 -10.23 9.04 -51.99
N ASP D 173 -8.99 9.14 -51.56
CA ASP D 173 -7.91 9.54 -52.49
C ASP D 173 -7.56 8.32 -53.35
N LEU D 174 -7.83 8.44 -54.66
CA LEU D 174 -7.57 7.37 -55.63
C LEU D 174 -6.40 7.69 -56.56
N SER D 175 -5.66 8.76 -56.27
CA SER D 175 -4.57 9.22 -57.15
C SER D 175 -3.35 8.28 -57.17
N SER D 176 -3.21 7.40 -56.17
CA SER D 176 -2.19 6.34 -56.14
C SER D 176 -2.78 4.95 -56.35
N TYR D 177 -4.03 4.84 -56.80
CA TYR D 177 -4.61 3.51 -57.01
C TYR D 177 -3.83 2.78 -58.10
N TYR D 178 -3.51 1.53 -57.84
CA TYR D 178 -2.69 0.72 -58.76
C TYR D 178 -3.40 0.56 -60.12
N ALA D 179 -2.77 1.13 -61.15
CA ALA D 179 -3.38 1.16 -62.50
C ALA D 179 -3.60 -0.21 -63.14
N SER D 180 -2.85 -1.24 -62.72
CA SER D 180 -3.01 -2.57 -63.30
C SER D 180 -3.59 -3.58 -62.31
N SER D 181 -4.33 -3.07 -61.32
CA SER D 181 -5.10 -3.93 -60.43
C SER D 181 -6.04 -4.83 -61.21
N LYS D 182 -6.41 -5.96 -60.62
CA LYS D 182 -7.46 -6.81 -61.18
C LYS D 182 -8.81 -6.12 -61.16
N TYR D 183 -8.97 -5.16 -60.24
CA TYR D 183 -10.22 -4.46 -60.05
C TYR D 183 -10.03 -2.98 -60.27
N GLU D 184 -10.94 -2.39 -61.04
CA GLU D 184 -10.97 -0.95 -61.22
C GLU D 184 -12.02 -0.35 -60.32
N ILE D 185 -11.73 0.84 -59.82
CA ILE D 185 -12.60 1.55 -58.88
C ILE D 185 -13.54 2.45 -59.64
N LEU D 186 -14.84 2.25 -59.45
CA LEU D 186 -15.88 3.12 -60.00
C LEU D 186 -16.12 4.30 -59.09
N SER D 187 -16.11 4.07 -57.78
CA SER D 187 -16.11 5.15 -56.80
C SER D 187 -15.68 4.66 -55.43
N ALA D 188 -15.22 5.60 -54.62
CA ALA D 188 -14.78 5.32 -53.29
C ALA D 188 -15.02 6.55 -52.43
N THR D 189 -15.88 6.41 -51.43
CA THR D 189 -16.24 7.50 -50.54
C THR D 189 -15.98 7.13 -49.07
N GLN D 190 -15.78 8.16 -48.26
CA GLN D 190 -15.52 8.05 -46.83
C GLN D 190 -16.40 9.05 -46.11
N THR D 191 -17.44 8.56 -45.44
CA THR D 191 -18.50 9.42 -44.91
C THR D 191 -18.59 9.30 -43.40
N ARG D 192 -18.42 10.43 -42.73
CA ARG D 192 -18.59 10.51 -41.29
C ARG D 192 -20.05 10.27 -40.98
N GLN D 193 -20.33 9.35 -40.07
CA GLN D 193 -21.71 9.07 -39.61
C GLN D 193 -21.78 9.17 -38.11
N VAL D 194 -22.89 9.72 -37.63
CA VAL D 194 -23.18 9.87 -36.22
C VAL D 194 -24.30 8.91 -35.90
N GLN D 195 -24.15 8.17 -34.82
CA GLN D 195 -25.17 7.21 -34.39
C GLN D 195 -25.49 7.31 -32.94
N HIS D 196 -26.77 7.07 -32.65
CA HIS D 196 -27.21 6.95 -31.26
C HIS D 196 -27.67 5.53 -30.91
N TYR D 197 -27.34 5.16 -29.69
CA TYR D 197 -27.80 3.92 -29.11
C TYR D 197 -28.80 4.28 -28.02
N SER D 198 -29.91 3.56 -27.96
CA SER D 198 -31.02 3.90 -27.06
C SER D 198 -30.64 3.90 -25.57
N CYS D 199 -29.60 3.16 -25.19
CA CYS D 199 -29.10 3.13 -23.81
C CYS D 199 -28.54 4.47 -23.31
N CYS D 200 -28.06 5.29 -24.23
CA CYS D 200 -26.99 6.22 -23.93
C CYS D 200 -27.19 7.54 -24.68
N PRO D 201 -26.95 8.68 -24.01
CA PRO D 201 -27.15 9.98 -24.69
C PRO D 201 -26.03 10.39 -25.65
N GLU D 202 -24.79 9.94 -25.38
CA GLU D 202 -23.59 10.29 -26.19
C GLU D 202 -23.67 9.76 -27.64
N PRO D 203 -23.16 10.56 -28.59
CA PRO D 203 -23.10 10.14 -29.98
C PRO D 203 -21.90 9.23 -30.20
N TYR D 204 -22.05 8.31 -31.15
CA TYR D 204 -20.98 7.41 -31.57
C TYR D 204 -20.69 7.67 -33.03
N ILE D 205 -19.41 7.81 -33.34
CA ILE D 205 -18.97 8.28 -34.65
C ILE D 205 -18.22 7.16 -35.34
N ASP D 206 -18.49 7.01 -36.63
CA ASP D 206 -17.66 6.20 -37.48
C ASP D 206 -17.48 6.85 -38.84
N VAL D 207 -16.52 6.33 -39.59
CA VAL D 207 -16.28 6.75 -40.97
C VAL D 207 -16.56 5.53 -41.83
N ASN D 208 -17.56 5.66 -42.70
CA ASN D 208 -17.98 4.55 -43.56
C ASN D 208 -17.28 4.64 -44.90
N LEU D 209 -16.45 3.64 -45.18
CA LEU D 209 -15.71 3.56 -46.43
C LEU D 209 -16.52 2.70 -47.38
N VAL D 210 -17.05 3.31 -48.46
CA VAL D 210 -17.89 2.63 -49.44
C VAL D 210 -17.12 2.59 -50.74
N VAL D 211 -16.87 1.39 -51.26
CA VAL D 211 -16.12 1.20 -52.48
C VAL D 211 -16.96 0.45 -53.49
N LYS D 212 -17.05 1.02 -54.70
CA LYS D 212 -17.70 0.40 -55.85
C LYS D 212 -16.64 0.05 -56.87
N PHE D 213 -16.64 -1.20 -57.31
CA PHE D 213 -15.55 -1.72 -58.10
C PHE D 213 -16.01 -2.86 -59.01
N ARG D 214 -15.23 -3.11 -60.04
CA ARG D 214 -15.48 -4.23 -60.94
C ARG D 214 -14.20 -4.75 -61.53
N GLU D 215 -14.28 -5.97 -62.07
CA GLU D 215 -13.16 -6.59 -62.77
C GLU D 215 -12.78 -5.70 -63.95
N ARG D 216 -11.50 -5.49 -64.09
CA ARG D 216 -10.96 -4.70 -65.13
C ARG D 216 -11.06 -5.54 -66.44
N ARG D 217 -11.56 -5.11 -67.60
CA ARG D 217 -11.69 -3.76 -68.09
C ARG D 217 -12.81 -3.73 -69.12
N ASP E 6 46.46 -14.63 -24.02
CA ASP E 6 46.64 -13.24 -23.46
C ASP E 6 46.17 -12.16 -24.45
N ASP E 7 46.67 -12.22 -25.68
CA ASP E 7 46.23 -11.33 -26.77
C ASP E 7 44.75 -11.54 -27.08
N LYS E 8 44.34 -12.80 -27.13
CA LYS E 8 42.94 -13.17 -27.39
C LYS E 8 41.95 -12.62 -26.37
N LEU E 9 42.29 -12.74 -25.07
CA LEU E 9 41.50 -12.09 -24.00
C LEU E 9 41.48 -10.57 -24.17
N HIS E 10 42.63 -10.03 -24.55
CA HIS E 10 42.77 -8.59 -24.80
C HIS E 10 41.89 -8.09 -25.95
N SER E 11 41.88 -8.80 -27.08
CA SER E 11 41.06 -8.42 -28.24
C SER E 11 39.54 -8.49 -27.92
N GLN E 12 39.15 -9.51 -27.16
CA GLN E 12 37.77 -9.63 -26.66
C GLN E 12 37.36 -8.49 -25.75
N ALA E 13 38.25 -8.15 -24.81
CA ALA E 13 38.00 -7.06 -23.85
C ALA E 13 37.85 -5.71 -24.56
N ASN E 14 38.68 -5.49 -25.56
CA ASN E 14 38.61 -4.29 -26.38
C ASN E 14 37.33 -4.17 -27.19
N LEU E 15 36.88 -5.28 -27.78
CA LEU E 15 35.59 -5.30 -28.50
C LEU E 15 34.42 -4.97 -27.58
N MET E 16 34.39 -5.59 -26.40
CA MET E 16 33.34 -5.32 -25.40
C MET E 16 33.36 -3.87 -24.93
N ARG E 17 34.55 -3.34 -24.69
CA ARG E 17 34.71 -1.94 -24.26
C ARG E 17 34.22 -0.99 -25.35
N LEU E 18 34.58 -1.29 -26.61
CA LEU E 18 34.15 -0.48 -27.76
C LEU E 18 32.65 -0.43 -27.87
N LYS E 19 32.02 -1.61 -27.85
CA LYS E 19 30.57 -1.71 -27.93
C LYS E 19 29.87 -1.02 -26.77
N SER E 20 30.39 -1.23 -25.56
CA SER E 20 29.91 -0.52 -24.38
C SER E 20 30.02 1.01 -24.56
N ASP E 21 31.16 1.47 -25.06
CA ASP E 21 31.35 2.91 -25.27
C ASP E 21 30.36 3.50 -26.27
N LEU E 22 30.12 2.78 -27.37
CA LEU E 22 29.22 3.28 -28.42
C LEU E 22 27.74 3.11 -28.08
N PHE E 23 27.36 2.03 -27.39
CA PHE E 23 25.94 1.69 -27.12
C PHE E 23 25.37 2.01 -25.74
N ASN E 24 26.22 2.02 -24.71
CA ASN E 24 25.81 2.24 -23.33
C ASN E 24 26.21 3.60 -22.78
N ARG E 25 27.44 4.01 -23.05
CA ARG E 25 27.94 5.30 -22.58
C ARG E 25 27.59 6.51 -23.48
N SER E 26 27.23 6.24 -24.73
CA SER E 26 26.81 7.30 -25.66
C SER E 26 25.32 7.18 -25.90
N PRO E 27 24.64 8.31 -26.15
CA PRO E 27 23.23 8.22 -26.59
C PRO E 27 23.15 7.71 -28.03
N MET E 28 22.07 7.03 -28.39
CA MET E 28 21.87 6.69 -29.83
C MET E 28 21.58 7.87 -30.69
N TYR E 29 22.09 7.78 -31.91
CA TYR E 29 21.63 8.57 -33.04
C TYR E 29 20.09 8.65 -33.05
N PRO E 30 19.52 9.87 -32.92
CA PRO E 30 18.08 10.06 -32.88
C PRO E 30 17.43 10.10 -34.26
N GLY E 31 18.22 9.98 -35.32
CA GLY E 31 17.74 10.08 -36.68
C GLY E 31 18.23 11.38 -37.30
N PRO E 32 18.08 11.51 -38.61
CA PRO E 32 18.56 12.70 -39.32
C PRO E 32 17.65 13.90 -39.15
N THR E 33 18.19 15.07 -39.41
CA THR E 33 17.47 16.35 -39.41
C THR E 33 17.77 17.11 -40.69
N LYS E 34 17.04 18.21 -40.91
CA LYS E 34 17.28 19.09 -42.06
C LYS E 34 18.67 19.73 -41.98
N ASP E 35 19.10 20.06 -40.78
CA ASP E 35 20.45 20.61 -40.55
C ASP E 35 21.56 19.57 -40.67
N ASP E 36 21.21 18.30 -40.48
CA ASP E 36 22.18 17.20 -40.50
C ASP E 36 21.63 16.00 -41.29
N PRO E 37 21.51 16.16 -42.63
CA PRO E 37 20.93 15.10 -43.45
C PRO E 37 21.83 13.88 -43.56
N LEU E 38 21.22 12.73 -43.80
CA LEU E 38 21.94 11.47 -43.85
C LEU E 38 21.85 10.90 -45.24
N THR E 39 23.00 10.51 -45.78
CA THR E 39 23.03 9.81 -47.04
C THR E 39 22.86 8.33 -46.77
N VAL E 40 21.88 7.71 -47.45
CA VAL E 40 21.69 6.28 -47.39
C VAL E 40 21.81 5.75 -48.80
N THR E 41 22.70 4.78 -48.99
CA THR E 41 22.92 4.18 -50.29
C THR E 41 22.26 2.81 -50.31
N LEU E 42 21.53 2.57 -51.38
CA LEU E 42 20.64 1.42 -51.51
C LEU E 42 20.91 0.67 -52.80
N GLY E 43 20.94 -0.64 -52.73
CA GLY E 43 21.12 -1.49 -53.90
C GLY E 43 20.48 -2.85 -53.70
N PHE E 44 20.07 -3.47 -54.80
CA PHE E 44 19.37 -4.73 -54.76
C PHE E 44 20.14 -5.82 -55.47
N THR E 45 20.09 -7.01 -54.87
CA THR E 45 20.61 -8.23 -55.46
C THR E 45 19.41 -9.17 -55.54
N LEU E 46 18.93 -9.40 -56.76
CA LEU E 46 17.71 -10.14 -56.96
C LEU E 46 18.03 -11.63 -57.06
N GLN E 47 17.42 -12.41 -56.20
CA GLN E 47 17.73 -13.84 -56.08
C GLN E 47 16.70 -14.74 -56.78
N ASP E 48 15.42 -14.36 -56.74
CA ASP E 48 14.40 -15.22 -57.32
C ASP E 48 13.07 -14.47 -57.44
N ILE E 49 12.39 -14.69 -58.58
CA ILE E 49 10.97 -14.41 -58.68
C ILE E 49 10.33 -15.75 -58.38
N VAL E 50 9.67 -15.85 -57.23
CA VAL E 50 9.18 -17.12 -56.73
C VAL E 50 7.84 -17.44 -57.37
N LYS E 51 7.00 -16.42 -57.48
CA LYS E 51 5.60 -16.61 -57.81
C LYS E 51 5.04 -15.37 -58.48
N ALA E 52 4.23 -15.59 -59.49
CA ALA E 52 3.48 -14.52 -60.16
C ALA E 52 2.03 -14.95 -60.24
N ASP E 53 1.16 -14.20 -59.57
CA ASP E 53 -0.25 -14.56 -59.39
C ASP E 53 -1.11 -13.60 -60.20
N SER E 54 -1.61 -14.10 -61.33
CA SER E 54 -2.42 -13.30 -62.23
C SER E 54 -3.89 -13.19 -61.78
N SER E 55 -4.30 -13.97 -60.78
CA SER E 55 -5.65 -13.83 -60.20
C SER E 55 -5.74 -12.66 -59.21
N THR E 56 -4.62 -12.25 -58.62
CA THR E 56 -4.59 -11.08 -57.71
C THR E 56 -3.63 -9.96 -58.13
N ASN E 57 -2.85 -10.19 -59.19
CA ASN E 57 -1.80 -9.27 -59.62
C ASN E 57 -0.83 -8.90 -58.49
N GLU E 58 -0.28 -9.97 -57.92
CA GLU E 58 0.79 -9.90 -56.94
C GLU E 58 1.93 -10.75 -57.44
N VAL E 59 3.14 -10.25 -57.24
CA VAL E 59 4.35 -11.02 -57.53
C VAL E 59 5.21 -11.08 -56.28
N ASP E 60 5.86 -12.24 -56.09
CA ASP E 60 6.72 -12.48 -54.93
C ASP E 60 8.18 -12.56 -55.35
N LEU E 61 9.00 -11.66 -54.81
CA LEU E 61 10.44 -11.65 -55.04
C LEU E 61 11.19 -12.02 -53.79
N VAL E 62 12.35 -12.64 -53.99
CA VAL E 62 13.35 -12.83 -52.96
C VAL E 62 14.58 -12.07 -53.41
N TYR E 63 15.05 -11.18 -52.55
CA TYR E 63 16.20 -10.32 -52.87
C TYR E 63 16.98 -10.01 -51.61
N TYR E 64 18.21 -9.55 -51.79
CA TYR E 64 19.00 -8.96 -50.72
C TYR E 64 18.96 -7.45 -50.92
N GLU E 65 18.62 -6.72 -49.87
CA GLU E 65 18.55 -5.28 -49.92
C GLU E 65 19.73 -4.67 -49.18
N GLN E 66 20.69 -4.19 -49.95
CA GLN E 66 21.90 -3.63 -49.39
C GLN E 66 21.71 -2.16 -49.00
N GLN E 67 21.93 -1.84 -47.71
CA GLN E 67 21.78 -0.48 -47.20
C GLN E 67 23.08 -0.07 -46.53
N ARG E 68 23.51 1.14 -46.81
CA ARG E 68 24.73 1.68 -46.25
C ARG E 68 24.55 3.14 -45.87
N TRP E 69 25.03 3.50 -44.68
CA TRP E 69 25.08 4.88 -44.25
C TRP E 69 26.26 5.06 -43.32
N LYS E 70 26.53 6.30 -42.95
CA LYS E 70 27.67 6.64 -42.15
C LYS E 70 27.31 7.64 -41.06
N LEU E 71 27.75 7.37 -39.84
CA LEU E 71 27.50 8.23 -38.68
C LEU E 71 28.79 8.58 -37.94
N ASN E 72 28.93 9.85 -37.60
CA ASN E 72 30.03 10.33 -36.78
C ASN E 72 30.02 9.70 -35.39
N SER E 73 28.83 9.51 -34.83
CA SER E 73 28.67 8.89 -33.52
C SER E 73 29.10 7.40 -33.46
N LEU E 74 29.32 6.76 -34.61
CA LEU E 74 29.84 5.39 -34.67
C LEU E 74 31.31 5.30 -35.08
N MET E 75 32.00 6.43 -35.16
CA MET E 75 33.44 6.45 -35.47
C MET E 75 34.25 6.13 -34.24
N TRP E 76 35.37 5.46 -34.46
CA TRP E 76 36.39 5.30 -33.44
C TRP E 76 37.75 5.18 -34.09
N ASP E 77 38.78 5.39 -33.27
CA ASP E 77 40.16 5.22 -33.65
C ASP E 77 40.55 3.81 -33.29
N PRO E 78 40.86 2.95 -34.30
CA PRO E 78 41.27 1.57 -33.96
C PRO E 78 42.45 1.44 -32.99
N ASN E 79 43.35 2.41 -32.97
CA ASN E 79 44.49 2.41 -32.05
C ASN E 79 44.10 2.48 -30.58
N GLU E 80 42.95 3.07 -30.29
CA GLU E 80 42.42 3.12 -28.92
C GLU E 80 41.62 1.88 -28.52
N TYR E 81 41.50 0.90 -29.42
CA TYR E 81 40.70 -0.30 -29.17
C TYR E 81 41.36 -1.55 -29.74
N GLY E 82 42.65 -1.71 -29.48
CA GLY E 82 43.40 -2.91 -29.85
C GLY E 82 43.37 -3.24 -31.34
N ASN E 83 43.33 -2.20 -32.17
CA ASN E 83 43.33 -2.32 -33.63
C ASN E 83 42.06 -2.97 -34.23
N ILE E 84 40.96 -2.93 -33.48
CA ILE E 84 39.67 -3.34 -34.01
C ILE E 84 39.19 -2.31 -35.03
N THR E 85 38.94 -2.79 -36.24
CA THR E 85 38.53 -1.94 -37.38
C THR E 85 37.05 -2.09 -37.72
N ASP E 86 36.40 -3.12 -37.19
CA ASP E 86 34.98 -3.37 -37.45
C ASP E 86 34.38 -4.31 -36.40
N PHE E 87 33.06 -4.29 -36.27
CA PHE E 87 32.33 -5.26 -35.46
C PHE E 87 30.94 -5.52 -36.02
N ARG E 88 30.23 -6.45 -35.39
CA ARG E 88 28.86 -6.78 -35.71
C ARG E 88 27.92 -6.42 -34.57
N THR E 89 26.72 -6.00 -34.93
CA THR E 89 25.72 -5.66 -33.93
C THR E 89 24.35 -6.06 -34.44
N SER E 90 23.48 -6.42 -33.50
CA SER E 90 22.09 -6.61 -33.82
C SER E 90 21.53 -5.30 -34.39
N ALA E 91 20.73 -5.42 -35.45
CA ALA E 91 20.09 -4.26 -36.06
C ALA E 91 19.13 -3.52 -35.12
N ALA E 92 18.60 -4.24 -34.13
CA ALA E 92 17.73 -3.64 -33.12
C ALA E 92 18.48 -2.66 -32.19
N ASP E 93 19.79 -2.81 -32.06
CA ASP E 93 20.59 -1.99 -31.16
C ASP E 93 21.15 -0.69 -31.78
N ILE E 94 20.91 -0.46 -33.08
CA ILE E 94 21.29 0.78 -33.73
C ILE E 94 20.09 1.36 -34.46
N TRP E 95 20.20 2.64 -34.81
CA TRP E 95 19.23 3.26 -35.70
C TRP E 95 19.40 2.63 -37.08
N THR E 96 18.29 2.36 -37.74
CA THR E 96 18.32 1.94 -39.13
C THR E 96 17.31 2.78 -39.91
N PRO E 97 17.56 2.98 -41.21
CA PRO E 97 16.65 3.79 -42.00
C PRO E 97 15.33 3.07 -42.26
N ASP E 98 14.25 3.86 -42.34
CA ASP E 98 12.89 3.36 -42.53
C ASP E 98 12.56 3.15 -44.01
N ILE E 99 13.44 2.46 -44.74
CA ILE E 99 13.26 2.26 -46.16
C ILE E 99 12.17 1.21 -46.35
N THR E 100 11.20 1.50 -47.22
CA THR E 100 10.01 0.70 -47.35
C THR E 100 9.62 0.59 -48.80
N ALA E 101 9.13 -0.59 -49.18
CA ALA E 101 8.45 -0.76 -50.45
C ALA E 101 7.13 0.02 -50.39
N TYR E 102 6.84 0.83 -51.39
CA TYR E 102 5.64 1.64 -51.39
C TYR E 102 4.40 0.90 -51.90
N SER E 103 4.56 -0.24 -52.57
CA SER E 103 3.42 -0.95 -53.14
C SER E 103 3.43 -2.43 -52.79
N SER E 104 3.91 -2.74 -51.60
CA SER E 104 3.80 -4.09 -51.06
C SER E 104 2.33 -4.40 -50.76
N THR E 105 1.99 -5.69 -50.82
CA THR E 105 0.65 -6.17 -50.48
C THR E 105 0.59 -7.06 -49.24
N ARG E 106 1.75 -7.43 -48.69
CA ARG E 106 1.85 -8.20 -47.46
CA ARG E 106 1.85 -8.21 -47.46
C ARG E 106 3.09 -7.75 -46.71
N PRO E 107 3.15 -7.97 -45.38
CA PRO E 107 4.37 -7.59 -44.67
C PRO E 107 5.57 -8.34 -45.24
N VAL E 108 6.71 -7.65 -45.35
CA VAL E 108 7.91 -8.28 -45.85
C VAL E 108 8.33 -9.37 -44.88
N GLN E 109 8.83 -10.47 -45.40
CA GLN E 109 9.35 -11.55 -44.58
C GLN E 109 10.87 -11.55 -44.64
N VAL E 110 11.50 -11.48 -43.47
CA VAL E 110 12.95 -11.38 -43.37
C VAL E 110 13.52 -12.80 -43.33
N LEU E 111 14.56 -13.03 -44.13
CA LEU E 111 15.14 -14.37 -44.31
C LEU E 111 16.54 -14.52 -43.72
N SER E 112 17.13 -13.42 -43.27
CA SER E 112 18.50 -13.43 -42.76
C SER E 112 18.54 -12.91 -41.34
N PRO E 113 19.59 -13.26 -40.58
CA PRO E 113 19.72 -12.71 -39.22
C PRO E 113 19.91 -11.21 -39.26
N GLN E 114 19.25 -10.51 -38.34
CA GLN E 114 19.19 -9.05 -38.43
C GLN E 114 20.44 -8.47 -37.77
N ILE E 115 21.55 -8.58 -38.49
CA ILE E 115 22.85 -8.15 -38.00
C ILE E 115 23.50 -7.17 -38.98
N ALA E 116 24.01 -6.08 -38.45
CA ALA E 116 24.70 -5.06 -39.24
C ALA E 116 26.19 -5.05 -38.96
N VAL E 117 26.94 -4.55 -39.93
CA VAL E 117 28.40 -4.45 -39.87
C VAL E 117 28.76 -2.99 -39.67
N VAL E 118 29.53 -2.70 -38.64
CA VAL E 118 29.96 -1.33 -38.35
C VAL E 118 31.46 -1.28 -38.49
N THR E 119 31.94 -0.34 -39.31
CA THR E 119 33.39 -0.08 -39.54
C THR E 119 33.81 1.22 -38.81
N HIS E 120 35.11 1.29 -38.48
CA HIS E 120 35.67 2.38 -37.64
C HIS E 120 35.51 3.79 -38.19
N ASP E 121 35.32 3.92 -39.50
CA ASP E 121 34.95 5.18 -40.11
C ASP E 121 33.49 5.59 -39.85
N GLY E 122 32.75 4.78 -39.08
CA GLY E 122 31.37 5.07 -38.74
C GLY E 122 30.35 4.58 -39.76
N SER E 123 30.82 3.87 -40.77
CA SER E 123 29.95 3.33 -41.79
C SER E 123 29.28 2.05 -41.35
N VAL E 124 28.01 1.92 -41.71
CA VAL E 124 27.20 0.81 -41.33
C VAL E 124 26.73 0.15 -42.60
N MET E 125 26.81 -1.18 -42.62
CA MET E 125 26.31 -1.97 -43.74
C MET E 125 25.26 -2.93 -43.17
N PHE E 126 24.07 -2.89 -43.75
CA PHE E 126 22.95 -3.73 -43.33
C PHE E 126 22.28 -4.30 -44.55
N ILE E 127 22.22 -5.65 -44.61
CA ILE E 127 21.78 -6.35 -45.83
C ILE E 127 20.74 -7.43 -45.53
N PRO E 128 19.51 -7.01 -45.24
CA PRO E 128 18.46 -8.00 -45.01
C PRO E 128 18.04 -8.72 -46.28
N ALA E 129 18.05 -10.05 -46.24
CA ALA E 129 17.42 -10.87 -47.26
C ALA E 129 15.93 -10.89 -46.96
N GLN E 130 15.12 -10.73 -48.01
CA GLN E 130 13.69 -10.50 -47.86
C GLN E 130 12.89 -11.19 -48.93
N ARG E 131 11.70 -11.65 -48.54
CA ARG E 131 10.66 -12.00 -49.47
C ARG E 131 9.55 -10.94 -49.42
N LEU E 132 9.22 -10.42 -50.59
CA LEU E 132 8.27 -9.33 -50.75
C LEU E 132 7.18 -9.70 -51.76
N SER E 133 5.92 -9.53 -51.37
CA SER E 133 4.78 -9.55 -52.29
C SER E 133 4.45 -8.11 -52.63
N PHE E 134 4.36 -7.79 -53.91
CA PHE E 134 4.02 -6.43 -54.36
C PHE E 134 3.10 -6.44 -55.58
N MET E 135 2.54 -5.27 -55.86
CA MET E 135 1.52 -5.12 -56.90
C MET E 135 2.17 -5.20 -58.25
N CYS E 136 1.72 -6.15 -59.05
CA CYS E 136 2.34 -6.44 -60.33
C CYS E 136 1.38 -7.24 -61.20
N ASP E 137 1.10 -6.73 -62.39
CA ASP E 137 0.32 -7.42 -63.40
C ASP E 137 1.29 -8.25 -64.24
N PRO E 138 1.24 -9.59 -64.11
CA PRO E 138 2.15 -10.42 -64.89
C PRO E 138 1.70 -10.74 -66.33
N THR E 139 0.69 -10.04 -66.87
CA THR E 139 0.29 -10.23 -68.27
C THR E 139 1.50 -10.10 -69.20
N GLY E 140 1.61 -11.03 -70.13
CA GLY E 140 2.72 -11.09 -71.07
C GLY E 140 3.90 -11.93 -70.58
N VAL E 141 3.81 -12.49 -69.38
CA VAL E 141 4.89 -13.31 -68.81
C VAL E 141 5.11 -14.61 -69.61
N ASP E 142 4.05 -15.11 -70.22
CA ASP E 142 4.08 -16.31 -71.07
C ASP E 142 4.34 -15.97 -72.56
N SER E 143 5.07 -14.89 -72.81
CA SER E 143 5.43 -14.48 -74.17
C SER E 143 6.90 -14.08 -74.19
N GLU E 144 7.43 -13.92 -75.39
CA GLU E 144 8.84 -13.56 -75.60
C GLU E 144 9.19 -12.19 -75.02
N GLU E 145 8.29 -11.23 -75.19
CA GLU E 145 8.49 -9.86 -74.70
C GLU E 145 8.44 -9.79 -73.15
N GLY E 146 7.70 -10.70 -72.51
CA GLY E 146 7.68 -10.81 -71.05
C GLY E 146 6.79 -9.76 -70.41
N ALA E 147 6.73 -9.80 -69.08
CA ALA E 147 5.98 -8.86 -68.28
C ALA E 147 6.95 -7.86 -67.70
N THR E 148 6.44 -6.67 -67.38
CA THR E 148 7.22 -5.63 -66.76
C THR E 148 6.51 -5.20 -65.48
N CYS E 149 7.24 -5.17 -64.37
CA CYS E 149 6.71 -4.64 -63.13
C CYS E 149 7.70 -3.76 -62.43
N ALA E 150 7.16 -2.93 -61.56
CA ALA E 150 7.93 -1.91 -60.88
C ALA E 150 7.45 -1.75 -59.45
N VAL E 151 8.39 -1.43 -58.57
CA VAL E 151 8.08 -1.11 -57.18
C VAL E 151 9.10 -0.10 -56.66
N LYS E 152 8.59 0.92 -55.97
CA LYS E 152 9.42 1.97 -55.44
C LYS E 152 9.77 1.69 -54.00
N PHE E 153 10.99 2.08 -53.64
CA PHE E 153 11.48 1.99 -52.30
C PHE E 153 11.91 3.37 -51.83
N GLY E 154 11.58 3.70 -50.61
CA GLY E 154 12.00 4.95 -50.04
C GLY E 154 11.69 5.04 -48.57
N SER E 155 12.18 6.12 -47.96
CA SER E 155 11.85 6.42 -46.59
C SER E 155 10.34 6.66 -46.47
N TRP E 156 9.74 6.21 -45.38
CA TRP E 156 8.31 6.42 -45.16
C TRP E 156 8.04 7.82 -44.62
N VAL E 157 8.96 8.35 -43.79
CA VAL E 157 8.71 9.59 -43.08
C VAL E 157 9.74 10.73 -43.27
N TYR E 158 10.77 10.52 -44.09
CA TYR E 158 11.79 11.53 -44.28
C TYR E 158 11.84 11.98 -45.75
N SER E 159 11.91 13.29 -45.95
CA SER E 159 12.12 13.89 -47.27
C SER E 159 13.57 13.77 -47.70
N GLY E 160 13.83 14.21 -48.92
CA GLY E 160 15.17 14.30 -49.48
C GLY E 160 16.11 15.24 -48.77
N PHE E 161 15.58 16.18 -48.01
CA PHE E 161 16.39 17.07 -47.15
C PHE E 161 16.79 16.44 -45.82
N GLU E 162 16.33 15.22 -45.55
CA GLU E 162 16.63 14.52 -44.29
C GLU E 162 17.35 13.21 -44.56
N ILE E 163 16.81 12.40 -45.46
CA ILE E 163 17.51 11.22 -45.94
C ILE E 163 17.76 11.40 -47.44
N ASP E 164 19.02 11.55 -47.80
CA ASP E 164 19.41 11.62 -49.21
C ASP E 164 19.66 10.19 -49.69
N LEU E 165 18.69 9.66 -50.39
CA LEU E 165 18.72 8.28 -50.83
C LEU E 165 19.47 8.21 -52.15
N LYS E 166 20.47 7.32 -52.22
CA LYS E 166 21.30 7.15 -53.42
C LYS E 166 21.46 5.69 -53.83
N THR E 167 21.94 5.48 -55.05
CA THR E 167 22.39 4.19 -55.54
C THR E 167 23.84 4.31 -55.98
N ASP E 168 24.55 3.19 -56.00
CA ASP E 168 25.92 3.10 -56.57
C ASP E 168 25.89 2.75 -58.06
N THR E 169 24.82 2.10 -58.48
CA THR E 169 24.64 1.71 -59.86
C THR E 169 23.16 1.62 -60.10
N ASP E 170 22.77 1.74 -61.36
CA ASP E 170 21.38 1.55 -61.74
C ASP E 170 21.09 0.13 -62.23
N GLN E 171 22.11 -0.73 -62.23
CA GLN E 171 21.94 -2.15 -62.57
C GLN E 171 21.69 -2.97 -61.32
N VAL E 172 20.57 -3.68 -61.29
CA VAL E 172 20.31 -4.65 -60.22
C VAL E 172 21.33 -5.77 -60.38
N ASP E 173 21.86 -6.24 -59.27
CA ASP E 173 22.84 -7.34 -59.30
C ASP E 173 22.08 -8.64 -59.53
N LEU E 174 22.32 -9.27 -60.68
CA LEU E 174 21.68 -10.53 -61.08
C LEU E 174 22.63 -11.71 -61.01
N SER E 175 23.83 -11.52 -60.46
CA SER E 175 24.87 -12.55 -60.50
C SER E 175 24.58 -13.75 -59.61
N SER E 176 23.66 -13.60 -58.65
CA SER E 176 23.19 -14.69 -57.81
C SER E 176 21.76 -15.12 -58.14
N TYR E 177 21.21 -14.66 -59.26
CA TYR E 177 19.81 -14.99 -59.57
C TYR E 177 19.73 -16.51 -59.74
N TYR E 178 18.69 -17.10 -59.16
CA TYR E 178 18.50 -18.55 -59.20
C TYR E 178 18.33 -19.07 -60.63
N ALA E 179 19.30 -19.86 -61.08
CA ALA E 179 19.34 -20.32 -62.48
C ALA E 179 18.18 -21.23 -62.90
N SER E 180 17.50 -21.87 -61.95
CA SER E 180 16.36 -22.74 -62.29
C SER E 180 15.03 -22.17 -61.80
N SER E 181 14.97 -20.86 -61.60
CA SER E 181 13.71 -20.18 -61.32
C SER E 181 12.66 -20.50 -62.39
N LYS E 182 11.39 -20.38 -62.01
CA LYS E 182 10.30 -20.47 -62.99
C LYS E 182 10.34 -19.30 -63.96
N TYR E 183 10.94 -18.19 -63.54
CA TYR E 183 11.00 -16.97 -64.34
C TYR E 183 12.43 -16.59 -64.60
N GLU E 184 12.73 -16.27 -65.85
CA GLU E 184 14.04 -15.71 -66.21
C GLU E 184 13.90 -14.18 -66.29
N ILE E 185 14.98 -13.50 -65.89
CA ILE E 185 15.05 -12.05 -65.88
C ILE E 185 15.62 -11.53 -67.21
N LEU E 186 14.84 -10.68 -67.88
CA LEU E 186 15.27 -10.00 -69.11
C LEU E 186 16.04 -8.74 -68.77
N SER E 187 15.58 -8.02 -67.75
CA SER E 187 16.34 -6.89 -67.20
C SER E 187 15.80 -6.48 -65.85
N ALA E 188 16.67 -5.83 -65.10
CA ALA E 188 16.35 -5.40 -63.77
C ALA E 188 17.16 -4.16 -63.47
N THR E 189 16.47 -3.03 -63.30
CA THR E 189 17.12 -1.76 -63.03
C THR E 189 16.61 -1.14 -61.72
N GLN E 190 17.45 -0.29 -61.14
CA GLN E 190 17.16 0.40 -59.90
C GLN E 190 17.52 1.87 -60.10
N THR E 191 16.51 2.72 -60.21
CA THR E 191 16.73 4.09 -60.64
C THR E 191 16.28 5.04 -59.54
N ARG E 192 17.20 5.90 -59.10
CA ARG E 192 16.90 6.98 -58.20
C ARG E 192 16.01 7.98 -58.89
N GLN E 193 14.90 8.34 -58.26
CA GLN E 193 13.99 9.34 -58.80
C GLN E 193 13.78 10.41 -57.76
N VAL E 194 13.67 11.64 -58.24
CA VAL E 194 13.35 12.79 -57.41
C VAL E 194 11.93 13.20 -57.76
N GLN E 195 11.12 13.38 -56.72
CA GLN E 195 9.71 13.67 -56.85
C GLN E 195 9.40 14.96 -56.17
N HIS E 196 8.60 15.77 -56.86
CA HIS E 196 8.03 16.94 -56.28
C HIS E 196 6.54 16.78 -56.08
N TYR E 197 6.08 17.21 -54.91
CA TYR E 197 4.67 17.22 -54.57
C TYR E 197 4.25 18.67 -54.53
N SER E 198 3.08 18.98 -55.09
CA SER E 198 2.64 20.35 -55.24
C SER E 198 2.45 21.11 -53.92
N CYS E 199 2.24 20.40 -52.82
CA CYS E 199 2.14 20.99 -51.48
C CYS E 199 3.42 21.67 -50.99
N CYS E 200 4.57 21.22 -51.48
CA CYS E 200 5.80 21.29 -50.71
C CYS E 200 7.01 21.57 -51.62
N PRO E 201 7.94 22.44 -51.19
CA PRO E 201 9.15 22.67 -51.98
C PRO E 201 10.23 21.59 -51.89
N GLU E 202 10.31 20.87 -50.77
CA GLU E 202 11.31 19.79 -50.61
C GLU E 202 11.17 18.68 -51.64
N PRO E 203 12.30 18.09 -52.04
CA PRO E 203 12.27 16.91 -52.86
C PRO E 203 12.01 15.61 -52.06
N TYR E 204 11.35 14.65 -52.71
CA TYR E 204 11.15 13.32 -52.15
C TYR E 204 11.84 12.32 -53.08
N ILE E 205 12.58 11.40 -52.47
CA ILE E 205 13.44 10.51 -53.21
C ILE E 205 12.92 9.09 -53.07
N ASP E 206 12.93 8.36 -54.17
CA ASP E 206 12.74 6.93 -54.11
C ASP E 206 13.68 6.23 -55.09
N VAL E 207 13.79 4.92 -54.94
CA VAL E 207 14.50 4.08 -55.88
C VAL E 207 13.47 3.16 -56.50
N ASN E 208 13.33 3.26 -57.82
CA ASN E 208 12.36 2.50 -58.56
C ASN E 208 13.01 1.23 -59.11
N LEU E 209 12.53 0.10 -58.63
CA LEU E 209 13.03 -1.20 -59.05
C LEU E 209 12.11 -1.67 -60.17
N VAL E 210 12.65 -1.77 -61.39
CA VAL E 210 11.88 -2.20 -62.56
C VAL E 210 12.43 -3.53 -63.01
N VAL E 211 11.58 -4.54 -63.04
CA VAL E 211 11.97 -5.89 -63.42
C VAL E 211 11.15 -6.33 -64.63
N LYS E 212 11.86 -6.80 -65.66
CA LYS E 212 11.28 -7.42 -66.84
C LYS E 212 11.62 -8.89 -66.83
N PHE E 213 10.59 -9.73 -66.98
CA PHE E 213 10.75 -11.16 -66.78
C PHE E 213 9.74 -11.95 -67.56
N ARG E 214 10.06 -13.22 -67.77
CA ARG E 214 9.15 -14.13 -68.45
C ARG E 214 9.34 -15.55 -67.96
N GLU E 215 8.35 -16.39 -68.25
CA GLU E 215 8.43 -17.81 -67.96
C GLU E 215 9.62 -18.41 -68.68
N ARG E 216 10.38 -19.22 -67.96
CA ARG E 216 11.54 -19.90 -68.52
C ARG E 216 11.08 -20.96 -69.54
N ARG E 217 11.70 -21.00 -70.72
CA ARG E 217 11.30 -21.95 -71.80
C ARG E 217 12.33 -23.05 -71.94
N ASP F 7 -40.39 -10.72 37.34
CA ASP F 7 -40.40 -9.23 37.23
C ASP F 7 -39.03 -8.60 37.06
N LYS F 8 -38.07 -9.02 37.89
CA LYS F 8 -36.73 -8.41 37.98
C LYS F 8 -35.99 -8.36 36.64
N LEU F 9 -36.04 -9.46 35.89
CA LEU F 9 -35.55 -9.49 34.49
C LEU F 9 -36.34 -8.49 33.62
N HIS F 10 -37.65 -8.46 33.83
CA HIS F 10 -38.58 -7.54 33.12
C HIS F 10 -38.21 -6.06 33.36
N SER F 11 -37.99 -5.68 34.62
CA SER F 11 -37.65 -4.29 34.97
C SER F 11 -36.29 -3.87 34.40
N GLN F 12 -35.31 -4.79 34.42
CA GLN F 12 -34.00 -4.56 33.79
C GLN F 12 -34.10 -4.36 32.29
N ALA F 13 -34.86 -5.23 31.62
CA ALA F 13 -35.07 -5.16 30.17
C ALA F 13 -35.72 -3.84 29.75
N ASN F 14 -36.71 -3.41 30.53
CA ASN F 14 -37.37 -2.12 30.30
C ASN F 14 -36.44 -0.92 30.46
N LEU F 15 -35.59 -0.94 31.48
CA LEU F 15 -34.61 0.12 31.68
C LEU F 15 -33.64 0.22 30.50
N MET F 16 -33.12 -0.92 30.07
CA MET F 16 -32.19 -0.99 28.92
C MET F 16 -32.86 -0.50 27.63
N ARG F 17 -34.10 -0.91 27.42
CA ARG F 17 -34.87 -0.47 26.26
C ARG F 17 -35.11 1.05 26.28
N LEU F 18 -35.46 1.58 27.46
CA LEU F 18 -35.66 3.02 27.65
C LEU F 18 -34.42 3.81 27.31
N LYS F 19 -33.29 3.40 27.89
CA LYS F 19 -32.01 4.07 27.65
C LYS F 19 -31.59 3.99 26.19
N SER F 20 -31.75 2.80 25.60
CA SER F 20 -31.51 2.62 24.17
C SER F 20 -32.40 3.55 23.34
N ASP F 21 -33.68 3.62 23.67
CA ASP F 21 -34.61 4.50 22.95
C ASP F 21 -34.21 5.98 23.03
N LEU F 22 -33.79 6.45 24.20
CA LEU F 22 -33.42 7.86 24.39
C LEU F 22 -32.04 8.21 23.85
N PHE F 23 -31.08 7.29 24.00
CA PHE F 23 -29.68 7.58 23.68
C PHE F 23 -29.20 7.11 22.30
N ASN F 24 -29.74 6.00 21.79
CA ASN F 24 -29.28 5.36 20.55
C ASN F 24 -30.23 5.54 19.38
N ARG F 25 -31.51 5.38 19.62
CA ARG F 25 -32.52 5.53 18.57
C ARG F 25 -33.01 6.97 18.33
N SER F 26 -32.78 7.86 19.30
CA SER F 26 -33.16 9.26 19.16
C SER F 26 -31.94 10.11 18.94
N PRO F 27 -32.08 11.19 18.12
CA PRO F 27 -31.02 12.19 18.08
C PRO F 27 -30.97 12.93 19.41
N MET F 28 -29.78 13.30 19.86
CA MET F 28 -29.63 13.87 21.17
C MET F 28 -29.45 15.39 21.16
N TYR F 29 -29.89 15.98 22.27
CA TYR F 29 -29.92 17.43 22.46
C TYR F 29 -28.60 18.12 22.06
N PRO F 30 -28.64 18.99 21.04
CA PRO F 30 -27.44 19.69 20.58
C PRO F 30 -27.08 20.93 21.41
N GLY F 31 -27.89 21.26 22.41
CA GLY F 31 -27.72 22.48 23.19
C GLY F 31 -28.84 23.45 22.89
N PRO F 32 -28.96 24.49 23.71
CA PRO F 32 -30.01 25.47 23.50
C PRO F 32 -29.73 26.45 22.37
N THR F 33 -30.79 27.08 21.89
CA THR F 33 -30.73 28.12 20.87
C THR F 33 -31.55 29.33 21.33
N LYS F 34 -31.43 30.42 20.58
CA LYS F 34 -32.22 31.65 20.78
C LYS F 34 -33.73 31.35 20.64
N ASP F 35 -34.07 30.49 19.69
CA ASP F 35 -35.45 30.08 19.44
C ASP F 35 -35.98 29.09 20.47
N ASP F 36 -35.08 28.37 21.12
CA ASP F 36 -35.42 27.34 22.08
C ASP F 36 -34.53 27.42 23.34
N PRO F 37 -34.71 28.49 24.15
CA PRO F 37 -33.84 28.69 25.31
C PRO F 37 -34.09 27.67 26.40
N LEU F 38 -33.07 27.43 27.22
CA LEU F 38 -33.14 26.43 28.27
C LEU F 38 -33.03 27.10 29.62
N THR F 39 -33.94 26.76 30.51
CA THR F 39 -33.85 27.22 31.89
C THR F 39 -32.96 26.23 32.66
N VAL F 40 -31.94 26.77 33.33
CA VAL F 40 -31.09 25.98 34.20
C VAL F 40 -31.17 26.60 35.57
N THR F 41 -31.54 25.78 36.54
CA THR F 41 -31.67 26.22 37.93
C THR F 41 -30.47 25.74 38.73
N LEU F 42 -29.89 26.65 39.49
CA LEU F 42 -28.62 26.46 40.13
C LEU F 42 -28.72 26.79 41.59
N GLY F 43 -28.12 25.96 42.43
CA GLY F 43 -28.07 26.21 43.86
C GLY F 43 -26.85 25.56 44.48
N PHE F 44 -26.38 26.14 45.57
CA PHE F 44 -25.18 25.67 46.24
C PHE F 44 -25.49 25.18 47.63
N THR F 45 -24.81 24.10 47.98
CA THR F 45 -24.79 23.57 49.32
C THR F 45 -23.34 23.62 49.74
N LEU F 46 -23.02 24.51 50.66
CA LEU F 46 -21.65 24.73 51.06
C LEU F 46 -21.28 23.78 52.18
N GLN F 47 -20.23 22.99 51.94
CA GLN F 47 -19.82 21.95 52.88
C GLN F 47 -18.64 22.34 53.76
N ASP F 48 -17.68 23.09 53.22
CA ASP F 48 -16.49 23.44 53.98
C ASP F 48 -15.69 24.54 53.31
N ILE F 49 -15.19 25.48 54.10
CA ILE F 49 -14.10 26.34 53.70
C ILE F 49 -12.87 25.64 54.24
N VAL F 50 -12.06 25.09 53.34
CA VAL F 50 -10.96 24.23 53.73
C VAL F 50 -9.75 25.06 54.12
N LYS F 51 -9.50 26.11 53.33
CA LYS F 51 -8.24 26.83 53.39
C LYS F 51 -8.43 28.27 52.91
N ALA F 52 -7.80 29.19 53.63
CA ALA F 52 -7.75 30.60 53.24
C ALA F 52 -6.30 31.04 53.27
N ASP F 53 -5.78 31.41 52.11
CA ASP F 53 -4.36 31.71 51.93
C ASP F 53 -4.18 33.21 51.69
N SER F 54 -3.71 33.91 52.71
CA SER F 54 -3.54 35.35 52.66
C SER F 54 -2.24 35.76 51.96
N SER F 55 -1.34 34.82 51.70
CA SER F 55 -0.13 35.12 50.90
C SER F 55 -0.43 35.19 49.40
N THR F 56 -1.50 34.54 48.93
CA THR F 56 -1.89 34.59 47.51
C THR F 56 -3.31 35.10 47.26
N ASN F 57 -4.07 35.31 48.33
CA ASN F 57 -5.49 35.66 48.24
C ASN F 57 -6.28 34.68 47.37
N GLU F 58 -6.17 33.41 47.80
CA GLU F 58 -6.97 32.32 47.29
C GLU F 58 -7.67 31.65 48.46
N VAL F 59 -8.93 31.28 48.26
CA VAL F 59 -9.68 30.49 49.22
C VAL F 59 -10.19 29.23 48.56
N ASP F 60 -10.20 28.15 49.33
CA ASP F 60 -10.64 26.84 48.83
C ASP F 60 -11.95 26.42 49.50
N LEU F 61 -12.99 26.20 48.68
CA LEU F 61 -14.29 25.74 49.14
C LEU F 61 -14.55 24.34 48.66
N VAL F 62 -15.30 23.60 49.46
CA VAL F 62 -15.92 22.35 49.05
C VAL F 62 -17.42 22.57 49.13
N TYR F 63 -18.10 22.29 48.03
CA TYR F 63 -19.55 22.50 47.94
C TYR F 63 -20.15 21.50 46.98
N TYR F 64 -21.46 21.35 47.08
CA TYR F 64 -22.24 20.60 46.10
C TYR F 64 -22.95 21.63 45.24
N GLU F 65 -22.83 21.46 43.94
CA GLU F 65 -23.41 22.39 42.99
C GLU F 65 -24.59 21.72 42.33
N GLN F 66 -25.79 22.10 42.76
CA GLN F 66 -27.01 21.50 42.25
C GLN F 66 -27.48 22.17 40.96
N GLN F 67 -27.61 21.39 39.90
CA GLN F 67 -28.02 21.88 38.61
C GLN F 67 -29.23 21.10 38.16
N ARG F 68 -30.22 21.82 37.63
CA ARG F 68 -31.44 21.19 37.15
C ARG F 68 -31.92 21.86 35.88
N TRP F 69 -32.31 21.04 34.93
CA TRP F 69 -32.93 21.51 33.69
C TRP F 69 -33.90 20.46 33.19
N LYS F 70 -34.66 20.81 32.16
CA LYS F 70 -35.68 19.93 31.63
C LYS F 70 -35.70 19.93 30.11
N LEU F 71 -35.76 18.74 29.52
CA LEU F 71 -35.75 18.56 28.07
C LEU F 71 -36.91 17.67 27.63
N ASN F 72 -37.59 18.11 26.58
CA ASN F 72 -38.66 17.33 25.94
C ASN F 72 -38.13 16.01 25.36
N SER F 73 -36.92 16.06 24.81
CA SER F 73 -36.27 14.86 24.25
C SER F 73 -35.92 13.78 25.29
N LEU F 74 -36.01 14.09 26.59
CA LEU F 74 -35.80 13.11 27.66
C LEU F 74 -37.09 12.68 28.36
N MET F 75 -38.25 13.07 27.82
CA MET F 75 -39.54 12.64 28.37
C MET F 75 -39.92 11.24 27.91
N TRP F 76 -40.62 10.52 28.78
CA TRP F 76 -41.25 9.26 28.40
C TRP F 76 -42.47 9.00 29.29
N ASP F 77 -43.30 8.09 28.82
CA ASP F 77 -44.48 7.62 29.54
C ASP F 77 -44.07 6.38 30.32
N PRO F 78 -44.11 6.43 31.67
CA PRO F 78 -43.70 5.26 32.45
C PRO F 78 -44.48 3.97 32.14
N ASN F 79 -45.74 4.12 31.70
CA ASN F 79 -46.58 2.96 31.33
C ASN F 79 -46.05 2.18 30.14
N GLU F 80 -45.31 2.84 29.26
CA GLU F 80 -44.66 2.16 28.13
C GLU F 80 -43.33 1.49 28.48
N TYR F 81 -42.89 1.61 29.74
CA TYR F 81 -41.56 1.12 30.16
C TYR F 81 -41.58 0.50 31.56
N GLY F 82 -42.58 -0.34 31.81
CA GLY F 82 -42.70 -1.09 33.06
C GLY F 82 -42.75 -0.26 34.31
N ASN F 83 -43.36 0.93 34.23
CA ASN F 83 -43.50 1.85 35.37
C ASN F 83 -42.19 2.49 35.84
N ILE F 84 -41.16 2.48 35.00
CA ILE F 84 -39.92 3.20 35.33
C ILE F 84 -40.17 4.71 35.25
N THR F 85 -39.94 5.38 36.38
CA THR F 85 -40.17 6.82 36.51
C THR F 85 -38.88 7.65 36.46
N ASP F 86 -37.73 6.97 36.59
CA ASP F 86 -36.44 7.64 36.59
C ASP F 86 -35.31 6.66 36.31
N PHE F 87 -34.16 7.19 35.88
CA PHE F 87 -32.94 6.39 35.77
C PHE F 87 -31.69 7.25 35.99
N ARG F 88 -30.54 6.58 35.96
CA ARG F 88 -29.25 7.23 36.12
C ARG F 88 -28.45 7.08 34.85
N THR F 89 -27.68 8.12 34.53
CA THR F 89 -26.81 8.09 33.37
C THR F 89 -25.53 8.83 33.67
N SER F 90 -24.47 8.37 33.05
CA SER F 90 -23.20 9.08 33.11
C SER F 90 -23.41 10.47 32.54
N ALA F 91 -22.84 11.48 33.20
CA ALA F 91 -22.94 12.86 32.75
C ALA F 91 -22.31 13.08 31.36
N ALA F 92 -21.36 12.23 31.00
CA ALA F 92 -20.73 12.27 29.68
C ALA F 92 -21.69 11.88 28.54
N ASP F 93 -22.74 11.13 28.84
CA ASP F 93 -23.68 10.62 27.81
C ASP F 93 -24.87 11.52 27.53
N ILE F 94 -24.97 12.64 28.25
CA ILE F 94 -26.00 13.63 27.99
C ILE F 94 -25.36 14.99 27.88
N TRP F 95 -26.12 15.92 27.32
CA TRP F 95 -25.72 17.31 27.34
C TRP F 95 -25.78 17.81 28.78
N THR F 96 -24.80 18.60 29.18
CA THR F 96 -24.83 19.28 30.47
C THR F 96 -24.44 20.75 30.26
N PRO F 97 -24.93 21.63 31.14
CA PRO F 97 -24.65 23.05 30.93
C PRO F 97 -23.21 23.39 31.31
N ASP F 98 -22.65 24.37 30.60
CA ASP F 98 -21.25 24.80 30.79
C ASP F 98 -21.09 25.84 31.90
N ILE F 99 -21.67 25.56 33.06
CA ILE F 99 -21.66 26.53 34.16
C ILE F 99 -20.26 26.53 34.74
N THR F 100 -19.71 27.72 34.94
CA THR F 100 -18.31 27.88 35.33
C THR F 100 -18.15 28.99 36.35
N ALA F 101 -17.21 28.79 37.28
CA ALA F 101 -16.76 29.86 38.16
C ALA F 101 -15.96 30.84 37.32
N TYR F 102 -16.25 32.13 37.43
CA TYR F 102 -15.58 33.14 36.62
C TYR F 102 -14.26 33.63 37.22
N SER F 103 -14.00 33.37 38.50
CA SER F 103 -12.77 33.84 39.14
C SER F 103 -12.03 32.72 39.89
N SER F 104 -12.09 31.51 39.33
CA SER F 104 -11.28 30.42 39.84
C SER F 104 -9.80 30.69 39.54
N THR F 105 -8.93 30.12 40.36
CA THR F 105 -7.48 30.20 40.16
C THR F 105 -6.81 28.86 39.87
N ARG F 106 -7.57 27.76 39.97
CA ARG F 106 -7.09 26.42 39.61
CA ARG F 106 -7.08 26.42 39.62
C ARG F 106 -8.25 25.64 39.03
N PRO F 107 -7.98 24.61 38.22
CA PRO F 107 -9.11 23.82 37.72
C PRO F 107 -9.92 23.24 38.88
N VAL F 108 -11.25 23.23 38.74
CA VAL F 108 -12.12 22.67 39.76
C VAL F 108 -11.86 21.16 39.87
N GLN F 109 -11.86 20.65 41.09
CA GLN F 109 -11.64 19.23 41.32
C GLN F 109 -12.98 18.62 41.67
N VAL F 110 -13.35 17.58 40.93
CA VAL F 110 -14.62 16.90 41.13
C VAL F 110 -14.44 15.80 42.17
N LEU F 111 -15.35 15.73 43.13
CA LEU F 111 -15.28 14.80 44.25
C LEU F 111 -16.32 13.67 44.22
N SER F 112 -17.27 13.73 43.31
CA SER F 112 -18.37 12.80 43.25
C SER F 112 -18.41 12.13 41.89
N PRO F 113 -19.04 10.95 41.79
CA PRO F 113 -19.15 10.28 40.51
C PRO F 113 -20.02 11.10 39.57
N GLN F 114 -19.65 11.17 38.32
CA GLN F 114 -20.29 12.10 37.41
C GLN F 114 -21.54 11.46 36.82
N ILE F 115 -22.58 11.39 37.63
CA ILE F 115 -23.81 10.69 37.30
C ILE F 115 -25.00 11.62 37.52
N ALA F 116 -25.87 11.67 36.53
CA ALA F 116 -27.08 12.50 36.58
C ALA F 116 -28.32 11.63 36.73
N VAL F 117 -29.37 12.24 37.27
CA VAL F 117 -30.66 11.62 37.50
C VAL F 117 -31.64 12.17 36.47
N VAL F 118 -32.25 11.28 35.71
CA VAL F 118 -33.23 11.69 34.70
C VAL F 118 -34.59 11.13 35.10
N THR F 119 -35.59 12.01 35.14
CA THR F 119 -36.96 11.63 35.46
C THR F 119 -37.84 11.69 34.23
N HIS F 120 -38.95 10.95 34.29
CA HIS F 120 -39.86 10.77 33.14
C HIS F 120 -40.48 12.04 32.55
N ASP F 121 -40.58 13.10 33.35
CA ASP F 121 -40.97 14.43 32.86
C ASP F 121 -39.85 15.13 32.05
N GLY F 122 -38.71 14.47 31.87
CA GLY F 122 -37.59 15.03 31.11
C GLY F 122 -36.66 15.91 31.93
N SER F 123 -36.88 15.99 33.24
CA SER F 123 -36.02 16.80 34.09
C SER F 123 -34.76 16.02 34.50
N VAL F 124 -33.66 16.75 34.53
CA VAL F 124 -32.35 16.20 34.79
C VAL F 124 -31.82 16.89 36.01
N MET F 125 -31.26 16.12 36.92
CA MET F 125 -30.67 16.64 38.12
C MET F 125 -29.22 16.15 38.14
N PHE F 126 -28.31 17.10 38.27
CA PHE F 126 -26.90 16.82 38.26
C PHE F 126 -26.27 17.62 39.40
N ILE F 127 -25.61 16.91 40.31
CA ILE F 127 -25.08 17.52 41.52
C ILE F 127 -23.61 17.14 41.77
N PRO F 128 -22.68 17.76 41.01
CA PRO F 128 -21.27 17.49 41.28
C PRO F 128 -20.82 18.10 42.59
N ALA F 129 -20.19 17.30 43.43
CA ALA F 129 -19.40 17.81 44.56
C ALA F 129 -18.04 18.27 44.05
N GLN F 130 -17.60 19.43 44.51
CA GLN F 130 -16.44 20.10 43.94
C GLN F 130 -15.60 20.78 44.99
N ARG F 131 -14.28 20.77 44.75
CA ARG F 131 -13.36 21.65 45.44
C ARG F 131 -12.90 22.73 44.46
N LEU F 132 -13.02 23.98 44.90
CA LEU F 132 -12.72 25.16 44.08
C LEU F 132 -11.79 26.10 44.81
N SER F 133 -10.71 26.49 44.14
CA SER F 133 -9.86 27.60 44.57
C SER F 133 -10.28 28.83 43.78
N PHE F 134 -10.56 29.94 44.47
CA PHE F 134 -10.96 31.17 43.82
C PHE F 134 -10.37 32.41 44.51
N MET F 135 -10.45 33.53 43.81
CA MET F 135 -9.82 34.78 44.24
C MET F 135 -10.58 35.38 45.40
N CYS F 136 -9.88 35.55 46.52
CA CYS F 136 -10.51 35.97 47.74
C CYS F 136 -9.47 36.50 48.72
N ASP F 137 -9.69 37.73 49.19
CA ASP F 137 -8.84 38.36 50.20
C ASP F 137 -9.43 38.02 51.55
N PRO F 138 -8.75 37.18 52.35
CA PRO F 138 -9.29 36.80 53.64
C PRO F 138 -8.98 37.77 54.79
N THR F 139 -8.52 38.99 54.50
CA THR F 139 -8.33 40.02 55.53
C THR F 139 -9.59 40.18 56.38
N GLY F 140 -9.41 40.20 57.69
CA GLY F 140 -10.51 40.31 58.64
C GLY F 140 -11.07 38.97 59.12
N VAL F 141 -10.53 37.86 58.59
CA VAL F 141 -11.01 36.52 58.96
C VAL F 141 -10.74 36.19 60.43
N ASP F 142 -9.68 36.78 60.98
CA ASP F 142 -9.30 36.63 62.39
C ASP F 142 -9.94 37.72 63.29
N SER F 143 -11.12 38.21 62.92
CA SER F 143 -11.85 39.21 63.69
C SER F 143 -13.32 38.82 63.76
N GLU F 144 -14.06 39.49 64.62
CA GLU F 144 -15.49 39.22 64.82
C GLU F 144 -16.32 39.48 63.56
N GLU F 145 -15.98 40.54 62.86
CA GLU F 145 -16.70 40.90 61.64
C GLU F 145 -16.46 39.91 60.49
N GLY F 146 -15.29 39.30 60.47
CA GLY F 146 -14.95 38.28 59.49
C GLY F 146 -14.53 38.85 58.15
N ALA F 147 -14.24 37.96 57.21
CA ALA F 147 -13.91 38.31 55.84
C ALA F 147 -15.11 38.08 54.95
N THR F 148 -15.15 38.79 53.84
CA THR F 148 -16.21 38.62 52.84
C THR F 148 -15.56 38.31 51.50
N CYS F 149 -16.03 37.26 50.84
CA CYS F 149 -15.60 36.97 49.48
C CYS F 149 -16.74 36.57 48.59
N ALA F 150 -16.49 36.70 47.29
CA ALA F 150 -17.52 36.51 46.29
C ALA F 150 -16.94 35.83 45.06
N VAL F 151 -17.77 35.01 44.42
CA VAL F 151 -17.42 34.39 43.14
C VAL F 151 -18.69 34.18 42.31
N LYS F 152 -18.59 34.54 41.04
CA LYS F 152 -19.71 34.42 40.13
C LYS F 152 -19.64 33.13 39.35
N PHE F 153 -20.82 32.56 39.10
CA PHE F 153 -20.98 31.37 38.29
C PHE F 153 -21.92 31.67 37.13
N GLY F 154 -21.58 31.16 35.97
CA GLY F 154 -22.43 31.31 34.80
C GLY F 154 -21.96 30.50 33.64
N SER F 155 -22.77 30.48 32.59
CA SER F 155 -22.41 29.83 31.35
C SER F 155 -21.20 30.56 30.77
N TRP F 156 -20.27 29.81 30.18
CA TRP F 156 -19.10 30.39 29.55
C TRP F 156 -19.43 30.93 28.16
N VAL F 157 -20.33 30.26 27.45
CA VAL F 157 -20.57 30.58 26.04
C VAL F 157 -22.04 30.88 25.63
N TYR F 158 -22.97 30.89 26.58
CA TYR F 158 -24.37 31.15 26.27
C TYR F 158 -24.86 32.38 27.01
N SER F 159 -25.55 33.26 26.26
CA SER F 159 -26.21 34.43 26.84
C SER F 159 -27.49 34.02 27.57
N GLY F 160 -28.10 35.02 28.20
CA GLY F 160 -29.39 34.87 28.84
C GLY F 160 -30.54 34.50 27.91
N PHE F 161 -30.40 34.76 26.61
CA PHE F 161 -31.39 34.31 25.61
C PHE F 161 -31.22 32.87 25.18
N GLU F 162 -30.22 32.18 25.70
CA GLU F 162 -29.95 30.79 25.34
C GLU F 162 -30.00 29.88 26.57
N ILE F 163 -29.32 30.27 27.64
CA ILE F 163 -29.47 29.64 28.93
C ILE F 163 -30.00 30.66 29.93
N ASP F 164 -31.24 30.46 30.38
CA ASP F 164 -31.84 31.32 31.39
C ASP F 164 -31.49 30.72 32.73
N LEU F 165 -30.49 31.32 33.36
CA LEU F 165 -29.95 30.82 34.60
C LEU F 165 -30.77 31.35 35.75
N LYS F 166 -31.25 30.46 36.61
CA LYS F 166 -32.10 30.83 37.77
C LYS F 166 -31.62 30.20 39.07
N THR F 167 -32.15 30.71 40.18
CA THR F 167 -32.04 30.10 41.49
C THR F 167 -33.45 29.84 42.03
N ASP F 168 -33.56 28.90 42.96
CA ASP F 168 -34.82 28.64 43.72
C ASP F 168 -34.88 29.47 44.99
N THR F 169 -33.71 29.84 45.51
CA THR F 169 -33.60 30.64 46.71
C THR F 169 -32.30 31.41 46.61
N ASP F 170 -32.22 32.52 47.33
CA ASP F 170 -30.98 33.25 47.41
C ASP F 170 -30.17 32.88 48.67
N GLN F 171 -30.67 31.93 49.47
CA GLN F 171 -29.93 31.42 50.62
C GLN F 171 -29.14 30.18 50.24
N VAL F 172 -27.83 30.23 50.46
CA VAL F 172 -26.97 29.04 50.27
C VAL F 172 -27.39 28.05 51.34
N ASP F 173 -27.46 26.77 50.97
CA ASP F 173 -27.82 25.73 51.94
C ASP F 173 -26.59 25.45 52.82
N LEU F 174 -26.72 25.75 54.11
CA LEU F 174 -25.64 25.55 55.10
C LEU F 174 -25.92 24.40 56.06
N SER F 175 -26.97 23.62 55.78
CA SER F 175 -27.40 22.57 56.72
C SER F 175 -26.44 21.38 56.81
N SER F 176 -25.56 21.23 55.82
CA SER F 176 -24.49 20.22 55.83
C SER F 176 -23.10 20.83 56.05
N TYR F 177 -23.02 22.11 56.43
CA TYR F 177 -21.71 22.71 56.59
C TYR F 177 -20.96 21.98 57.71
N TYR F 178 -19.70 21.70 57.47
CA TYR F 178 -18.86 20.95 58.42
C TYR F 178 -18.72 21.68 59.75
N ALA F 179 -19.28 21.09 60.80
CA ALA F 179 -19.34 21.74 62.12
C ALA F 179 -17.97 22.01 62.77
N SER F 180 -16.93 21.27 62.39
CA SER F 180 -15.60 21.48 62.95
C SER F 180 -14.60 22.06 61.94
N SER F 181 -15.13 22.75 60.92
CA SER F 181 -14.29 23.51 60.01
C SER F 181 -13.42 24.51 60.77
N LYS F 182 -12.30 24.90 60.15
CA LYS F 182 -11.47 25.99 60.67
C LYS F 182 -12.20 27.31 60.60
N TYR F 183 -13.16 27.41 59.69
CA TYR F 183 -13.90 28.64 59.46
C TYR F 183 -15.38 28.41 59.71
N GLU F 184 -15.99 29.31 60.45
CA GLU F 184 -17.44 29.31 60.62
C GLU F 184 -18.04 30.33 59.62
N ILE F 185 -19.23 30.00 59.12
CA ILE F 185 -19.96 30.83 58.16
C ILE F 185 -20.90 31.77 58.88
N LEU F 186 -20.74 33.06 58.63
CA LEU F 186 -21.64 34.11 59.14
C LEU F 186 -22.82 34.29 58.22
N SER F 187 -22.59 34.24 56.91
CA SER F 187 -23.66 34.18 55.93
C SER F 187 -23.14 33.72 54.58
N ALA F 188 -24.07 33.21 53.78
CA ALA F 188 -23.76 32.74 52.48
C ALA F 188 -25.00 32.92 51.61
N THR F 189 -24.87 33.74 50.57
CA THR F 189 -25.98 34.04 49.65
C THR F 189 -25.59 33.75 48.21
N GLN F 190 -26.60 33.49 47.40
CA GLN F 190 -26.47 33.17 45.99
C GLN F 190 -27.50 34.00 45.22
N THR F 191 -27.03 35.02 44.51
CA THR F 191 -27.92 36.03 43.94
C THR F 191 -27.79 36.06 42.42
N ARG F 192 -28.91 35.84 41.75
CA ARG F 192 -28.97 35.95 40.30
C ARG F 192 -28.77 37.41 39.91
N GLN F 193 -27.84 37.67 38.99
CA GLN F 193 -27.59 39.02 38.49
C GLN F 193 -27.69 39.03 36.97
N VAL F 194 -28.24 40.11 36.44
CA VAL F 194 -28.37 40.33 35.00
C VAL F 194 -27.43 41.45 34.64
N GLN F 195 -26.70 41.25 33.55
CA GLN F 195 -25.73 42.22 33.11
C GLN F 195 -25.82 42.50 31.62
N HIS F 196 -25.60 43.76 31.26
CA HIS F 196 -25.50 44.14 29.85
C HIS F 196 -24.10 44.63 29.46
N TYR F 197 -23.74 44.27 28.24
CA TYR F 197 -22.50 44.72 27.63
C TYR F 197 -22.89 45.66 26.51
N SER F 198 -22.18 46.78 26.40
CA SER F 198 -22.55 47.84 25.46
C SER F 198 -22.55 47.43 23.98
N CYS F 199 -21.80 46.38 23.63
CA CYS F 199 -21.79 45.84 22.27
C CYS F 199 -23.12 45.24 21.81
N CYS F 200 -23.92 44.76 22.76
CA CYS F 200 -24.84 43.66 22.51
C CYS F 200 -26.16 43.87 23.26
N PRO F 201 -27.30 43.56 22.62
CA PRO F 201 -28.58 43.77 23.31
C PRO F 201 -28.97 42.67 24.32
N GLU F 202 -28.50 41.44 24.08
CA GLU F 202 -28.81 40.26 24.95
C GLU F 202 -28.29 40.41 26.39
N PRO F 203 -29.06 39.91 27.37
CA PRO F 203 -28.65 39.94 28.77
C PRO F 203 -27.70 38.78 29.04
N TYR F 204 -26.79 38.99 29.98
CA TYR F 204 -25.89 37.96 30.46
C TYR F 204 -26.14 37.74 31.94
N ILE F 205 -26.26 36.47 32.32
CA ILE F 205 -26.71 36.08 33.65
C ILE F 205 -25.59 35.41 34.38
N ASP F 206 -25.46 35.74 35.65
CA ASP F 206 -24.63 34.95 36.54
C ASP F 206 -25.29 34.81 37.92
N VAL F 207 -24.76 33.89 38.71
CA VAL F 207 -25.17 33.72 40.08
C VAL F 207 -23.95 34.07 40.91
N ASN F 208 -24.10 35.09 41.75
CA ASN F 208 -23.03 35.56 42.60
C ASN F 208 -23.10 34.91 43.98
N LEU F 209 -22.07 34.13 44.31
CA LEU F 209 -21.99 33.45 45.58
C LEU F 209 -21.17 34.31 46.51
N VAL F 210 -21.79 34.84 47.57
CA VAL F 210 -21.12 35.73 48.52
C VAL F 210 -21.08 35.01 49.84
N VAL F 211 -19.88 34.83 50.37
CA VAL F 211 -19.68 34.12 51.63
C VAL F 211 -18.96 35.04 52.62
N LYS F 212 -19.54 35.15 53.81
CA LYS F 212 -18.94 35.85 54.95
C LYS F 212 -18.57 34.82 56.00
N PHE F 213 -17.33 34.89 56.45
CA PHE F 213 -16.77 33.84 57.29
C PHE F 213 -15.67 34.35 58.19
N ARG F 214 -15.40 33.61 59.25
CA ARG F 214 -14.29 33.93 60.14
C ARG F 214 -13.72 32.68 60.78
N GLU F 215 -12.52 32.80 61.34
CA GLU F 215 -11.89 31.72 62.08
C GLU F 215 -12.78 31.34 63.25
N ARG F 216 -12.96 30.04 63.44
CA ARG F 216 -13.76 29.48 64.53
C ARG F 216 -13.06 29.63 65.86
N ARG F 217 -13.82 29.92 66.91
CA ARG F 217 -13.30 30.02 68.28
C ARG F 217 -14.30 29.36 69.22
N HIS G 10 -6.69 -24.17 25.11
CA HIS G 10 -7.68 -25.06 25.81
C HIS G 10 -8.42 -24.31 26.99
N SER G 11 -7.77 -24.21 28.17
CA SER G 11 -8.30 -23.38 29.28
C SER G 11 -8.34 -21.94 28.84
N GLN G 12 -7.32 -21.51 28.06
CA GLN G 12 -7.28 -20.13 27.51
C GLN G 12 -8.46 -19.86 26.58
N ALA G 13 -8.73 -20.80 25.68
CA ALA G 13 -9.85 -20.67 24.72
C ALA G 13 -11.20 -20.58 25.42
N ASN G 14 -11.37 -21.39 26.45
CA ASN G 14 -12.58 -21.35 27.27
C ASN G 14 -12.78 -20.03 28.03
N LEU G 15 -11.69 -19.49 28.58
CA LEU G 15 -11.74 -18.20 29.26
C LEU G 15 -12.16 -17.08 28.29
N MET G 16 -11.54 -17.07 27.12
CA MET G 16 -11.86 -16.07 26.08
C MET G 16 -13.30 -16.18 25.61
N ARG G 17 -13.77 -17.41 25.42
CA ARG G 17 -15.15 -17.66 25.02
C ARG G 17 -16.13 -17.19 26.10
N LEU G 18 -15.82 -17.48 27.36
CA LEU G 18 -16.64 -17.05 28.49
C LEU G 18 -16.77 -15.53 28.54
N LYS G 19 -15.63 -14.85 28.49
CA LYS G 19 -15.62 -13.39 28.54
C LYS G 19 -16.36 -12.78 27.36
N SER G 20 -16.13 -13.35 26.16
CA SER G 20 -16.87 -12.94 24.97
C SER G 20 -18.37 -13.14 25.16
N ASP G 21 -18.77 -14.29 25.70
CA ASP G 21 -20.19 -14.57 25.94
C ASP G 21 -20.84 -13.58 26.92
N LEU G 22 -20.14 -13.23 27.99
CA LEU G 22 -20.68 -12.31 29.01
C LEU G 22 -20.63 -10.85 28.59
N PHE G 23 -19.57 -10.44 27.91
CA PHE G 23 -19.32 -9.02 27.61
C PHE G 23 -19.74 -8.54 26.21
N ASN G 24 -19.67 -9.43 25.21
CA ASN G 24 -19.91 -9.08 23.81
C ASN G 24 -21.24 -9.60 23.27
N ARG G 25 -21.57 -10.86 23.56
CA ARG G 25 -22.84 -11.47 23.11
C ARG G 25 -24.02 -11.14 23.97
N SER G 26 -23.80 -10.76 25.23
CA SER G 26 -24.88 -10.46 26.14
C SER G 26 -24.99 -8.96 26.33
N PRO G 27 -26.23 -8.46 26.49
CA PRO G 27 -26.39 -7.08 26.94
C PRO G 27 -25.93 -6.96 28.40
N MET G 28 -25.33 -5.84 28.74
CA MET G 28 -24.71 -5.69 30.05
C MET G 28 -25.55 -4.85 31.04
N TYR G 29 -25.34 -5.18 32.31
CA TYR G 29 -26.10 -4.60 33.43
C TYR G 29 -26.21 -3.07 33.38
N PRO G 30 -27.43 -2.53 33.28
CA PRO G 30 -27.66 -1.09 33.18
C PRO G 30 -27.71 -0.39 34.54
N GLY G 31 -27.57 -1.14 35.62
CA GLY G 31 -27.67 -0.60 36.97
C GLY G 31 -28.95 -1.10 37.63
N PRO G 32 -29.07 -0.90 38.94
CA PRO G 32 -30.24 -1.37 39.67
C PRO G 32 -31.47 -0.48 39.49
N THR G 33 -32.63 -1.05 39.79
CA THR G 33 -33.92 -0.36 39.75
C THR G 33 -34.67 -0.63 41.05
N LYS G 34 -35.77 0.08 41.25
CA LYS G 34 -36.65 -0.15 42.41
C LYS G 34 -37.25 -1.56 42.38
N ASP G 35 -37.58 -2.04 41.19
CA ASP G 35 -38.11 -3.40 41.02
C ASP G 35 -37.05 -4.48 41.18
N ASP G 36 -35.79 -4.10 40.97
CA ASP G 36 -34.66 -5.04 41.00
C ASP G 36 -33.48 -4.44 41.78
N PRO G 37 -33.64 -4.28 43.09
CA PRO G 37 -32.58 -3.66 43.88
C PRO G 37 -31.34 -4.53 43.99
N LEU G 38 -30.20 -3.89 44.20
CA LEU G 38 -28.93 -4.59 44.27
C LEU G 38 -28.36 -4.45 45.67
N THR G 39 -27.94 -5.57 46.24
CA THR G 39 -27.22 -5.55 47.50
C THR G 39 -25.73 -5.34 47.22
N VAL G 40 -25.16 -4.33 47.87
CA VAL G 40 -23.72 -4.10 47.79
C VAL G 40 -23.17 -4.15 49.21
N THR G 41 -22.19 -5.01 49.41
CA THR G 41 -21.58 -5.17 50.72
C THR G 41 -20.23 -4.47 50.71
N LEU G 42 -20.01 -3.71 51.77
CA LEU G 42 -18.90 -2.80 51.86
C LEU G 42 -18.13 -3.04 53.15
N GLY G 43 -16.80 -3.02 53.07
CA GLY G 43 -15.95 -3.13 54.25
C GLY G 43 -14.61 -2.46 54.02
N PHE G 44 -14.01 -1.98 55.11
CA PHE G 44 -12.76 -1.24 55.05
C PHE G 44 -11.65 -1.96 55.78
N THR G 45 -10.47 -1.90 55.18
CA THR G 45 -9.24 -2.37 55.78
C THR G 45 -8.32 -1.15 55.83
N LEU G 46 -8.12 -0.64 57.04
CA LEU G 46 -7.41 0.61 57.21
C LEU G 46 -5.92 0.33 57.30
N GLN G 47 -5.15 0.95 56.41
CA GLN G 47 -3.72 0.69 56.32
C GLN G 47 -2.85 1.75 57.00
N ASP G 48 -3.25 3.01 56.92
CA ASP G 48 -2.42 4.09 57.46
C ASP G 48 -3.20 5.40 57.56
N ILE G 49 -3.00 6.10 58.68
CA ILE G 49 -3.33 7.52 58.74
C ILE G 49 -2.01 8.20 58.43
N VAL G 50 -1.93 8.82 57.25
CA VAL G 50 -0.69 9.34 56.75
C VAL G 50 -0.39 10.70 57.36
N LYS G 51 -1.44 11.51 57.44
CA LYS G 51 -1.28 12.92 57.73
C LYS G 51 -2.53 13.46 58.40
N ALA G 52 -2.33 14.31 59.41
CA ALA G 52 -3.41 15.04 60.06
C ALA G 52 -3.03 16.51 60.09
N ASP G 53 -3.81 17.33 59.39
CA ASP G 53 -3.48 18.74 59.17
C ASP G 53 -4.47 19.60 59.97
N SER G 54 -3.98 20.15 61.08
CA SER G 54 -4.81 20.96 61.96
C SER G 54 -4.96 22.40 61.47
N SER G 55 -4.18 22.82 60.48
CA SER G 55 -4.35 24.14 59.86
C SER G 55 -5.53 24.19 58.87
N THR G 56 -5.92 23.04 58.32
CA THR G 56 -7.08 22.96 57.41
C THR G 56 -8.18 21.98 57.84
N ASN G 57 -7.92 21.21 58.91
CA ASN G 57 -8.83 20.16 59.37
C ASN G 57 -9.16 19.17 58.25
N GLU G 58 -8.09 18.63 57.70
CA GLU G 58 -8.11 17.54 56.74
C GLU G 58 -7.22 16.42 57.27
N VAL G 59 -7.69 15.18 57.12
CA VAL G 59 -6.90 14.00 57.45
C VAL G 59 -6.83 13.11 56.24
N ASP G 60 -5.66 12.49 56.06
CA ASP G 60 -5.41 11.62 54.91
C ASP G 60 -5.28 10.18 55.38
N LEU G 61 -6.15 9.31 54.84
CA LEU G 61 -6.12 7.88 55.10
C LEU G 61 -5.73 7.11 53.87
N VAL G 62 -5.08 5.96 54.10
CA VAL G 62 -4.86 4.95 53.08
C VAL G 62 -5.59 3.71 53.57
N TYR G 63 -6.46 3.18 52.72
CA TYR G 63 -7.27 2.02 53.06
C TYR G 63 -7.58 1.21 51.82
N TYR G 64 -8.01 -0.03 52.03
CA TYR G 64 -8.57 -0.85 50.98
C TYR G 64 -10.07 -0.86 51.19
N GLU G 65 -10.81 -0.59 50.12
CA GLU G 65 -12.27 -0.53 50.19
C GLU G 65 -12.86 -1.74 49.49
N GLN G 66 -13.32 -2.71 50.27
CA GLN G 66 -13.81 -3.96 49.73
C GLN G 66 -15.28 -3.83 49.34
N GLN G 67 -15.60 -4.08 48.08
CA GLN G 67 -16.95 -4.00 47.56
C GLN G 67 -17.33 -5.32 46.95
N ARG G 68 -18.54 -5.79 47.25
CA ARG G 68 -19.04 -7.03 46.72
C ARG G 68 -20.52 -6.91 46.34
N TRP G 69 -20.85 -7.45 45.17
CA TRP G 69 -22.24 -7.55 44.73
C TRP G 69 -22.39 -8.76 43.84
N LYS G 70 -23.63 -9.07 43.49
CA LYS G 70 -23.92 -10.27 42.73
C LYS G 70 -24.95 -9.99 41.65
N LEU G 71 -24.67 -10.46 40.43
CA LEU G 71 -25.54 -10.27 39.29
C LEU G 71 -25.84 -11.60 38.60
N ASN G 72 -27.12 -11.80 38.27
CA ASN G 72 -27.56 -12.95 37.48
C ASN G 72 -26.94 -12.96 36.08
N SER G 73 -26.80 -11.78 35.48
CA SER G 73 -26.18 -11.65 34.16
C SER G 73 -24.68 -12.03 34.10
N LEU G 74 -24.04 -12.18 35.25
CA LEU G 74 -22.64 -12.66 35.31
C LEU G 74 -22.49 -14.11 35.77
N MET G 75 -23.60 -14.85 35.87
CA MET G 75 -23.57 -16.27 36.23
C MET G 75 -23.21 -17.15 35.03
N TRP G 76 -22.51 -18.23 35.29
CA TRP G 76 -22.31 -19.29 34.30
C TRP G 76 -22.13 -20.63 34.98
N ASP G 77 -22.27 -21.69 34.19
CA ASP G 77 -22.04 -23.05 34.62
C ASP G 77 -20.59 -23.38 34.27
N PRO G 78 -19.73 -23.64 35.28
CA PRO G 78 -18.33 -23.98 34.96
C PRO G 78 -18.13 -25.20 34.05
N ASN G 79 -19.08 -26.14 34.06
CA ASN G 79 -19.03 -27.31 33.17
C ASN G 79 -19.13 -26.99 31.69
N GLU G 80 -19.78 -25.88 31.36
CA GLU G 80 -19.85 -25.40 29.97
C GLU G 80 -18.61 -24.60 29.53
N TYR G 81 -17.64 -24.39 30.42
CA TYR G 81 -16.48 -23.53 30.15
C TYR G 81 -15.18 -24.09 30.74
N GLY G 82 -14.97 -25.39 30.54
CA GLY G 82 -13.74 -26.07 30.95
C GLY G 82 -13.42 -25.98 32.42
N ASN G 83 -14.45 -25.98 33.26
CA ASN G 83 -14.29 -25.90 34.73
C ASN G 83 -13.77 -24.55 35.26
N ILE G 84 -13.87 -23.49 34.46
CA ILE G 84 -13.50 -22.16 34.94
C ILE G 84 -14.55 -21.70 35.95
N THR G 85 -14.10 -21.40 37.15
CA THR G 85 -14.95 -20.98 38.26
C THR G 85 -14.88 -19.46 38.54
N ASP G 86 -13.87 -18.79 37.98
CA ASP G 86 -13.68 -17.35 38.19
C ASP G 86 -12.78 -16.75 37.11
N PHE G 87 -12.87 -15.44 36.92
CA PHE G 87 -11.93 -14.71 36.08
C PHE G 87 -11.73 -13.27 36.58
N ARG G 88 -10.82 -12.56 35.91
CA ARG G 88 -10.54 -11.17 36.19
C ARG G 88 -10.95 -10.29 35.04
N THR G 89 -11.42 -9.09 35.36
CA THR G 89 -11.80 -8.12 34.34
C THR G 89 -11.44 -6.75 34.82
N SER G 90 -11.11 -5.90 33.86
CA SER G 90 -10.96 -4.48 34.14
C SER G 90 -12.26 -3.93 34.69
N ALA G 91 -12.16 -3.10 35.73
CA ALA G 91 -13.34 -2.48 36.35
C ALA G 91 -14.12 -1.57 35.40
N ALA G 92 -13.43 -1.05 34.40
CA ALA G 92 -14.07 -0.24 33.35
C ALA G 92 -15.03 -1.04 32.44
N ASP G 93 -14.84 -2.37 32.34
CA ASP G 93 -15.65 -3.22 31.47
C ASP G 93 -16.92 -3.82 32.11
N ILE G 94 -17.14 -3.53 33.40
CA ILE G 94 -18.36 -3.94 34.08
C ILE G 94 -18.96 -2.74 34.78
N TRP G 95 -20.23 -2.86 35.14
CA TRP G 95 -20.87 -1.91 36.01
C TRP G 95 -20.22 -2.02 37.39
N THR G 96 -19.99 -0.87 38.02
CA THR G 96 -19.54 -0.84 39.41
C THR G 96 -20.36 0.19 40.18
N PRO G 97 -20.52 -0.03 41.49
CA PRO G 97 -21.37 0.88 42.26
C PRO G 97 -20.71 2.22 42.48
N ASP G 98 -21.51 3.27 42.52
CA ASP G 98 -21.02 4.66 42.69
C ASP G 98 -20.80 5.06 44.15
N ILE G 99 -20.10 4.21 44.89
CA ILE G 99 -19.92 4.43 46.32
C ILE G 99 -18.91 5.56 46.47
N THR G 100 -19.23 6.53 47.32
CA THR G 100 -18.47 7.76 47.43
C THR G 100 -18.37 8.19 48.86
N ALA G 101 -17.21 8.75 49.23
CA ALA G 101 -17.05 9.47 50.48
C ALA G 101 -17.84 10.77 50.40
N TYR G 102 -18.65 11.05 51.40
CA TYR G 102 -19.51 12.22 51.37
C TYR G 102 -18.81 13.50 51.82
N SER G 103 -17.67 13.39 52.50
CA SER G 103 -16.99 14.55 53.05
C SER G 103 -15.51 14.57 52.69
N SER G 104 -15.19 14.09 51.49
CA SER G 104 -13.85 14.21 50.97
C SER G 104 -13.56 15.69 50.64
N THR G 105 -12.30 16.06 50.69
CA THR G 105 -11.85 17.41 50.31
C THR G 105 -10.97 17.46 49.06
N ARG G 106 -10.57 16.29 48.55
CA ARG G 106 -9.79 16.18 47.32
CA ARG G 106 -9.79 16.18 47.32
C ARG G 106 -10.24 14.91 46.61
N PRO G 107 -10.05 14.84 45.27
CA PRO G 107 -10.38 13.58 44.61
C PRO G 107 -9.61 12.41 45.19
N VAL G 108 -10.27 11.26 45.33
CA VAL G 108 -9.59 10.08 45.87
C VAL G 108 -8.49 9.67 44.90
N GLN G 109 -7.39 9.22 45.43
CA GLN G 109 -6.30 8.72 44.61
C GLN G 109 -6.25 7.18 44.71
N VAL G 110 -6.30 6.53 43.56
CA VAL G 110 -6.37 5.07 43.49
C VAL G 110 -4.95 4.55 43.45
N LEU G 111 -4.67 3.53 44.26
CA LEU G 111 -3.33 2.99 44.44
C LEU G 111 -3.13 1.59 43.87
N SER G 112 -4.21 0.95 43.41
CA SER G 112 -4.17 -0.42 42.96
C SER G 112 -4.70 -0.51 41.54
N PRO G 113 -4.36 -1.58 40.80
CA PRO G 113 -4.90 -1.76 39.46
C PRO G 113 -6.41 -2.00 39.51
N GLN G 114 -7.13 -1.39 38.59
CA GLN G 114 -8.56 -1.37 38.68
C GLN G 114 -9.12 -2.64 38.05
N ILE G 115 -8.98 -3.74 38.80
CA ILE G 115 -9.37 -5.08 38.33
C ILE G 115 -10.29 -5.74 39.34
N ALA G 116 -11.38 -6.31 38.83
CA ALA G 116 -12.37 -6.98 39.64
C ALA G 116 -12.30 -8.49 39.41
N VAL G 117 -12.77 -9.23 40.41
CA VAL G 117 -12.83 -10.69 40.39
C VAL G 117 -14.29 -11.10 40.22
N VAL G 118 -14.56 -11.91 39.20
CA VAL G 118 -15.91 -12.39 38.94
C VAL G 118 -15.92 -13.90 39.12
N THR G 119 -16.83 -14.38 39.97
CA THR G 119 -17.02 -15.83 40.24
C THR G 119 -18.30 -16.34 39.54
N HIS G 120 -18.34 -17.64 39.25
CA HIS G 120 -19.39 -18.29 38.44
C HIS G 120 -20.81 -18.16 38.99
N ASP G 121 -20.94 -17.93 40.30
CA ASP G 121 -22.23 -17.58 40.91
C ASP G 121 -22.68 -16.14 40.60
N GLY G 122 -21.90 -15.38 39.81
CA GLY G 122 -22.25 -14.02 39.43
C GLY G 122 -21.80 -12.97 40.42
N SER G 123 -21.06 -13.37 41.46
CA SER G 123 -20.59 -12.41 42.45
C SER G 123 -19.30 -11.75 41.97
N VAL G 124 -19.21 -10.46 42.26
CA VAL G 124 -18.13 -9.61 41.84
C VAL G 124 -17.47 -9.07 43.09
N MET G 125 -16.15 -9.12 43.11
CA MET G 125 -15.37 -8.58 44.21
C MET G 125 -14.44 -7.52 43.61
N PHE G 126 -14.50 -6.31 44.18
CA PHE G 126 -13.72 -5.18 43.71
C PHE G 126 -13.14 -4.45 44.91
N ILE G 127 -11.81 -4.34 44.97
CA ILE G 127 -11.12 -3.86 46.16
C ILE G 127 -10.09 -2.80 45.81
N PRO G 128 -10.55 -1.57 45.51
CA PRO G 128 -9.58 -0.50 45.25
C PRO G 128 -8.86 -0.03 46.51
N ALA G 129 -7.54 0.00 46.45
CA ALA G 129 -6.74 0.68 47.46
C ALA G 129 -6.78 2.17 47.14
N GLN G 130 -6.96 2.99 48.16
CA GLN G 130 -7.21 4.42 47.99
C GLN G 130 -6.54 5.27 49.03
N ARG G 131 -6.12 6.46 48.61
CA ARG G 131 -5.77 7.54 49.51
C ARG G 131 -6.84 8.61 49.45
N LEU G 132 -7.34 9.00 50.63
CA LEU G 132 -8.47 9.90 50.77
C LEU G 132 -8.14 11.00 51.75
N SER G 133 -8.37 12.24 51.33
CA SER G 133 -8.38 13.40 52.22
C SER G 133 -9.83 13.73 52.56
N PHE G 134 -10.13 13.84 53.83
CA PHE G 134 -11.50 14.15 54.26
C PHE G 134 -11.51 15.10 55.45
N MET G 135 -12.69 15.64 55.71
CA MET G 135 -12.87 16.67 56.73
C MET G 135 -12.78 16.06 58.11
N CYS G 136 -11.83 16.55 58.91
CA CYS G 136 -11.54 15.97 60.20
C CYS G 136 -10.75 16.96 61.05
N ASP G 137 -11.27 17.25 62.23
CA ASP G 137 -10.60 18.10 63.21
C ASP G 137 -9.74 17.19 64.09
N PRO G 138 -8.41 17.27 63.96
CA PRO G 138 -7.55 16.38 64.75
C PRO G 138 -7.23 16.88 66.16
N THR G 139 -7.96 17.88 66.68
CA THR G 139 -7.79 18.33 68.07
C THR G 139 -7.89 17.15 69.04
N GLY G 140 -6.95 17.10 69.97
CA GLY G 140 -6.85 16.00 70.93
C GLY G 140 -5.97 14.83 70.48
N VAL G 141 -5.42 14.90 69.26
CA VAL G 141 -4.57 13.82 68.72
C VAL G 141 -3.26 13.67 69.51
N ASP G 142 -2.79 14.77 70.10
CA ASP G 142 -1.59 14.78 70.96
C ASP G 142 -1.93 14.56 72.45
N SER G 143 -2.99 13.80 72.73
CA SER G 143 -3.39 13.46 74.09
C SER G 143 -3.75 11.98 74.16
N GLU G 144 -3.90 11.48 75.38
CA GLU G 144 -4.23 10.08 75.62
C GLU G 144 -5.59 9.68 75.05
N GLU G 145 -6.58 10.57 75.18
CA GLU G 145 -7.94 10.31 74.69
C GLU G 145 -8.01 10.30 73.14
N GLY G 146 -7.12 11.05 72.49
CA GLY G 146 -7.00 11.04 71.04
C GLY G 146 -8.07 11.88 70.38
N ALA G 147 -8.03 11.90 69.05
CA ALA G 147 -9.00 12.60 68.23
C ALA G 147 -9.97 11.60 67.68
N THR G 148 -11.17 12.05 67.35
CA THR G 148 -12.20 11.23 66.74
C THR G 148 -12.66 11.90 65.46
N CYS G 149 -12.64 11.14 64.36
CA CYS G 149 -13.19 11.62 63.11
C CYS G 149 -14.05 10.60 62.44
N ALA G 150 -14.90 11.10 61.57
CA ALA G 150 -15.90 10.29 60.90
C ALA G 150 -16.08 10.71 59.45
N VAL G 151 -16.37 9.73 58.61
CA VAL G 151 -16.69 9.99 57.21
C VAL G 151 -17.67 8.93 56.72
N LYS G 152 -18.71 9.39 56.04
CA LYS G 152 -19.74 8.52 55.51
C LYS G 152 -19.46 8.15 54.07
N PHE G 153 -19.80 6.91 53.75
CA PHE G 153 -19.69 6.38 52.39
C PHE G 153 -21.06 5.88 51.96
N GLY G 154 -21.40 6.17 50.72
CA GLY G 154 -22.66 5.70 50.18
C GLY G 154 -22.76 5.98 48.70
N SER G 155 -23.81 5.45 48.10
CA SER G 155 -24.11 5.75 46.72
C SER G 155 -24.39 7.23 46.58
N TRP G 156 -23.95 7.82 45.48
CA TRP G 156 -24.22 9.22 45.21
C TRP G 156 -25.64 9.42 44.68
N VAL G 157 -26.14 8.48 43.86
CA VAL G 157 -27.39 8.68 43.13
C VAL G 157 -28.49 7.63 43.35
N TYR G 158 -28.25 6.64 44.19
CA TYR G 158 -29.24 5.58 44.44
C TYR G 158 -29.67 5.56 45.89
N SER G 159 -30.98 5.48 46.09
CA SER G 159 -31.55 5.30 47.42
C SER G 159 -31.38 3.86 47.89
N GLY G 160 -31.81 3.64 49.13
CA GLY G 160 -31.89 2.30 49.72
C GLY G 160 -32.82 1.32 49.05
N PHE G 161 -33.79 1.81 48.28
CA PHE G 161 -34.64 0.95 47.45
C PHE G 161 -34.00 0.53 46.12
N GLU G 162 -32.80 1.01 45.83
CA GLU G 162 -32.10 0.68 44.60
C GLU G 162 -30.77 -0.01 44.87
N ILE G 163 -29.96 0.57 45.75
CA ILE G 163 -28.76 -0.09 46.25
C ILE G 163 -28.93 -0.29 47.76
N ASP G 164 -29.05 -1.54 48.15
CA ASP G 164 -29.10 -1.89 49.56
C ASP G 164 -27.66 -2.10 50.03
N LEU G 165 -27.16 -1.09 50.71
CA LEU G 165 -25.79 -1.07 51.14
C LEU G 165 -25.68 -1.79 52.47
N LYS G 166 -24.78 -2.77 52.58
CA LYS G 166 -24.59 -3.56 53.80
C LYS G 166 -23.12 -3.68 54.21
N THR G 167 -22.90 -4.11 55.44
CA THR G 167 -21.59 -4.51 55.94
C THR G 167 -21.67 -5.95 56.43
N ASP G 168 -20.53 -6.62 56.47
CA ASP G 168 -20.40 -7.97 57.06
C ASP G 168 -20.03 -7.89 58.54
N THR G 169 -19.40 -6.80 58.93
CA THR G 169 -19.02 -6.57 60.31
C THR G 169 -18.98 -5.08 60.53
N ASP G 170 -19.11 -4.66 61.77
CA ASP G 170 -18.96 -3.25 62.11
C ASP G 170 -17.55 -2.92 62.60
N GLN G 171 -16.66 -3.92 62.63
CA GLN G 171 -15.25 -3.69 62.95
C GLN G 171 -14.42 -3.46 61.69
N VAL G 172 -13.76 -2.32 61.62
CA VAL G 172 -12.80 -2.05 60.55
C VAL G 172 -11.64 -3.03 60.72
N ASP G 173 -11.16 -3.58 59.62
CA ASP G 173 -10.06 -4.52 59.68
C ASP G 173 -8.77 -3.72 59.88
N LEU G 174 -8.13 -3.92 61.03
CA LEU G 174 -6.88 -3.24 61.41
C LEU G 174 -5.68 -4.16 61.38
N SER G 175 -5.83 -5.37 60.86
CA SER G 175 -4.77 -6.38 60.92
C SER G 175 -3.59 -6.06 60.01
N SER G 176 -3.77 -5.18 59.03
CA SER G 176 -2.70 -4.68 58.16
C SER G 176 -2.33 -3.23 58.46
N TYR G 177 -2.80 -2.67 59.56
CA TYR G 177 -2.49 -1.27 59.86
C TYR G 177 -0.99 -1.13 60.04
N TYR G 178 -0.41 -0.10 59.45
CA TYR G 178 1.02 0.13 59.46
C TYR G 178 1.54 0.35 60.88
N ALA G 179 2.36 -0.58 61.35
CA ALA G 179 2.83 -0.58 62.76
C ALA G 179 3.70 0.62 63.15
N SER G 180 4.32 1.29 62.18
CA SER G 180 5.16 2.46 62.49
C SER G 180 4.55 3.75 61.95
N SER G 181 3.23 3.77 61.77
CA SER G 181 2.52 5.00 61.45
C SER G 181 2.81 6.09 62.50
N LYS G 182 2.66 7.34 62.09
CA LYS G 182 2.70 8.46 63.05
C LYS G 182 1.53 8.42 64.01
N TYR G 183 0.45 7.79 63.60
CA TYR G 183 -0.77 7.71 64.39
C TYR G 183 -1.13 6.27 64.68
N GLU G 184 -1.46 6.01 65.93
CA GLU G 184 -1.97 4.72 66.33
C GLU G 184 -3.47 4.78 66.42
N ILE G 185 -4.10 3.67 66.06
CA ILE G 185 -5.56 3.56 66.07
C ILE G 185 -6.04 3.03 67.42
N LEU G 186 -6.90 3.79 68.07
CA LEU G 186 -7.58 3.36 69.31
C LEU G 186 -8.84 2.56 69.00
N SER G 187 -9.57 2.97 67.97
CA SER G 187 -10.67 2.17 67.42
C SER G 187 -11.09 2.65 66.05
N ALA G 188 -11.72 1.75 65.31
CA ALA G 188 -12.16 2.03 63.99
C ALA G 188 -13.36 1.16 63.71
N THR G 189 -14.50 1.82 63.51
CA THR G 189 -15.77 1.13 63.26
C THR G 189 -16.38 1.58 61.95
N GLN G 190 -17.21 0.71 61.39
CA GLN G 190 -17.92 0.95 60.15
C GLN G 190 -19.39 0.55 60.37
N THR G 191 -20.26 1.54 60.47
CA THR G 191 -21.63 1.31 60.90
C THR G 191 -22.60 1.69 59.79
N ARG G 192 -23.41 0.72 59.36
CA ARG G 192 -24.51 0.97 58.47
C ARG G 192 -25.53 1.88 59.15
N GLN G 193 -25.90 2.97 58.50
CA GLN G 193 -26.94 3.85 59.01
C GLN G 193 -28.02 4.02 57.97
N VAL G 194 -29.26 4.09 58.44
CA VAL G 194 -30.41 4.36 57.60
C VAL G 194 -30.88 5.78 57.91
N GLN G 195 -31.07 6.55 56.86
CA GLN G 195 -31.40 7.97 56.96
C GLN G 195 -32.70 8.23 56.27
N HIS G 196 -33.52 9.01 56.95
CA HIS G 196 -34.70 9.56 56.34
C HIS G 196 -34.58 11.03 56.12
N TYR G 197 -35.01 11.48 54.94
CA TYR G 197 -35.06 12.88 54.57
C TYR G 197 -36.51 13.27 54.50
N SER G 198 -36.84 14.43 55.03
CA SER G 198 -38.24 14.84 55.18
C SER G 198 -39.00 14.99 53.85
N CYS G 199 -38.28 15.19 52.75
CA CYS G 199 -38.88 15.26 51.41
C CYS G 199 -39.52 13.95 50.93
N CYS G 200 -39.03 12.83 51.44
CA CYS G 200 -39.06 11.58 50.71
C CYS G 200 -39.30 10.37 51.63
N PRO G 201 -40.15 9.42 51.22
CA PRO G 201 -40.36 8.23 52.07
C PRO G 201 -39.24 7.17 52.02
N GLU G 202 -38.52 7.08 50.90
CA GLU G 202 -37.45 6.09 50.76
C GLU G 202 -36.34 6.28 51.76
N PRO G 203 -35.74 5.17 52.19
CA PRO G 203 -34.55 5.25 53.03
C PRO G 203 -33.27 5.51 52.23
N TYR G 204 -32.33 6.21 52.85
CA TYR G 204 -31.00 6.41 52.31
C TYR G 204 -29.99 5.76 53.23
N ILE G 205 -29.05 5.03 52.65
CA ILE G 205 -28.11 4.22 53.42
C ILE G 205 -26.72 4.75 53.25
N ASP G 206 -25.99 4.78 54.35
CA ASP G 206 -24.58 5.02 54.28
C ASP G 206 -23.86 4.14 55.28
N VAL G 207 -22.54 4.06 55.11
CA VAL G 207 -21.67 3.40 56.07
C VAL G 207 -20.78 4.46 56.67
N ASN G 208 -20.90 4.64 57.99
CA ASN G 208 -20.17 5.65 58.73
C ASN G 208 -18.88 5.07 59.29
N LEU G 209 -17.76 5.57 58.79
CA LEU G 209 -16.45 5.11 59.22
C LEU G 209 -16.00 6.06 60.30
N VAL G 210 -15.87 5.56 61.52
CA VAL G 210 -15.48 6.38 62.68
C VAL G 210 -14.14 5.87 63.16
N VAL G 211 -13.14 6.75 63.17
CA VAL G 211 -11.79 6.39 63.54
C VAL G 211 -11.37 7.27 64.72
N LYS G 212 -10.89 6.60 65.77
CA LYS G 212 -10.29 7.24 66.92
C LYS G 212 -8.80 6.93 66.93
N PHE G 213 -7.99 7.97 67.05
CA PHE G 213 -6.57 7.85 66.85
C PHE G 213 -5.81 8.91 67.62
N ARG G 214 -4.53 8.63 67.85
CA ARG G 214 -3.65 9.58 68.49
C ARG G 214 -2.22 9.42 68.00
N GLU G 215 -1.41 10.44 68.25
CA GLU G 215 0.01 10.38 67.96
C GLU G 215 0.66 9.24 68.73
N ARG G 216 1.49 8.47 68.04
CA ARG G 216 2.20 7.33 68.62
C ARG G 216 3.29 7.82 69.57
N ARG G 217 3.43 7.17 70.72
CA ARG G 217 4.38 7.59 71.78
C ARG G 217 5.85 7.34 71.42
N ASP H 6 15.61 -2.26 -0.90
CA ASP H 6 14.77 -3.47 -1.17
C ASP H 6 14.67 -4.38 0.05
N ASP H 7 15.82 -4.75 0.62
CA ASP H 7 15.89 -5.51 1.89
C ASP H 7 15.28 -4.74 3.04
N LYS H 8 15.58 -3.44 3.10
CA LYS H 8 15.06 -2.55 4.14
C LYS H 8 13.53 -2.43 4.14
N LEU H 9 12.93 -2.26 2.96
CA LEU H 9 11.46 -2.31 2.81
C LEU H 9 10.92 -3.68 3.23
N HIS H 10 11.64 -4.73 2.86
CA HIS H 10 11.29 -6.10 3.23
C HIS H 10 11.28 -6.35 4.74
N SER H 11 12.33 -5.91 5.44
CA SER H 11 12.41 -6.07 6.90
C SER H 11 11.29 -5.29 7.63
N GLN H 12 10.97 -4.09 7.14
CA GLN H 12 9.85 -3.29 7.65
C GLN H 12 8.51 -3.99 7.46
N ALA H 13 8.29 -4.51 6.25
CA ALA H 13 7.04 -5.22 5.91
C ALA H 13 6.83 -6.46 6.78
N ASN H 14 7.91 -7.19 7.01
CA ASN H 14 7.90 -8.35 7.89
C ASN H 14 7.58 -8.02 9.35
N LEU H 15 8.15 -6.93 9.87
CA LEU H 15 7.84 -6.47 11.22
C LEU H 15 6.36 -6.12 11.35
N MET H 16 5.84 -5.35 10.40
CA MET H 16 4.42 -4.96 10.40
C MET H 16 3.50 -6.18 10.31
N ARG H 17 3.85 -7.13 9.46
CA ARG H 17 3.08 -8.37 9.30
C ARG H 17 3.08 -9.17 10.61
N LEU H 18 4.26 -9.27 11.24
CA LEU H 18 4.41 -9.97 12.51
C LEU H 18 3.51 -9.37 13.58
N LYS H 19 3.61 -8.06 13.75
CA LYS H 19 2.81 -7.33 14.75
C LYS H 19 1.33 -7.45 14.47
N SER H 20 0.96 -7.31 13.20
CA SER H 20 -0.43 -7.52 12.78
C SER H 20 -0.89 -8.94 13.12
N ASP H 21 -0.06 -9.94 12.83
CA ASP H 21 -0.42 -11.34 13.14
C ASP H 21 -0.64 -11.58 14.63
N LEU H 22 0.23 -11.02 15.47
CA LEU H 22 0.15 -11.24 16.91
C LEU H 22 -0.94 -10.40 17.58
N PHE H 23 -1.15 -9.17 17.11
CA PHE H 23 -2.04 -8.20 17.78
C PHE H 23 -3.45 -8.02 17.19
N ASN H 24 -3.58 -8.21 15.88
CA ASN H 24 -4.84 -7.97 15.16
C ASN H 24 -5.54 -9.26 14.74
N ARG H 25 -4.79 -10.23 14.22
CA ARG H 25 -5.36 -11.53 13.81
C ARG H 25 -5.51 -12.53 14.92
N SER H 26 -4.80 -12.32 16.03
CA SER H 26 -4.93 -13.19 17.20
C SER H 26 -5.62 -12.39 18.31
N PRO H 27 -6.39 -13.07 19.16
CA PRO H 27 -6.88 -12.41 20.38
C PRO H 27 -5.74 -12.18 21.38
N MET H 28 -5.83 -11.18 22.23
CA MET H 28 -4.91 -11.09 23.40
C MET H 28 -5.01 -12.22 24.41
N TYR H 29 -3.85 -12.60 24.96
CA TYR H 29 -3.76 -13.30 26.23
C TYR H 29 -4.75 -12.70 27.23
N PRO H 30 -5.73 -13.49 27.71
CA PRO H 30 -6.72 -13.01 28.68
C PRO H 30 -6.24 -13.00 30.13
N GLY H 31 -5.01 -13.41 30.37
CA GLY H 31 -4.46 -13.51 31.71
C GLY H 31 -4.28 -14.98 32.09
N PRO H 32 -3.56 -15.24 33.18
CA PRO H 32 -3.34 -16.60 33.66
C PRO H 32 -4.54 -17.23 34.35
N THR H 33 -4.51 -18.55 34.43
CA THR H 33 -5.53 -19.36 35.12
C THR H 33 -4.85 -20.37 36.03
N LYS H 34 -5.63 -21.04 36.86
CA LYS H 34 -5.11 -22.11 37.73
C LYS H 34 -4.55 -23.27 36.92
N ASP H 35 -5.21 -23.57 35.80
CA ASP H 35 -4.75 -24.61 34.87
C ASP H 35 -3.52 -24.19 34.03
N ASP H 36 -3.33 -22.88 33.81
CA ASP H 36 -2.20 -22.31 33.00
C ASP H 36 -1.53 -21.18 33.77
N PRO H 37 -0.82 -21.49 34.88
CA PRO H 37 -0.21 -20.41 35.68
C PRO H 37 0.93 -19.75 34.94
N LEU H 38 1.20 -18.50 35.28
CA LEU H 38 2.23 -17.73 34.62
C LEU H 38 3.34 -17.42 35.61
N THR H 39 4.58 -17.67 35.21
CA THR H 39 5.72 -17.25 35.99
C THR H 39 6.08 -15.82 35.63
N VAL H 40 6.17 -14.96 36.64
CA VAL H 40 6.62 -13.58 36.45
C VAL H 40 7.82 -13.38 37.32
N THR H 41 8.93 -12.97 36.71
CA THR H 41 10.17 -12.73 37.42
C THR H 41 10.36 -11.24 37.61
N LEU H 42 10.70 -10.87 38.84
CA LEU H 42 10.71 -9.49 39.28
C LEU H 42 12.05 -9.14 39.92
N GLY H 43 12.58 -7.97 39.60
CA GLY H 43 13.83 -7.50 40.22
C GLY H 43 13.90 -6.00 40.22
N PHE H 44 14.60 -5.44 41.19
CA PHE H 44 14.67 -3.99 41.38
C PHE H 44 16.08 -3.47 41.25
N THR H 45 16.18 -2.31 40.61
CA THR H 45 17.41 -1.57 40.49
C THR H 45 17.12 -0.23 41.13
N LEU H 46 17.71 0.00 42.30
CA LEU H 46 17.39 1.17 43.10
C LEU H 46 18.30 2.32 42.70
N GLN H 47 17.68 3.43 42.30
CA GLN H 47 18.42 4.55 41.74
C GLN H 47 18.62 5.68 42.74
N ASP H 48 17.64 5.93 43.60
CA ASP H 48 17.72 7.05 44.53
C ASP H 48 16.66 6.96 45.60
N ILE H 49 17.04 7.27 46.83
CA ILE H 49 16.10 7.66 47.87
C ILE H 49 16.07 9.17 47.82
N VAL H 50 14.95 9.71 47.35
CA VAL H 50 14.87 11.14 47.06
C VAL H 50 14.58 11.91 48.33
N LYS H 51 13.67 11.38 49.15
CA LYS H 51 13.09 12.11 50.24
C LYS H 51 12.62 11.17 51.35
N ALA H 52 12.88 11.57 52.58
CA ALA H 52 12.39 10.84 53.77
C ALA H 52 11.70 11.84 54.67
N ASP H 53 10.40 11.67 54.87
CA ASP H 53 9.56 12.63 55.57
C ASP H 53 9.12 12.04 56.90
N SER H 54 9.75 12.52 57.98
CA SER H 54 9.49 12.02 59.32
C SER H 54 8.24 12.64 59.95
N SER H 55 7.67 13.67 59.33
CA SER H 55 6.39 14.22 59.79
C SER H 55 5.19 13.37 59.35
N THR H 56 5.33 12.61 58.26
CA THR H 56 4.26 11.71 57.77
C THR H 56 4.64 10.24 57.70
N ASN H 57 5.92 9.93 57.92
CA ASN H 57 6.46 8.59 57.72
C ASN H 57 6.18 8.03 56.33
N GLU H 58 6.60 8.82 55.34
CA GLU H 58 6.61 8.44 53.93
C GLU H 58 8.02 8.62 53.39
N VAL H 59 8.45 7.67 52.58
CA VAL H 59 9.73 7.76 51.88
C VAL H 59 9.51 7.63 50.41
N ASP H 60 10.28 8.38 49.63
CA ASP H 60 10.16 8.39 48.18
C ASP H 60 11.39 7.75 47.54
N LEU H 61 11.17 6.68 46.78
CA LEU H 61 12.21 6.01 46.03
C LEU H 61 12.04 6.22 44.55
N VAL H 62 13.17 6.21 43.84
CA VAL H 62 13.20 6.09 42.39
C VAL H 62 13.94 4.78 42.09
N TYR H 63 13.30 3.93 41.29
CA TYR H 63 13.86 2.63 40.95
C TYR H 63 13.39 2.19 39.58
N TYR H 64 14.10 1.22 39.00
CA TYR H 64 13.65 0.52 37.81
C TYR H 64 13.11 -0.83 38.25
N GLU H 65 11.92 -1.15 37.81
CA GLU H 65 11.27 -2.38 38.18
C GLU H 65 11.27 -3.33 36.98
N GLN H 66 12.17 -4.32 37.02
CA GLN H 66 12.31 -5.25 35.92
C GLN H 66 11.31 -6.40 36.03
N GLN H 67 10.47 -6.56 35.01
CA GLN H 67 9.47 -7.62 34.96
C GLN H 67 9.66 -8.45 33.71
N ARG H 68 9.59 -9.77 33.87
CA ARG H 68 9.75 -10.69 32.76
C ARG H 68 8.78 -11.86 32.86
N TRP H 69 8.17 -12.19 31.75
CA TRP H 69 7.32 -13.36 31.64
C TRP H 69 7.36 -13.88 30.22
N LYS H 70 6.75 -15.04 30.01
CA LYS H 70 6.81 -15.72 28.72
C LYS H 70 5.44 -16.28 28.34
N LEU H 71 5.04 -16.05 27.10
CA LEU H 71 3.75 -16.51 26.58
C LEU H 71 3.92 -17.25 25.27
N ASN H 72 3.22 -18.38 25.16
CA ASN H 72 3.17 -19.16 23.92
C ASN H 72 2.53 -18.36 22.79
N SER H 73 1.49 -17.58 23.12
CA SER H 73 0.80 -16.77 22.12
C SER H 73 1.65 -15.63 21.52
N LEU H 74 2.82 -15.35 22.11
CA LEU H 74 3.76 -14.36 21.56
C LEU H 74 4.98 -14.99 20.90
N MET H 75 4.98 -16.31 20.71
CA MET H 75 6.05 -17.01 20.01
C MET H 75 5.89 -16.87 18.50
N TRP H 76 7.01 -16.82 17.81
CA TRP H 76 7.03 -16.97 16.37
C TRP H 76 8.36 -17.55 15.93
N ASP H 77 8.36 -18.05 14.70
CA ASP H 77 9.54 -18.59 14.05
C ASP H 77 10.17 -17.45 13.25
N PRO H 78 11.39 -17.01 13.61
CA PRO H 78 12.01 -15.90 12.86
C PRO H 78 12.17 -16.14 11.36
N ASN H 79 12.28 -17.41 10.95
CA ASN H 79 12.39 -17.77 9.53
C ASN H 79 11.14 -17.43 8.71
N GLU H 80 9.98 -17.41 9.36
CA GLU H 80 8.73 -17.00 8.70
C GLU H 80 8.53 -15.48 8.65
N TYR H 81 9.46 -14.70 9.21
CA TYR H 81 9.32 -13.24 9.33
C TYR H 81 10.63 -12.49 9.09
N GLY H 82 11.34 -12.90 8.04
CA GLY H 82 12.57 -12.23 7.61
C GLY H 82 13.68 -12.17 8.64
N ASN H 83 13.77 -13.19 9.48
CA ASN H 83 14.80 -13.27 10.53
C ASN H 83 14.63 -12.27 11.69
N ILE H 84 13.43 -11.71 11.85
CA ILE H 84 13.14 -10.86 13.01
C ILE H 84 13.09 -11.73 14.27
N THR H 85 13.94 -11.39 15.23
CA THR H 85 14.05 -12.13 16.49
C THR H 85 13.41 -11.42 17.68
N ASP H 86 13.10 -10.13 17.51
CA ASP H 86 12.50 -9.32 18.59
C ASP H 86 11.84 -8.06 18.03
N PHE H 87 10.92 -7.49 18.81
CA PHE H 87 10.35 -6.18 18.49
C PHE H 87 9.94 -5.43 19.77
N ARG H 88 9.48 -4.20 19.58
CA ARG H 88 9.00 -3.35 20.65
C ARG H 88 7.55 -3.06 20.49
N THR H 89 6.84 -2.97 21.61
CA THR H 89 5.42 -2.67 21.60
C THR H 89 5.08 -1.82 22.79
N SER H 90 4.09 -0.96 22.60
CA SER H 90 3.52 -0.23 23.70
C SER H 90 2.99 -1.24 24.74
N ALA H 91 3.24 -0.96 26.01
CA ALA H 91 2.75 -1.79 27.09
C ALA H 91 1.22 -1.87 27.16
N ALA H 92 0.54 -0.84 26.65
CA ALA H 92 -0.91 -0.81 26.58
C ALA H 92 -1.48 -1.85 25.59
N ASP H 93 -0.69 -2.28 24.61
CA ASP H 93 -1.14 -3.22 23.58
C ASP H 93 -0.94 -4.71 23.92
N ILE H 94 -0.34 -5.01 25.07
CA ILE H 94 -0.20 -6.38 25.54
C ILE H 94 -0.71 -6.49 26.96
N TRP H 95 -0.97 -7.71 27.38
CA TRP H 95 -1.24 -7.99 28.78
C TRP H 95 0.04 -7.74 29.57
N THR H 96 -0.11 -7.12 30.73
CA THR H 96 1.00 -6.96 31.65
C THR H 96 0.54 -7.37 33.04
N PRO H 97 1.46 -7.85 33.88
CA PRO H 97 1.04 -8.30 35.21
C PRO H 97 0.68 -7.13 36.12
N ASP H 98 -0.29 -7.36 37.00
CA ASP H 98 -0.80 -6.34 37.91
C ASP H 98 0.03 -6.24 39.20
N ILE H 99 1.35 -6.14 39.05
CA ILE H 99 2.23 -6.11 40.20
C ILE H 99 2.09 -4.75 40.83
N THR H 100 1.91 -4.72 42.15
CA THR H 100 1.61 -3.50 42.88
C THR H 100 2.36 -3.44 44.19
N ALA H 101 2.79 -2.25 44.56
CA ALA H 101 3.29 -1.99 45.91
C ALA H 101 2.09 -2.06 46.86
N TYR H 102 2.23 -2.81 47.94
CA TYR H 102 1.12 -3.01 48.88
C TYR H 102 0.98 -1.91 49.91
N SER H 103 2.02 -1.09 50.10
CA SER H 103 1.98 -0.04 51.10
C SER H 103 2.41 1.33 50.54
N SER H 104 2.06 1.57 49.29
CA SER H 104 2.21 2.91 48.72
C SER H 104 1.23 3.87 49.38
N THR H 105 1.60 5.15 49.38
CA THR H 105 0.74 6.22 49.91
C THR H 105 0.31 7.24 48.86
N ARG H 106 0.83 7.13 47.64
CA ARG H 106 0.42 7.96 46.51
C ARG H 106 0.51 7.11 45.25
N PRO H 107 -0.26 7.44 44.20
CA PRO H 107 -0.08 6.69 42.96
C PRO H 107 1.37 6.74 42.47
N VAL H 108 1.85 5.61 41.97
CA VAL H 108 3.22 5.51 41.45
CA VAL H 108 3.20 5.48 41.44
C VAL H 108 3.32 6.42 40.22
N GLN H 109 4.44 7.10 40.09
CA GLN H 109 4.68 7.97 38.96
C GLN H 109 5.67 7.28 38.04
N VAL H 110 5.29 7.14 36.77
CA VAL H 110 6.10 6.47 35.77
C VAL H 110 7.03 7.47 35.11
N LEU H 111 8.30 7.09 34.99
CA LEU H 111 9.37 7.99 34.50
C LEU H 111 9.93 7.61 33.13
N SER H 112 9.56 6.45 32.62
CA SER H 112 10.08 5.94 31.36
C SER H 112 8.94 5.70 30.38
N PRO H 113 9.24 5.64 29.07
CA PRO H 113 8.21 5.33 28.09
C PRO H 113 7.70 3.91 28.26
N GLN H 114 6.41 3.72 28.12
CA GLN H 114 5.80 2.46 28.52
C GLN H 114 5.89 1.50 27.35
N ILE H 115 7.09 0.97 27.13
CA ILE H 115 7.38 0.12 26.00
C ILE H 115 8.02 -1.18 26.49
N ALA H 116 7.53 -2.28 25.96
CA ALA H 116 8.04 -3.61 26.29
C ALA H 116 8.80 -4.22 25.11
N VAL H 117 9.69 -5.15 25.44
CA VAL H 117 10.50 -5.88 24.47
C VAL H 117 9.96 -7.30 24.37
N VAL H 118 9.61 -7.71 23.17
CA VAL H 118 9.10 -9.06 22.92
C VAL H 118 10.12 -9.80 22.05
N THR H 119 10.55 -10.98 22.52
CA THR H 119 11.50 -11.87 21.80
C THR H 119 10.73 -13.09 21.22
N HIS H 120 11.28 -13.66 20.16
CA HIS H 120 10.61 -14.73 19.38
C HIS H 120 10.25 -16.00 20.16
N ASP H 121 10.95 -16.24 21.26
CA ASP H 121 10.58 -17.30 22.21
C ASP H 121 9.32 -16.97 23.03
N GLY H 122 8.72 -15.81 22.81
CA GLY H 122 7.52 -15.41 23.51
C GLY H 122 7.79 -14.70 24.84
N SER H 123 9.06 -14.43 25.15
CA SER H 123 9.39 -13.76 26.40
C SER H 123 9.26 -12.24 26.24
N VAL H 124 8.74 -11.62 27.28
CA VAL H 124 8.45 -10.20 27.33
C VAL H 124 9.27 -9.62 28.46
N MET H 125 9.92 -8.50 28.18
CA MET H 125 10.68 -7.77 29.16
C MET H 125 10.08 -6.37 29.25
N PHE H 126 9.70 -5.96 30.46
CA PHE H 126 9.07 -4.67 30.71
C PHE H 126 9.70 -4.04 31.95
N ILE H 127 10.28 -2.85 31.79
CA ILE H 127 11.10 -2.23 32.84
C ILE H 127 10.71 -0.78 33.08
N PRO H 128 9.57 -0.56 33.77
CA PRO H 128 9.20 0.81 34.07
C PRO H 128 10.09 1.43 35.15
N ALA H 129 10.63 2.60 34.85
CA ALA H 129 11.23 3.45 35.87
C ALA H 129 10.11 4.17 36.62
N GLN H 130 10.20 4.19 37.94
CA GLN H 130 9.11 4.66 38.79
C GLN H 130 9.59 5.47 39.99
N ARG H 131 8.79 6.46 40.36
CA ARG H 131 8.90 7.09 41.67
C ARG H 131 7.72 6.68 42.54
N LEU H 132 8.06 6.20 43.74
CA LEU H 132 7.09 5.62 44.66
C LEU H 132 7.21 6.24 46.03
N SER H 133 6.08 6.69 46.57
CA SER H 133 5.97 7.08 47.98
C SER H 133 5.36 5.92 48.72
N PHE H 134 6.01 5.49 49.80
CA PHE H 134 5.49 4.37 50.60
C PHE H 134 5.72 4.58 52.09
N MET H 135 5.04 3.76 52.88
CA MET H 135 5.01 3.91 54.34
C MET H 135 6.34 3.46 54.93
N CYS H 136 6.98 4.37 55.63
CA CYS H 136 8.33 4.16 56.12
C CYS H 136 8.65 5.15 57.24
N ASP H 137 9.04 4.63 58.39
CA ASP H 137 9.48 5.44 59.52
C ASP H 137 10.99 5.62 59.39
N PRO H 138 11.45 6.85 59.10
CA PRO H 138 12.88 7.06 58.90
C PRO H 138 13.66 7.33 60.20
N THR H 139 13.08 7.07 61.37
CA THR H 139 13.81 7.18 62.64
C THR H 139 15.11 6.39 62.59
N GLY H 140 16.19 7.04 63.04
CA GLY H 140 17.53 6.45 63.01
C GLY H 140 18.33 6.76 61.75
N VAL H 141 17.73 7.47 60.79
CA VAL H 141 18.38 7.81 59.52
C VAL H 141 19.59 8.73 59.72
N ASP H 142 19.53 9.55 60.77
CA ASP H 142 20.62 10.46 61.15
C ASP H 142 21.61 9.81 62.16
N SER H 143 21.77 8.49 62.09
CA SER H 143 22.70 7.75 62.94
C SER H 143 23.47 6.72 62.10
N GLU H 144 24.53 6.16 62.70
CA GLU H 144 25.42 5.16 62.04
C GLU H 144 24.65 3.91 61.62
N GLU H 145 23.75 3.45 62.50
CA GLU H 145 22.96 2.24 62.25
C GLU H 145 21.93 2.44 61.12
N GLY H 146 21.45 3.67 60.96
CA GLY H 146 20.52 4.02 59.88
C GLY H 146 19.08 3.60 60.17
N ALA H 147 18.21 3.87 59.21
CA ALA H 147 16.80 3.48 59.28
C ALA H 147 16.61 2.26 58.41
N THR H 148 15.58 1.48 58.71
CA THR H 148 15.21 0.31 57.93
C THR H 148 13.76 0.47 57.52
N CYS H 149 13.49 0.29 56.23
CA CYS H 149 12.12 0.24 55.76
C CYS H 149 11.90 -0.87 54.76
N ALA H 150 10.64 -1.23 54.61
CA ALA H 150 10.25 -2.37 53.80
C ALA H 150 8.96 -2.06 53.05
N VAL H 151 8.84 -2.62 51.85
CA VAL H 151 7.61 -2.55 51.08
C VAL H 151 7.47 -3.81 50.22
N LYS H 152 6.27 -4.38 50.25
CA LYS H 152 5.99 -5.60 49.52
C LYS H 152 5.37 -5.29 48.18
N PHE H 153 5.74 -6.11 47.20
CA PHE H 153 5.22 -6.03 45.84
C PHE H 153 4.59 -7.39 45.49
N GLY H 154 3.44 -7.34 44.85
CA GLY H 154 2.81 -8.54 44.40
C GLY H 154 1.59 -8.25 43.54
N SER H 155 1.04 -9.31 42.97
CA SER H 155 -0.18 -9.21 42.20
C SER H 155 -1.29 -8.74 43.11
N TRP H 156 -2.18 -7.91 42.59
CA TRP H 156 -3.31 -7.44 43.37
C TRP H 156 -4.44 -8.48 43.40
N VAL H 157 -4.62 -9.23 42.30
CA VAL H 157 -5.79 -10.09 42.15
C VAL H 157 -5.49 -11.56 41.84
N TYR H 158 -4.23 -11.96 41.78
CA TYR H 158 -3.88 -13.34 41.46
C TYR H 158 -3.10 -13.98 42.59
N SER H 159 -3.52 -15.19 42.94
CA SER H 159 -2.81 -16.02 43.90
C SER H 159 -1.55 -16.64 43.27
N GLY H 160 -0.80 -17.32 44.12
CA GLY H 160 0.38 -18.07 43.72
C GLY H 160 0.13 -19.24 42.78
N PHE H 161 -1.11 -19.73 42.74
CA PHE H 161 -1.53 -20.72 41.74
C PHE H 161 -1.87 -20.13 40.36
N GLU H 162 -1.80 -18.80 40.21
CA GLU H 162 -2.13 -18.13 38.96
C GLU H 162 -0.93 -17.33 38.43
N ILE H 163 -0.33 -16.52 39.29
CA ILE H 163 0.94 -15.86 38.98
C ILE H 163 1.97 -16.35 39.98
N ASP H 164 2.94 -17.08 39.47
CA ASP H 164 4.04 -17.54 40.29
C ASP H 164 5.11 -16.48 40.20
N LEU H 165 5.18 -15.69 41.24
CA LEU H 165 6.09 -14.58 41.29
C LEU H 165 7.45 -15.07 41.77
N LYS H 166 8.51 -14.74 41.02
CA LYS H 166 9.88 -15.15 41.36
C LYS H 166 10.88 -13.98 41.28
N THR H 167 12.06 -14.20 41.86
CA THR H 167 13.22 -13.33 41.69
C THR H 167 14.36 -14.14 41.13
N ASP H 168 15.32 -13.48 40.49
CA ASP H 168 16.57 -14.10 40.02
C ASP H 168 17.65 -14.02 41.09
N THR H 169 17.54 -13.03 41.96
CA THR H 169 18.50 -12.82 43.03
C THR H 169 17.76 -12.12 44.14
N ASP H 170 18.28 -12.25 45.35
CA ASP H 170 17.73 -11.53 46.49
C ASP H 170 18.49 -10.22 46.77
N GLN H 171 19.52 -9.92 45.96
CA GLN H 171 20.23 -8.65 46.06
C GLN H 171 19.63 -7.61 45.12
N VAL H 172 19.20 -6.48 45.69
CA VAL H 172 18.76 -5.34 44.89
C VAL H 172 19.99 -4.82 44.15
N ASP H 173 19.80 -4.46 42.89
CA ASP H 173 20.91 -3.95 42.09
C ASP H 173 21.15 -2.49 42.51
N LEU H 174 22.32 -2.23 43.08
CA LEU H 174 22.73 -0.90 43.55
C LEU H 174 23.83 -0.27 42.68
N SER H 175 24.15 -0.89 41.55
CA SER H 175 25.25 -0.43 40.71
C SER H 175 24.98 0.91 40.00
N SER H 176 23.71 1.32 39.91
CA SER H 176 23.32 2.63 39.37
C SER H 176 22.83 3.59 40.45
N TYR H 177 23.02 3.26 41.73
CA TYR H 177 22.50 4.12 42.79
C TYR H 177 23.20 5.46 42.71
N TYR H 178 22.43 6.54 42.83
CA TYR H 178 22.94 7.90 42.67
C TYR H 178 23.99 8.21 43.74
N ALA H 179 25.23 8.42 43.31
CA ALA H 179 26.37 8.60 44.23
C ALA H 179 26.29 9.85 45.11
N SER H 180 25.53 10.87 44.72
CA SER H 180 25.38 12.08 45.53
C SER H 180 23.98 12.25 46.11
N SER H 181 23.27 11.13 46.27
CA SER H 181 22.00 11.14 47.00
C SER H 181 22.18 11.72 48.40
N LYS H 182 21.09 12.24 48.95
CA LYS H 182 21.07 12.63 50.36
C LYS H 182 21.21 11.43 51.30
N TYR H 183 20.85 10.25 50.81
CA TYR H 183 20.88 9.03 51.59
C TYR H 183 21.80 8.01 50.95
N GLU H 184 22.68 7.42 51.74
CA GLU H 184 23.51 6.30 51.28
C GLU H 184 22.82 4.98 51.72
N ILE H 185 22.94 3.97 50.87
CA ILE H 185 22.35 2.65 51.09
C ILE H 185 23.33 1.75 51.81
N LEU H 186 22.93 1.24 52.97
CA LEU H 186 23.69 0.24 53.72
C LEU H 186 23.40 -1.17 53.23
N SER H 187 22.15 -1.44 52.90
CA SER H 187 21.78 -2.68 52.21
C SER H 187 20.38 -2.59 51.61
N ALA H 188 20.16 -3.42 50.62
CA ALA H 188 18.91 -3.47 49.92
C ALA H 188 18.68 -4.87 49.39
N THR H 189 17.64 -5.52 49.90
CA THR H 189 17.33 -6.91 49.54
C THR H 189 15.90 -7.01 49.01
N GLN H 190 15.68 -8.04 48.20
CA GLN H 190 14.39 -8.34 47.59
C GLN H 190 14.12 -9.83 47.79
N THR H 191 13.19 -10.15 48.69
CA THR H 191 13.00 -11.53 49.14
C THR H 191 11.60 -12.01 48.78
N ARG H 192 11.54 -13.10 48.03
CA ARG H 192 10.29 -13.77 47.74
C ARG H 192 9.74 -14.36 49.02
N GLN H 193 8.48 -14.07 49.34
CA GLN H 193 7.81 -14.63 50.51
C GLN H 193 6.52 -15.28 50.10
N VAL H 194 6.21 -16.37 50.76
CA VAL H 194 4.98 -17.09 50.55
C VAL H 194 4.13 -16.83 51.78
N GLN H 195 2.88 -16.47 51.56
CA GLN H 195 1.96 -16.11 52.62
C GLN H 195 0.64 -16.88 52.51
N HIS H 196 0.13 -17.28 53.67
CA HIS H 196 -1.18 -17.92 53.71
C HIS H 196 -2.18 -17.06 54.47
N TYR H 197 -3.42 -17.13 53.99
CA TYR H 197 -4.56 -16.56 54.67
C TYR H 197 -5.41 -17.69 55.20
N SER H 198 -5.89 -17.53 56.43
CA SER H 198 -6.57 -18.62 57.15
C SER H 198 -7.85 -19.12 56.49
N CYS H 199 -8.47 -18.28 55.66
CA CYS H 199 -9.64 -18.69 54.87
C CYS H 199 -9.37 -19.81 53.85
N CYS H 200 -8.14 -19.88 53.34
CA CYS H 200 -7.90 -20.34 51.97
C CYS H 200 -6.64 -21.19 51.93
N PRO H 201 -6.66 -22.32 51.21
CA PRO H 201 -5.45 -23.13 51.07
C PRO H 201 -4.35 -22.57 50.13
N GLU H 202 -4.72 -21.82 49.10
CA GLU H 202 -3.72 -21.33 48.11
C GLU H 202 -2.67 -20.44 48.74
N PRO H 203 -1.44 -20.48 48.21
CA PRO H 203 -0.41 -19.54 48.61
C PRO H 203 -0.51 -18.18 47.89
N TYR H 204 -0.08 -17.14 48.60
CA TYR H 204 0.00 -15.80 48.07
C TYR H 204 1.46 -15.37 48.13
N ILE H 205 1.94 -14.81 47.02
CA ILE H 205 3.36 -14.55 46.85
C ILE H 205 3.59 -13.05 46.81
N ASP H 206 4.63 -12.59 47.49
CA ASP H 206 5.07 -11.22 47.34
C ASP H 206 6.59 -11.18 47.36
N VAL H 207 7.13 -10.05 46.91
CA VAL H 207 8.55 -9.77 46.98
C VAL H 207 8.71 -8.61 47.93
N ASN H 208 9.42 -8.84 49.01
CA ASN H 208 9.63 -7.85 50.05
C ASN H 208 10.93 -7.11 49.80
N LEU H 209 10.81 -5.81 49.54
CA LEU H 209 11.95 -4.96 49.31
C LEU H 209 12.31 -4.31 50.63
N VAL H 210 13.47 -4.66 51.17
CA VAL H 210 13.94 -4.12 52.47
C VAL H 210 15.16 -3.26 52.21
N VAL H 211 15.08 -1.99 52.59
CA VAL H 211 16.16 -1.05 52.37
C VAL H 211 16.61 -0.47 53.69
N LYS H 212 17.92 -0.53 53.93
CA LYS H 212 18.58 0.09 55.08
C LYS H 212 19.43 1.23 54.58
N PHE H 213 19.24 2.39 55.19
CA PHE H 213 19.82 3.61 54.66
C PHE H 213 20.04 4.65 55.75
N ARG H 214 20.91 5.60 55.46
CA ARG H 214 21.17 6.70 56.37
C ARG H 214 21.60 7.95 55.62
N GLU H 215 21.53 9.08 56.31
CA GLU H 215 21.99 10.34 55.76
C GLU H 215 23.47 10.24 55.43
N ARG H 216 23.84 10.73 54.26
CA ARG H 216 25.25 10.72 53.79
C ARG H 216 26.09 11.74 54.61
N ARG H 217 27.33 11.37 54.93
CA ARG H 217 28.21 12.19 55.77
C ARG H 217 29.51 12.54 55.09
N ASP I 7 -7.18 28.63 -5.97
CA ASP I 7 -5.84 28.15 -5.52
C ASP I 7 -5.82 27.69 -4.07
N LYS I 8 -6.44 28.48 -3.19
CA LYS I 8 -6.49 28.18 -1.75
C LYS I 8 -7.21 26.86 -1.43
N LEU I 9 -8.36 26.62 -2.08
CA LEU I 9 -9.04 25.31 -2.00
C LEU I 9 -8.14 24.19 -2.54
N HIS I 10 -7.43 24.49 -3.64
CA HIS I 10 -6.47 23.57 -4.28
C HIS I 10 -5.33 23.17 -3.33
N SER I 11 -4.72 24.14 -2.67
CA SER I 11 -3.61 23.88 -1.74
C SER I 11 -4.06 23.06 -0.51
N GLN I 12 -5.25 23.37 0.00
CA GLN I 12 -5.86 22.60 1.10
C GLN I 12 -6.14 21.16 0.71
N ALA I 13 -6.73 20.96 -0.47
CA ALA I 13 -7.06 19.63 -0.98
C ALA I 13 -5.80 18.78 -1.15
N ASN I 14 -4.73 19.40 -1.65
CA ASN I 14 -3.44 18.73 -1.81
C ASN I 14 -2.82 18.31 -0.49
N LEU I 15 -2.89 19.18 0.51
CA LEU I 15 -2.39 18.85 1.86
C LEU I 15 -3.13 17.66 2.45
N MET I 16 -4.47 17.68 2.36
CA MET I 16 -5.30 16.58 2.86
C MET I 16 -5.01 15.27 2.14
N ARG I 17 -4.86 15.35 0.82
CA ARG I 17 -4.53 14.17 0.00
C ARG I 17 -3.16 13.60 0.38
N LEU I 18 -2.18 14.49 0.56
CA LEU I 18 -0.84 14.08 1.00
C LEU I 18 -0.87 13.35 2.34
N LYS I 19 -1.52 13.95 3.32
CA LYS I 19 -1.62 13.35 4.64
C LYS I 19 -2.36 12.03 4.61
N SER I 20 -3.46 11.99 3.86
CA SER I 20 -4.20 10.75 3.64
C SER I 20 -3.29 9.68 3.02
N ASP I 21 -2.53 10.07 1.99
CA ASP I 21 -1.62 9.13 1.33
C ASP I 21 -0.55 8.57 2.27
N LEU I 22 0.03 9.41 3.12
CA LEU I 22 1.07 8.98 4.05
C LEU I 22 0.55 8.22 5.26
N PHE I 23 -0.60 8.65 5.79
CA PHE I 23 -1.11 8.14 7.08
C PHE I 23 -2.17 7.03 6.98
N ASN I 24 -2.99 7.07 5.92
CA ASN I 24 -4.15 6.17 5.77
C ASN I 24 -3.95 5.11 4.70
N ARG I 25 -3.41 5.49 3.53
CA ARG I 25 -3.15 4.53 2.43
C ARG I 25 -1.88 3.77 2.57
N SER I 26 -0.93 4.28 3.35
CA SER I 26 0.36 3.61 3.51
C SER I 26 0.41 2.97 4.88
N PRO I 27 1.06 1.79 4.96
CA PRO I 27 1.39 1.27 6.28
C PRO I 27 2.45 2.16 6.94
N MET I 28 2.35 2.35 8.24
CA MET I 28 3.21 3.29 8.92
C MET I 28 4.38 2.63 9.62
N TYR I 29 5.44 3.43 9.79
CA TYR I 29 6.72 3.03 10.39
C TYR I 29 6.56 2.27 11.72
N PRO I 30 6.97 0.99 11.76
CA PRO I 30 6.88 0.19 12.97
C PRO I 30 8.02 0.40 13.97
N GLY I 31 8.99 1.25 13.64
CA GLY I 31 10.17 1.46 14.46
C GLY I 31 11.38 0.89 13.77
N PRO I 32 12.57 1.21 14.27
CA PRO I 32 13.79 0.72 13.65
C PRO I 32 14.10 -0.73 14.00
N THR I 33 14.95 -1.34 13.17
CA THR I 33 15.44 -2.69 13.34
C THR I 33 16.95 -2.70 13.20
N LYS I 34 17.56 -3.84 13.53
CA LYS I 34 19.01 -4.03 13.34
C LYS I 34 19.41 -3.94 11.86
N ASP I 35 18.54 -4.46 10.99
CA ASP I 35 18.75 -4.38 9.54
C ASP I 35 18.51 -2.98 8.96
N ASP I 36 17.71 -2.18 9.66
CA ASP I 36 17.33 -0.85 9.20
C ASP I 36 17.42 0.19 10.34
N PRO I 37 18.65 0.51 10.80
CA PRO I 37 18.80 1.40 11.96
C PRO I 37 18.44 2.82 11.63
N LEU I 38 18.03 3.56 12.64
CA LEU I 38 17.59 4.93 12.47
C LEU I 38 18.53 5.87 13.17
N THR I 39 18.95 6.91 12.47
CA THR I 39 19.75 7.96 13.08
C THR I 39 18.79 8.99 13.68
N VAL I 40 18.99 9.29 14.96
CA VAL I 40 18.24 10.33 15.63
C VAL I 40 19.24 11.32 16.14
N THR I 41 19.05 12.58 15.76
CA THR I 41 19.92 13.66 16.18
C THR I 41 19.24 14.47 17.27
N LEU I 42 19.98 14.73 18.32
CA LEU I 42 19.45 15.28 19.57
C LEU I 42 20.27 16.50 19.97
N GLY I 43 19.58 17.55 20.40
CA GLY I 43 20.25 18.76 20.89
C GLY I 43 19.36 19.48 21.87
N PHE I 44 19.99 20.20 22.80
CA PHE I 44 19.27 20.87 23.86
C PHE I 44 19.49 22.36 23.80
N THR I 45 18.40 23.08 24.08
CA THR I 45 18.40 24.51 24.20
C THR I 45 17.90 24.76 25.61
N LEU I 46 18.80 25.19 26.47
CA LEU I 46 18.49 25.33 27.89
C LEU I 46 17.90 26.71 28.13
N GLN I 47 16.71 26.74 28.71
CA GLN I 47 15.97 27.99 28.90
C GLN I 47 16.04 28.52 30.32
N ASP I 48 16.03 27.63 31.32
CA ASP I 48 16.02 28.08 32.71
C ASP I 48 16.33 26.94 33.67
N ILE I 49 17.15 27.24 34.68
CA ILE I 49 17.22 26.42 35.86
C ILE I 49 16.25 27.11 36.81
N VAL I 50 15.13 26.45 37.07
CA VAL I 50 14.04 27.06 37.82
C VAL I 50 14.31 26.95 39.31
N LYS I 51 14.79 25.78 39.74
CA LYS I 51 14.84 25.44 41.14
C LYS I 51 15.97 24.45 41.42
N ALA I 52 16.67 24.67 42.52
CA ALA I 52 17.67 23.73 43.02
C ALA I 52 17.36 23.44 44.48
N ASP I 53 17.05 22.18 44.78
CA ASP I 53 16.57 21.77 46.10
C ASP I 53 17.64 20.92 46.76
N SER I 54 18.35 21.52 47.72
CA SER I 54 19.43 20.85 48.43
C SER I 54 18.93 19.94 49.56
N SER I 55 17.65 20.01 49.91
CA SER I 55 17.07 19.07 50.88
C SER I 55 16.74 17.71 50.27
N THR I 56 16.54 17.65 48.96
CA THR I 56 16.29 16.37 48.24
C THR I 56 17.31 16.05 47.12
N ASN I 57 18.19 16.99 46.80
CA ASN I 57 19.11 16.89 45.68
C ASN I 57 18.40 16.59 44.37
N GLU I 58 17.46 17.49 44.08
CA GLU I 58 16.74 17.54 42.81
C GLU I 58 16.88 18.92 42.25
N VAL I 59 17.09 19.00 40.94
CA VAL I 59 17.12 20.27 40.22
C VAL I 59 16.09 20.22 39.11
N ASP I 60 15.46 21.37 38.88
CA ASP I 60 14.42 21.51 37.85
C ASP I 60 14.91 22.39 36.71
N LEU I 61 14.94 21.83 35.49
CA LEU I 61 15.31 22.54 34.28
C LEU I 61 14.12 22.71 33.38
N VAL I 62 14.11 23.82 32.63
CA VAL I 62 13.23 24.02 31.50
C VAL I 62 14.14 24.12 30.28
N TYR I 63 13.86 23.29 29.28
CA TYR I 63 14.64 23.25 28.05
C TYR I 63 13.77 22.86 26.88
N TYR I 64 14.27 23.12 25.68
CA TYR I 64 13.70 22.60 24.45
C TYR I 64 14.57 21.45 24.01
N GLU I 65 13.96 20.32 23.71
CA GLU I 65 14.67 19.13 23.32
C GLU I 65 14.46 18.89 21.83
N GLN I 66 15.45 19.22 21.02
CA GLN I 66 15.34 19.13 19.58
C GLN I 66 15.67 17.73 19.11
N GLN I 67 14.73 17.10 18.42
CA GLN I 67 14.89 15.75 17.90
C GLN I 67 14.64 15.75 16.42
N ARG I 68 15.51 15.07 15.68
CA ARG I 68 15.39 14.99 14.24
C ARG I 68 15.73 13.59 13.74
N TRP I 69 14.92 13.09 12.83
CA TRP I 69 15.19 11.84 12.15
C TRP I 69 14.59 11.89 10.76
N LYS I 70 14.89 10.88 9.97
CA LYS I 70 14.46 10.85 8.58
C LYS I 70 13.96 9.45 8.19
N LEU I 71 12.82 9.41 7.52
CA LEU I 71 12.18 8.18 7.08
C LEU I 71 11.84 8.22 5.60
N ASN I 72 12.17 7.14 4.91
CA ASN I 72 11.79 6.97 3.50
C ASN I 72 10.29 6.93 3.31
N SER I 73 9.58 6.31 4.26
CA SER I 73 8.11 6.24 4.22
C SER I 73 7.39 7.59 4.36
N LEU I 74 8.12 8.64 4.74
CA LEU I 74 7.57 10.00 4.81
C LEU I 74 8.03 10.93 3.69
N MET I 75 8.71 10.37 2.67
CA MET I 75 9.14 11.15 1.50
C MET I 75 8.00 11.32 0.50
N TRP I 76 8.00 12.48 -0.18
CA TRP I 76 7.13 12.70 -1.32
C TRP I 76 7.76 13.70 -2.28
N ASP I 77 7.22 13.73 -3.48
CA ASP I 77 7.61 14.66 -4.53
C ASP I 77 6.66 15.84 -4.45
N PRO I 78 7.17 17.04 -4.12
CA PRO I 78 6.25 18.20 -4.03
C PRO I 78 5.45 18.50 -5.29
N ASN I 79 6.00 18.14 -6.46
CA ASN I 79 5.31 18.34 -7.74
C ASN I 79 4.02 17.54 -7.89
N GLU I 80 3.94 16.41 -7.20
CA GLU I 80 2.72 15.60 -7.18
C GLU I 80 1.67 16.09 -6.16
N TYR I 81 1.98 17.15 -5.40
CA TYR I 81 1.12 17.62 -4.31
C TYR I 81 1.06 19.15 -4.21
N GLY I 82 0.90 19.79 -5.37
CA GLY I 82 0.75 21.24 -5.45
C GLY I 82 1.87 22.06 -4.86
N ASN I 83 3.10 21.55 -4.96
CA ASN I 83 4.31 22.23 -4.44
C ASN I 83 4.41 22.28 -2.90
N ILE I 84 3.66 21.43 -2.20
CA ILE I 84 3.78 21.35 -0.74
C ILE I 84 5.12 20.70 -0.40
N THR I 85 5.94 21.41 0.36
CA THR I 85 7.28 20.97 0.73
C THR I 85 7.36 20.50 2.20
N ASP I 86 6.33 20.80 2.99
CA ASP I 86 6.30 20.42 4.39
C ASP I 86 4.87 20.47 4.94
N PHE I 87 4.64 19.78 6.05
CA PHE I 87 3.39 19.89 6.80
C PHE I 87 3.59 19.62 8.29
N ARG I 88 2.52 19.78 9.05
CA ARG I 88 2.52 19.56 10.47
C ARG I 88 1.61 18.41 10.81
N THR I 89 2.01 17.65 11.82
CA THR I 89 1.21 16.54 12.28
C THR I 89 1.35 16.40 13.78
N SER I 90 0.27 15.95 14.40
CA SER I 90 0.30 15.61 15.81
C SER I 90 1.35 14.52 16.02
N ALA I 91 2.15 14.67 17.08
CA ALA I 91 3.19 13.70 17.41
C ALA I 91 2.62 12.30 17.72
N ALA I 92 1.37 12.24 18.14
CA ALA I 92 0.68 10.98 18.35
C ALA I 92 0.40 10.19 17.07
N ASP I 93 0.35 10.86 15.92
CA ASP I 93 0.03 10.20 14.62
C ASP I 93 1.24 9.68 13.84
N ILE I 94 2.44 9.89 14.37
CA ILE I 94 3.64 9.32 13.79
C ILE I 94 4.43 8.59 14.87
N TRP I 95 5.36 7.76 14.42
CA TRP I 95 6.33 7.18 15.30
C TRP I 95 7.25 8.30 15.80
N THR I 96 7.60 8.25 17.09
CA THR I 96 8.59 9.14 17.65
C THR I 96 9.57 8.33 18.50
N PRO I 97 10.81 8.80 18.62
CA PRO I 97 11.79 8.02 19.37
C PRO I 97 11.54 8.09 20.88
N ASP I 98 11.85 7.00 21.57
CA ASP I 98 11.63 6.87 23.02
C ASP I 98 12.79 7.44 23.85
N ILE I 99 13.22 8.65 23.53
CA ILE I 99 14.36 9.26 24.19
C ILE I 99 13.91 9.66 25.59
N THR I 100 14.71 9.31 26.59
CA THR I 100 14.32 9.48 27.98
C THR I 100 15.51 9.95 28.80
N ALA I 101 15.24 10.81 29.78
CA ALA I 101 16.19 11.11 30.84
C ALA I 101 16.35 9.87 31.72
N TYR I 102 17.59 9.47 31.99
CA TYR I 102 17.84 8.26 32.76
C TYR I 102 17.81 8.48 34.28
N SER I 103 17.88 9.74 34.74
CA SER I 103 17.93 10.03 36.18
C SER I 103 16.93 11.11 36.57
N SER I 104 15.79 11.10 35.91
CA SER I 104 14.68 11.95 36.33
C SER I 104 14.13 11.43 37.67
N THR I 105 13.52 12.34 38.44
CA THR I 105 12.86 12.00 39.70
C THR I 105 11.35 12.25 39.70
N ARG I 106 10.82 12.85 38.63
CA ARG I 106 9.38 13.05 38.45
CA ARG I 106 9.38 13.06 38.45
C ARG I 106 9.07 12.94 36.96
N PRO I 107 7.81 12.63 36.59
CA PRO I 107 7.51 12.58 35.15
C PRO I 107 7.78 13.93 34.50
N VAL I 108 8.34 13.91 33.29
CA VAL I 108 8.60 15.16 32.58
C VAL I 108 7.29 15.85 32.30
N GLN I 109 7.28 17.18 32.38
CA GLN I 109 6.11 17.95 32.08
C GLN I 109 6.32 18.65 30.74
N VAL I 110 5.40 18.43 29.82
CA VAL I 110 5.50 18.98 28.48
C VAL I 110 4.85 20.36 28.47
N LEU I 111 5.55 21.33 27.88
CA LEU I 111 5.12 22.74 27.87
C LEU I 111 4.65 23.25 26.52
N SER I 112 4.84 22.47 25.46
CA SER I 112 4.54 22.91 24.11
C SER I 112 3.54 21.95 23.47
N PRO I 113 2.82 22.40 22.44
CA PRO I 113 1.90 21.50 21.73
C PRO I 113 2.67 20.38 21.04
N GLN I 114 2.14 19.18 21.07
CA GLN I 114 2.90 18.03 20.63
C GLN I 114 2.74 17.85 19.13
N ILE I 115 3.43 18.73 18.39
CA ILE I 115 3.30 18.80 16.94
C ILE I 115 4.69 18.70 16.33
N ALA I 116 4.80 17.85 15.31
CA ALA I 116 6.03 17.66 14.57
C ALA I 116 5.94 18.25 13.18
N VAL I 117 7.11 18.57 12.63
CA VAL I 117 7.24 19.15 11.29
C VAL I 117 7.81 18.07 10.38
N VAL I 118 7.11 17.78 9.29
CA VAL I 118 7.55 16.80 8.33
C VAL I 118 7.84 17.50 7.02
N THR I 119 9.03 17.25 6.48
CA THR I 119 9.45 17.81 5.18
C THR I 119 9.50 16.74 4.12
N HIS I 120 9.43 17.18 2.86
CA HIS I 120 9.30 16.28 1.71
C HIS I 120 10.44 15.27 1.49
N ASP I 121 11.62 15.58 2.01
CA ASP I 121 12.73 14.62 2.07
C ASP I 121 12.53 13.50 3.12
N GLY I 122 11.42 13.53 3.85
CA GLY I 122 11.12 12.51 4.86
C GLY I 122 11.68 12.82 6.22
N SER I 123 12.27 13.99 6.39
CA SER I 123 12.84 14.36 7.68
C SER I 123 11.74 14.93 8.59
N VAL I 124 11.85 14.57 9.86
CA VAL I 124 10.90 14.95 10.87
C VAL I 124 11.65 15.73 11.94
N MET I 125 11.05 16.84 12.34
CA MET I 125 11.61 17.69 13.39
C MET I 125 10.56 17.80 14.50
N PHE I 126 10.97 17.46 15.71
CA PHE I 126 10.09 17.43 16.86
C PHE I 126 10.83 18.06 18.01
N ILE I 127 10.25 19.12 18.57
CA ILE I 127 10.93 19.93 19.57
C ILE I 127 10.03 20.20 20.79
N PRO I 128 9.87 19.18 21.66
CA PRO I 128 9.07 19.41 22.88
C PRO I 128 9.81 20.30 23.87
N ALA I 129 9.14 21.34 24.33
CA ALA I 129 9.60 22.11 25.50
C ALA I 129 9.17 21.34 26.74
N GLN I 130 10.08 21.22 27.70
CA GLN I 130 9.90 20.34 28.83
C GLN I 130 10.41 20.96 30.11
N ARG I 131 9.72 20.64 31.21
CA ARG I 131 10.28 20.80 32.55
C ARG I 131 10.62 19.43 33.14
N LEU I 132 11.85 19.31 33.63
CA LEU I 132 12.41 18.07 34.12
C LEU I 132 13.01 18.25 35.50
N SER I 133 12.61 17.39 36.44
CA SER I 133 13.28 17.26 37.73
C SER I 133 14.21 16.07 37.64
N PHE I 134 15.48 16.27 38.01
CA PHE I 134 16.47 15.19 37.96
C PHE I 134 17.45 15.26 39.14
N MET I 135 18.18 14.17 39.31
CA MET I 135 19.05 13.99 40.47
C MET I 135 20.29 14.85 40.34
N CYS I 136 20.48 15.72 41.31
CA CYS I 136 21.52 16.73 41.24
C CYS I 136 21.80 17.29 42.63
N ASP I 137 23.07 17.21 43.05
CA ASP I 137 23.53 17.80 44.30
C ASP I 137 23.98 19.22 44.01
N PRO I 138 23.23 20.24 44.49
CA PRO I 138 23.59 21.62 44.18
C PRO I 138 24.63 22.24 45.13
N THR I 139 25.33 21.43 45.93
CA THR I 139 26.43 21.93 46.77
C THR I 139 27.44 22.72 45.94
N GLY I 140 27.81 23.89 46.47
CA GLY I 140 28.72 24.80 45.78
C GLY I 140 28.03 25.83 44.89
N VAL I 141 26.70 25.77 44.79
CA VAL I 141 25.94 26.69 43.93
C VAL I 141 26.04 28.14 44.43
N ASP I 142 26.21 28.31 45.74
CA ASP I 142 26.40 29.61 46.38
C ASP I 142 27.88 30.02 46.48
N SER I 143 28.70 29.58 45.53
CA SER I 143 30.12 29.93 45.47
C SER I 143 30.50 30.28 44.03
N GLU I 144 31.69 30.85 43.87
CA GLU I 144 32.18 31.25 42.55
C GLU I 144 32.37 30.08 41.59
N GLU I 145 32.85 28.96 42.12
CA GLU I 145 33.06 27.77 41.31
C GLU I 145 31.75 27.11 40.83
N GLY I 146 30.70 27.25 41.63
CA GLY I 146 29.37 26.77 41.27
C GLY I 146 29.22 25.29 41.50
N ALA I 147 28.03 24.79 41.17
CA ALA I 147 27.71 23.37 41.26
C ALA I 147 27.78 22.78 39.86
N THR I 148 28.01 21.47 39.81
CA THR I 148 28.02 20.73 38.54
C THR I 148 27.02 19.60 38.67
N CYS I 149 26.14 19.48 37.67
CA CYS I 149 25.25 18.33 37.58
C CYS I 149 25.16 17.78 36.18
N ALA I 150 24.74 16.52 36.11
CA ALA I 150 24.72 15.78 34.87
C ALA I 150 23.48 14.90 34.79
N VAL I 151 22.98 14.72 33.58
CA VAL I 151 21.88 13.80 33.32
C VAL I 151 22.02 13.23 31.90
N LYS I 152 21.85 11.92 31.80
CA LYS I 152 21.96 11.24 30.52
C LYS I 152 20.60 11.08 29.88
N PHE I 153 20.59 11.18 28.55
CA PHE I 153 19.42 10.95 27.73
C PHE I 153 19.71 9.86 26.72
N GLY I 154 18.74 8.98 26.52
CA GLY I 154 18.88 7.95 25.52
C GLY I 154 17.61 7.17 25.33
N SER I 155 17.63 6.29 24.33
CA SER I 155 16.51 5.41 24.08
C SER I 155 16.35 4.51 25.28
N TRP I 156 15.12 4.21 25.64
CA TRP I 156 14.87 3.28 26.75
C TRP I 156 15.03 1.82 26.32
N VAL I 157 14.63 1.52 25.08
CA VAL I 157 14.54 0.12 24.62
C VAL I 157 15.32 -0.25 23.35
N TYR I 158 16.06 0.70 22.77
CA TYR I 158 16.82 0.43 21.56
C TYR I 158 18.31 0.64 21.78
N SER I 159 19.09 -0.34 21.31
CA SER I 159 20.55 -0.24 21.32
C SER I 159 21.04 0.69 20.22
N GLY I 160 22.35 0.91 20.23
CA GLY I 160 23.04 1.66 19.19
C GLY I 160 22.94 1.06 17.79
N PHE I 161 22.68 -0.24 17.68
CA PHE I 161 22.43 -0.88 16.38
C PHE I 161 21.01 -0.69 15.86
N GLU I 162 20.15 -0.02 16.61
CA GLU I 162 18.75 0.20 16.22
C GLU I 162 18.44 1.70 16.13
N ILE I 163 18.79 2.45 17.18
CA ILE I 163 18.78 3.91 17.13
C ILE I 163 20.19 4.43 17.32
N ASP I 164 20.73 5.02 16.26
CA ASP I 164 22.04 5.64 16.32
C ASP I 164 21.83 7.07 16.75
N LEU I 165 22.09 7.31 18.02
CA LEU I 165 21.84 8.60 18.61
C LEU I 165 23.04 9.50 18.38
N LYS I 166 22.81 10.69 17.84
CA LYS I 166 23.87 11.66 17.54
C LYS I 166 23.57 13.06 18.04
N THR I 167 24.61 13.90 18.05
CA THR I 167 24.48 15.34 18.27
C THR I 167 25.08 16.05 17.07
N ASP I 168 24.66 17.29 16.86
CA ASP I 168 25.29 18.19 15.85
C ASP I 168 26.43 18.99 16.45
N THR I 169 26.38 19.20 17.75
CA THR I 169 27.39 19.96 18.46
C THR I 169 27.39 19.46 19.89
N ASP I 170 28.50 19.65 20.58
CA ASP I 170 28.58 19.31 21.99
C ASP I 170 28.31 20.53 22.88
N GLN I 171 28.02 21.69 22.28
CA GLN I 171 27.63 22.88 23.03
C GLN I 171 26.12 22.98 23.16
N VAL I 172 25.64 23.05 24.39
CA VAL I 172 24.21 23.30 24.66
C VAL I 172 23.93 24.72 24.19
N ASP I 173 22.79 24.92 23.55
CA ASP I 173 22.42 26.24 23.07
C ASP I 173 21.92 27.06 24.26
N LEU I 174 22.67 28.12 24.60
CA LEU I 174 22.34 28.99 25.72
C LEU I 174 21.85 30.36 25.27
N SER I 175 21.61 30.53 23.98
CA SER I 175 21.24 31.85 23.43
C SER I 175 19.84 32.34 23.86
N SER I 176 18.98 31.42 24.32
CA SER I 176 17.66 31.75 24.88
C SER I 176 17.59 31.56 26.39
N TYR I 177 18.74 31.39 27.05
CA TYR I 177 18.69 31.19 28.50
C TYR I 177 18.13 32.43 29.16
N TYR I 178 17.23 32.24 30.10
CA TYR I 178 16.54 33.33 30.79
C TYR I 178 17.53 34.23 31.56
N ALA I 179 17.64 35.48 31.13
CA ALA I 179 18.65 36.42 31.65
C ALA I 179 18.46 36.80 33.12
N SER I 180 17.25 36.66 33.66
CA SER I 180 17.01 36.95 35.08
C SER I 180 16.70 35.71 35.91
N SER I 181 17.16 34.53 35.45
CA SER I 181 17.09 33.32 36.25
C SER I 181 17.76 33.53 37.61
N LYS I 182 17.36 32.72 38.59
CA LYS I 182 18.07 32.67 39.88
C LYS I 182 19.48 32.11 39.73
N TYR I 183 19.68 31.32 38.68
CA TYR I 183 20.96 30.67 38.45
C TYR I 183 21.52 31.09 37.11
N GLU I 184 22.81 31.41 37.11
CA GLU I 184 23.54 31.68 35.88
C GLU I 184 24.31 30.46 35.48
N ILE I 185 24.41 30.25 34.16
CA ILE I 185 25.10 29.09 33.60
C ILE I 185 26.55 29.43 33.31
N LEU I 186 27.46 28.66 33.90
CA LEU I 186 28.90 28.78 33.64
C LEU I 186 29.28 27.97 32.42
N SER I 187 28.67 26.80 32.28
CA SER I 187 28.81 26.00 31.06
C SER I 187 27.75 24.93 30.98
N ALA I 188 27.50 24.50 29.75
CA ALA I 188 26.51 23.48 29.48
C ALA I 188 26.92 22.73 28.23
N THR I 189 27.21 21.44 28.41
CA THR I 189 27.65 20.59 27.30
C THR I 189 26.75 19.38 27.15
N GLN I 190 26.73 18.85 25.94
CA GLN I 190 25.95 17.67 25.56
C GLN I 190 26.86 16.72 24.79
N THR I 191 27.26 15.62 25.42
CA THR I 191 28.30 14.74 24.88
C THR I 191 27.75 13.36 24.60
N ARG I 192 27.86 12.94 23.34
CA ARG I 192 27.52 11.58 22.96
C ARG I 192 28.50 10.62 23.60
N GLN I 193 27.99 9.59 24.27
CA GLN I 193 28.82 8.55 24.88
C GLN I 193 28.37 7.19 24.40
N VAL I 194 29.35 6.31 24.19
CA VAL I 194 29.11 4.93 23.78
C VAL I 194 29.50 4.04 24.94
N GLN I 195 28.65 3.07 25.24
CA GLN I 195 28.91 2.14 26.35
C GLN I 195 28.68 0.72 25.97
N HIS I 196 29.51 -0.16 26.57
CA HIS I 196 29.30 -1.59 26.44
C HIS I 196 28.95 -2.26 27.76
N TYR I 197 28.08 -3.25 27.64
CA TYR I 197 27.68 -4.10 28.75
C TYR I 197 28.26 -5.48 28.47
N SER I 198 28.83 -6.11 29.49
CA SER I 198 29.55 -7.37 29.32
C SER I 198 28.70 -8.52 28.78
N CYS I 199 27.38 -8.45 28.96
CA CYS I 199 26.45 -9.46 28.42
C CYS I 199 26.39 -9.53 26.90
N CYS I 200 26.69 -8.41 26.25
CA CYS I 200 26.12 -8.10 24.95
C CYS I 200 27.13 -7.39 24.06
N PRO I 201 27.19 -7.75 22.77
CA PRO I 201 28.16 -7.10 21.87
C PRO I 201 27.77 -5.70 21.39
N GLU I 202 26.46 -5.43 21.28
CA GLU I 202 25.93 -4.13 20.77
C GLU I 202 26.28 -2.92 21.67
N PRO I 203 26.56 -1.77 21.04
CA PRO I 203 26.86 -0.56 21.79
C PRO I 203 25.57 0.09 22.24
N TYR I 204 25.64 0.78 23.38
CA TYR I 204 24.53 1.55 23.91
C TYR I 204 24.95 3.00 23.96
N ILE I 205 24.08 3.87 23.46
CA ILE I 205 24.40 5.28 23.24
C ILE I 205 23.56 6.14 24.16
N ASP I 206 24.20 7.15 24.76
CA ASP I 206 23.47 8.21 25.44
C ASP I 206 24.11 9.56 25.17
N VAL I 207 23.37 10.61 25.49
CA VAL I 207 23.87 11.98 25.42
C VAL I 207 23.87 12.50 26.84
N ASN I 208 25.06 12.84 27.32
CA ASN I 208 25.24 13.31 28.67
C ASN I 208 25.19 14.83 28.69
N LEU I 209 24.18 15.36 29.37
CA LEU I 209 23.99 16.80 29.54
C LEU I 209 24.64 17.22 30.85
N VAL I 210 25.73 18.00 30.78
CA VAL I 210 26.47 18.44 31.95
C VAL I 210 26.31 19.93 32.07
N VAL I 211 25.78 20.38 33.20
CA VAL I 211 25.51 21.79 33.42
C VAL I 211 26.26 22.25 34.67
N LYS I 212 27.01 23.34 34.52
CA LYS I 212 27.70 24.02 35.61
C LYS I 212 27.04 25.36 35.81
N PHE I 213 26.66 25.64 37.06
CA PHE I 213 25.83 26.80 37.35
C PHE I 213 26.04 27.29 38.78
N ARG I 214 25.66 28.53 39.00
CA ARG I 214 25.71 29.12 40.33
C ARG I 214 24.64 30.18 40.51
N GLU I 215 24.39 30.52 41.76
CA GLU I 215 23.45 31.60 42.10
C GLU I 215 23.93 32.90 41.48
N ARG I 216 23.01 33.63 40.86
CA ARG I 216 23.33 34.92 40.23
C ARG I 216 23.67 35.96 41.31
N ARG I 217 24.68 36.78 41.02
CA ARG I 217 25.27 37.74 41.95
C ARG I 217 25.16 39.15 41.36
N ASP J 6 -43.32 22.25 17.68
CA ASP J 6 -43.09 22.02 16.22
C ASP J 6 -41.89 22.81 15.70
N ASP J 7 -41.90 24.12 15.95
CA ASP J 7 -40.77 25.01 15.61
C ASP J 7 -39.51 24.60 16.37
N LYS J 8 -39.67 24.30 17.66
CA LYS J 8 -38.58 23.87 18.52
C LYS J 8 -37.89 22.59 18.06
N LEU J 9 -38.67 21.58 17.68
CA LEU J 9 -38.13 20.35 17.05
C LEU J 9 -37.41 20.69 15.75
N HIS J 10 -38.00 21.60 14.98
CA HIS J 10 -37.42 22.06 13.71
C HIS J 10 -36.06 22.75 13.88
N SER J 11 -35.95 23.66 14.85
CA SER J 11 -34.69 24.37 15.09
C SER J 11 -33.59 23.40 15.57
N GLN J 12 -33.96 22.43 16.41
CA GLN J 12 -33.04 21.38 16.86
C GLN J 12 -32.54 20.53 15.71
N ALA J 13 -33.46 20.10 14.85
CA ALA J 13 -33.14 19.27 13.68
C ALA J 13 -32.19 19.98 12.73
N ASN J 14 -32.44 21.28 12.52
CA ASN J 14 -31.56 22.09 11.69
C ASN J 14 -30.16 22.27 12.26
N LEU J 15 -30.04 22.47 13.58
CA LEU J 15 -28.73 22.54 14.24
C LEU J 15 -27.94 21.23 14.06
N MET J 16 -28.61 20.11 14.31
CA MET J 16 -27.98 18.79 14.16
C MET J 16 -27.54 18.51 12.73
N ARG J 17 -28.40 18.87 11.77
CA ARG J 17 -28.08 18.73 10.34
C ARG J 17 -26.88 19.61 9.95
N LEU J 18 -26.85 20.86 10.43
CA LEU J 18 -25.74 21.77 10.20
C LEU J 18 -24.42 21.20 10.72
N LYS J 19 -24.42 20.77 11.97
CA LYS J 19 -23.22 20.21 12.59
C LYS J 19 -22.76 18.95 11.86
N SER J 20 -23.72 18.11 11.52
CA SER J 20 -23.44 16.90 10.74
C SER J 20 -22.83 17.26 9.40
N ASP J 21 -23.41 18.25 8.72
CA ASP J 21 -22.88 18.70 7.43
C ASP J 21 -21.44 19.22 7.52
N LEU J 22 -21.14 20.01 8.55
CA LEU J 22 -19.79 20.59 8.70
C LEU J 22 -18.75 19.60 9.22
N PHE J 23 -19.15 18.72 10.14
CA PHE J 23 -18.21 17.85 10.86
C PHE J 23 -18.09 16.42 10.33
N ASN J 24 -19.17 15.86 9.78
CA ASN J 24 -19.24 14.45 9.34
C ASN J 24 -19.24 14.27 7.83
N ARG J 25 -20.00 15.10 7.12
CA ARG J 25 -20.09 15.03 5.67
C ARG J 25 -18.99 15.82 4.92
N SER J 26 -18.33 16.76 5.61
CA SER J 26 -17.25 17.53 5.01
C SER J 26 -15.90 17.10 5.57
N PRO J 27 -14.85 17.13 4.72
CA PRO J 27 -13.50 16.97 5.25
C PRO J 27 -13.15 18.21 6.08
N MET J 28 -12.41 18.02 7.16
CA MET J 28 -12.16 19.11 8.08
C MET J 28 -10.75 19.73 7.92
N TYR J 29 -10.70 21.01 8.28
CA TYR J 29 -9.52 21.86 8.11
C TYR J 29 -8.23 21.18 8.60
N PRO J 30 -7.27 20.93 7.68
CA PRO J 30 -6.00 20.29 8.02
C PRO J 30 -4.95 21.25 8.58
N GLY J 31 -5.27 22.53 8.70
CA GLY J 31 -4.33 23.54 9.16
C GLY J 31 -3.93 24.43 8.00
N PRO J 32 -3.25 25.55 8.30
CA PRO J 32 -2.87 26.51 7.28
C PRO J 32 -1.65 26.08 6.49
N THR J 33 -1.48 26.68 5.32
CA THR J 33 -0.33 26.45 4.43
C THR J 33 0.22 27.80 3.98
N LYS J 34 1.37 27.77 3.33
CA LYS J 34 1.98 28.99 2.76
C LYS J 34 1.10 29.59 1.67
N ASP J 35 0.44 28.74 0.90
CA ASP J 35 -0.50 29.17 -0.14
C ASP J 35 -1.83 29.68 0.41
N ASP J 36 -2.18 29.24 1.62
CA ASP J 36 -3.43 29.58 2.25
C ASP J 36 -3.23 29.94 3.75
N PRO J 37 -2.58 31.10 4.02
CA PRO J 37 -2.27 31.47 5.39
C PRO J 37 -3.52 31.83 6.18
N LEU J 38 -3.45 31.66 7.49
CA LEU J 38 -4.57 31.93 8.36
C LEU J 38 -4.25 33.09 9.27
N THR J 39 -5.17 34.04 9.36
CA THR J 39 -5.06 35.12 10.33
C THR J 39 -5.67 34.65 11.66
N VAL J 40 -4.90 34.77 12.73
CA VAL J 40 -5.38 34.49 14.07
C VAL J 40 -5.19 35.75 14.89
N THR J 41 -6.28 36.22 15.48
CA THR J 41 -6.26 37.43 16.30
C THR J 41 -6.30 37.03 17.76
N LEU J 42 -5.43 37.64 18.54
CA LEU J 42 -5.15 37.25 19.91
C LEU J 42 -5.23 38.47 20.82
N GLY J 43 -5.85 38.29 21.98
CA GLY J 43 -5.93 39.34 22.99
C GLY J 43 -6.08 38.75 24.38
N PHE J 44 -5.59 39.48 25.37
CA PHE J 44 -5.57 39.02 26.74
C PHE J 44 -6.41 39.92 27.64
N THR J 45 -7.11 39.25 28.54
CA THR J 45 -7.85 39.90 29.62
C THR J 45 -7.23 39.34 30.90
N LEU J 46 -6.49 40.20 31.60
CA LEU J 46 -5.73 39.78 32.77
C LEU J 46 -6.60 39.87 34.01
N GLN J 47 -6.76 38.75 34.70
CA GLN J 47 -7.68 38.66 35.83
C GLN J 47 -6.98 38.76 37.17
N ASP J 48 -5.78 38.19 37.29
CA ASP J 48 -5.09 38.16 38.58
C ASP J 48 -3.64 37.77 38.41
N ILE J 49 -2.77 38.45 39.15
CA ILE J 49 -1.44 37.93 39.44
C ILE J 49 -1.59 37.25 40.81
N VAL J 50 -1.53 35.92 40.80
CA VAL J 50 -1.86 35.15 41.97
C VAL J 50 -0.67 35.08 42.91
N LYS J 51 0.52 34.90 42.33
CA LYS J 51 1.70 34.56 43.09
C LYS J 51 2.96 35.01 42.36
N ALA J 52 3.90 35.55 43.12
CA ALA J 52 5.22 35.91 42.62
C ALA J 52 6.26 35.30 43.54
N ASP J 53 7.06 34.38 42.99
CA ASP J 53 7.98 33.56 43.78
C ASP J 53 9.41 33.99 43.44
N SER J 54 10.01 34.73 44.37
CA SER J 54 11.36 35.25 44.18
C SER J 54 12.45 34.21 44.49
N SER J 55 12.09 33.08 45.08
CA SER J 55 13.04 31.98 45.29
C SER J 55 13.28 31.15 44.00
N THR J 56 12.32 31.18 43.06
CA THR J 56 12.48 30.47 41.76
C THR J 56 12.33 31.37 40.53
N ASN J 57 11.95 32.63 40.74
CA ASN J 57 11.66 33.56 39.64
C ASN J 57 10.63 33.02 38.68
N GLU J 58 9.49 32.67 39.28
CA GLU J 58 8.28 32.28 38.58
C GLU J 58 7.15 33.16 39.06
N VAL J 59 6.30 33.57 38.13
CA VAL J 59 5.07 34.29 38.45
C VAL J 59 3.88 33.56 37.87
N ASP J 60 2.77 33.58 38.60
CA ASP J 60 1.55 32.89 38.19
C ASP J 60 0.48 33.91 37.87
N LEU J 61 -0.01 33.86 36.64
CA LEU J 61 -1.12 34.70 36.17
C LEU J 61 -2.36 33.88 35.90
N VAL J 62 -3.51 34.53 36.09
CA VAL J 62 -4.79 34.03 35.63
C VAL J 62 -5.31 35.05 34.62
N TYR J 63 -5.63 34.57 33.42
CA TYR J 63 -6.10 35.43 32.35
C TYR J 63 -7.06 34.67 31.45
N TYR J 64 -7.81 35.42 30.66
CA TYR J 64 -8.59 34.87 29.55
C TYR J 64 -7.85 35.19 28.26
N GLU J 65 -7.64 34.16 27.44
CA GLU J 65 -6.91 34.30 26.21
C GLU J 65 -7.89 34.22 25.04
N GLN J 66 -8.21 35.37 24.46
CA GLN J 66 -9.17 35.44 23.38
C GLN J 66 -8.51 35.14 22.02
N GLN J 67 -9.01 34.12 21.33
CA GLN J 67 -8.49 33.72 20.02
C GLN J 67 -9.61 33.72 19.01
N ARG J 68 -9.33 34.27 17.84
CA ARG J 68 -10.32 34.36 16.78
C ARG J 68 -9.67 34.09 15.42
N TRP J 69 -10.35 33.29 14.62
CA TRP J 69 -9.93 33.04 13.23
C TRP J 69 -11.17 32.73 12.42
N LYS J 70 -10.98 32.65 11.11
CA LYS J 70 -12.08 32.47 10.19
C LYS J 70 -11.72 31.46 9.11
N LEU J 71 -12.64 30.53 8.86
CA LEU J 71 -12.47 29.47 7.86
C LEU J 71 -13.64 29.40 6.90
N ASN J 72 -13.32 29.30 5.62
CA ASN J 72 -14.33 29.09 4.57
C ASN J 72 -15.09 27.79 4.75
N SER J 73 -14.39 26.75 5.19
CA SER J 73 -15.00 25.44 5.43
C SER J 73 -16.02 25.42 6.59
N LEU J 74 -16.08 26.49 7.41
CA LEU J 74 -17.09 26.62 8.45
C LEU J 74 -18.20 27.63 8.14
N MET J 75 -18.25 28.10 6.89
CA MET J 75 -19.31 29.02 6.46
C MET J 75 -20.58 28.24 6.11
N TRP J 76 -21.72 28.88 6.36
CA TRP J 76 -22.99 28.40 5.85
C TRP J 76 -23.94 29.57 5.66
N ASP J 77 -24.99 29.29 4.90
CA ASP J 77 -26.08 30.23 4.67
C ASP J 77 -27.15 29.94 5.72
N PRO J 78 -27.43 30.89 6.63
CA PRO J 78 -28.48 30.63 7.62
C PRO J 78 -29.86 30.27 7.06
N ASN J 79 -30.18 30.75 5.85
CA ASN J 79 -31.45 30.44 5.19
C ASN J 79 -31.63 28.97 4.85
N GLU J 80 -30.52 28.27 4.64
CA GLU J 80 -30.56 26.82 4.41
C GLU J 80 -30.64 25.98 5.69
N TYR J 81 -30.64 26.62 6.87
CA TYR J 81 -30.57 25.93 8.17
C TYR J 81 -31.45 26.58 9.24
N GLY J 82 -32.68 26.93 8.85
CA GLY J 82 -33.68 27.47 9.76
C GLY J 82 -33.28 28.75 10.47
N ASN J 83 -32.51 29.60 9.79
CA ASN J 83 -32.03 30.89 10.35
C ASN J 83 -31.01 30.76 11.50
N ILE J 84 -30.36 29.60 11.63
CA ILE J 84 -29.27 29.46 12.60
C ILE J 84 -28.07 30.27 12.13
N THR J 85 -27.65 31.20 12.96
CA THR J 85 -26.52 32.10 12.68
C THR J 85 -25.23 31.74 13.43
N ASP J 86 -25.33 30.87 14.42
CA ASP J 86 -24.18 30.44 15.22
C ASP J 86 -24.47 29.14 15.97
N PHE J 87 -23.41 28.45 16.37
CA PHE J 87 -23.51 27.31 17.28
C PHE J 87 -22.25 27.16 18.16
N ARG J 88 -22.31 26.20 19.06
CA ARG J 88 -21.20 25.87 19.95
C ARG J 88 -20.69 24.49 19.64
N THR J 89 -19.38 24.32 19.79
CA THR J 89 -18.75 23.04 19.57
C THR J 89 -17.62 22.87 20.56
N SER J 90 -17.39 21.64 20.96
CA SER J 90 -16.21 21.30 21.72
C SER J 90 -14.97 21.70 20.91
N ALA J 91 -13.98 22.29 21.59
CA ALA J 91 -12.72 22.66 20.96
C ALA J 91 -11.94 21.47 20.40
N ALA J 92 -12.17 20.29 20.95
CA ALA J 92 -11.55 19.06 20.45
C ALA J 92 -12.07 18.63 19.06
N ASP J 93 -13.27 19.07 18.68
CA ASP J 93 -13.88 18.69 17.40
C ASP J 93 -13.55 19.60 16.21
N ILE J 94 -12.81 20.68 16.45
CA ILE J 94 -12.33 21.57 15.38
C ILE J 94 -10.84 21.76 15.50
N TRP J 95 -10.24 22.24 14.42
CA TRP J 95 -8.87 22.70 14.44
C TRP J 95 -8.79 23.94 15.31
N THR J 96 -7.74 24.02 16.13
CA THR J 96 -7.46 25.22 16.89
C THR J 96 -5.98 25.56 16.74
N PRO J 97 -5.64 26.86 16.83
CA PRO J 97 -4.24 27.22 16.65
C PRO J 97 -3.37 26.81 17.82
N ASP J 98 -2.12 26.48 17.52
CA ASP J 98 -1.15 26.00 18.52
C ASP J 98 -0.42 27.15 19.24
N ILE J 99 -1.18 28.13 19.72
CA ILE J 99 -0.60 29.30 20.35
C ILE J 99 -0.09 28.86 21.71
N THR J 100 1.15 29.25 22.01
CA THR J 100 1.82 28.79 23.21
C THR J 100 2.61 29.91 23.84
N ALA J 101 2.65 29.92 25.17
CA ALA J 101 3.61 30.73 25.91
C ALA J 101 5.01 30.15 25.68
N TYR J 102 5.97 31.00 25.33
CA TYR J 102 7.31 30.55 25.02
C TYR J 102 8.20 30.38 26.26
N SER J 103 7.82 30.95 27.41
CA SER J 103 8.64 30.88 28.59
C SER J 103 7.85 30.45 29.82
N SER J 104 6.88 29.58 29.61
CA SER J 104 6.20 28.93 30.72
C SER J 104 7.18 27.99 31.45
N THR J 105 6.92 27.76 32.73
CA THR J 105 7.68 26.81 33.55
C THR J 105 6.88 25.62 34.04
N ARG J 106 5.58 25.60 33.80
CA ARG J 106 4.70 24.47 34.12
CA ARG J 106 4.74 24.44 34.11
C ARG J 106 3.61 24.38 33.07
N PRO J 107 3.00 23.20 32.87
CA PRO J 107 1.89 23.16 31.90
C PRO J 107 0.78 24.11 32.28
N VAL J 108 0.19 24.77 31.28
CA VAL J 108 -0.90 25.70 31.54
C VAL J 108 -2.09 24.92 32.09
N GLN J 109 -2.80 25.52 33.03
CA GLN J 109 -3.99 24.90 33.61
C GLN J 109 -5.21 25.64 33.06
N VAL J 110 -6.13 24.88 32.48
CA VAL J 110 -7.33 25.43 31.85
C VAL J 110 -8.43 25.51 32.90
N LEU J 111 -9.09 26.67 32.96
CA LEU J 111 -10.08 26.97 33.99
C LEU J 111 -11.52 27.06 33.48
N SER J 112 -11.70 27.00 32.17
CA SER J 112 -13.01 27.14 31.54
C SER J 112 -13.32 25.93 30.68
N PRO J 113 -14.62 25.68 30.39
CA PRO J 113 -14.97 24.58 29.50
C PRO J 113 -14.45 24.83 28.10
N GLN J 114 -13.94 23.78 27.47
CA GLN J 114 -13.24 23.95 26.20
C GLN J 114 -14.24 23.96 25.06
N ILE J 115 -14.96 25.08 24.93
CA ILE J 115 -16.02 25.22 23.94
C ILE J 115 -15.79 26.48 23.12
N ALA J 116 -15.94 26.33 21.81
CA ALA J 116 -15.76 27.43 20.87
C ALA J 116 -17.10 27.83 20.26
N VAL J 117 -17.16 29.08 19.82
CA VAL J 117 -18.34 29.66 19.20
C VAL J 117 -18.07 29.79 17.70
N VAL J 118 -18.94 29.20 16.88
CA VAL J 118 -18.81 29.26 15.44
C VAL J 118 -19.98 30.05 14.88
N THR J 119 -19.68 31.09 14.09
CA THR J 119 -20.69 31.95 13.42
C THR J 119 -20.73 31.62 11.92
N HIS J 120 -21.88 31.90 11.31
CA HIS J 120 -22.16 31.52 9.90
C HIS J 120 -21.20 32.07 8.84
N ASP J 121 -20.53 33.18 9.15
CA ASP J 121 -19.44 33.70 8.33
C ASP J 121 -18.15 32.87 8.41
N GLY J 122 -18.17 31.79 9.21
CA GLY J 122 -17.02 30.89 9.33
C GLY J 122 -16.05 31.31 10.43
N SER J 123 -16.37 32.36 11.18
CA SER J 123 -15.47 32.83 12.22
C SER J 123 -15.68 32.03 13.49
N VAL J 124 -14.57 31.76 14.15
CA VAL J 124 -14.51 30.93 15.34
C VAL J 124 -13.95 31.81 16.45
N MET J 125 -14.58 31.75 17.60
CA MET J 125 -14.13 32.45 18.78
C MET J 125 -13.89 31.41 19.87
N PHE J 126 -12.69 31.44 20.45
CA PHE J 126 -12.28 30.47 21.46
C PHE J 126 -11.54 31.23 22.54
N ILE J 127 -12.04 31.14 23.78
CA ILE J 127 -11.55 31.96 24.89
C ILE J 127 -11.27 31.11 26.14
N PRO J 128 -10.16 30.35 26.14
CA PRO J 128 -9.80 29.62 27.33
C PRO J 128 -9.32 30.51 28.47
N ALA J 129 -9.90 30.33 29.65
CA ALA J 129 -9.37 30.90 30.86
C ALA J 129 -8.25 29.99 31.33
N GLN J 130 -7.14 30.59 31.75
CA GLN J 130 -5.93 29.83 32.03
C GLN J 130 -5.18 30.37 33.24
N ARG J 131 -4.54 29.46 33.95
CA ARG J 131 -3.50 29.79 34.90
C ARG J 131 -2.14 29.36 34.34
N LEU J 132 -1.20 30.31 34.34
CA LEU J 132 0.12 30.13 33.74
C LEU J 132 1.21 30.51 34.73
N SER J 133 2.18 29.62 34.92
CA SER J 133 3.44 29.93 35.58
C SER J 133 4.49 30.22 34.49
N PHE J 134 5.16 31.36 34.59
CA PHE J 134 6.19 31.72 33.62
C PHE J 134 7.39 32.40 34.29
N MET J 135 8.47 32.49 33.52
CA MET J 135 9.75 33.00 34.03
C MET J 135 9.69 34.49 34.22
N CYS J 136 9.93 34.92 35.45
CA CYS J 136 9.75 36.31 35.83
C CYS J 136 10.50 36.59 37.13
N ASP J 137 11.38 37.58 37.09
CA ASP J 137 12.09 38.05 38.27
C ASP J 137 11.25 39.15 38.89
N PRO J 138 10.66 38.89 40.06
CA PRO J 138 9.82 39.92 40.70
C PRO J 138 10.59 40.96 41.55
N THR J 139 11.91 41.05 41.45
CA THR J 139 12.68 42.11 42.11
C THR J 139 12.08 43.49 41.81
N GLY J 140 11.92 44.29 42.86
CA GLY J 140 11.32 45.61 42.77
C GLY J 140 9.82 45.63 42.99
N VAL J 141 9.21 44.47 43.18
CA VAL J 141 7.75 44.37 43.38
C VAL J 141 7.29 45.07 44.67
N ASP J 142 8.17 45.09 45.66
CA ASP J 142 7.93 45.74 46.95
C ASP J 142 8.41 47.21 46.96
N SER J 143 8.38 47.86 45.79
CA SER J 143 8.75 49.27 45.66
C SER J 143 7.72 49.98 44.79
N GLU J 144 7.80 51.30 44.78
CA GLU J 144 6.87 52.13 44.01
C GLU J 144 6.96 51.89 42.50
N GLU J 145 8.19 51.70 42.01
CA GLU J 145 8.41 51.44 40.58
C GLU J 145 7.88 50.12 40.12
N GLY J 146 7.89 49.14 41.03
CA GLY J 146 7.36 47.81 40.74
C GLY J 146 8.32 46.94 39.96
N ALA J 147 7.86 45.73 39.66
CA ALA J 147 8.60 44.78 38.86
C ALA J 147 8.02 44.78 37.46
N THR J 148 8.84 44.38 36.50
CA THR J 148 8.42 44.26 35.11
C THR J 148 8.73 42.85 34.64
N CYS J 149 7.74 42.19 34.07
CA CYS J 149 7.96 40.90 33.44
C CYS J 149 7.28 40.80 32.10
N ALA J 150 7.77 39.86 31.31
CA ALA J 150 7.34 39.69 29.94
C ALA J 150 7.27 38.21 29.57
N VAL J 151 6.31 37.88 28.72
CA VAL J 151 6.18 36.53 28.18
C VAL J 151 5.60 36.62 26.77
N LYS J 152 6.22 35.90 25.86
CA LYS J 152 5.80 35.87 24.48
C LYS J 152 4.87 34.70 24.22
N PHE J 153 3.89 34.97 23.36
CA PHE J 153 2.95 33.96 22.88
C PHE J 153 3.02 33.88 21.37
N GLY J 154 2.99 32.66 20.85
CA GLY J 154 3.00 32.46 19.42
C GLY J 154 2.78 31.02 19.06
N SER J 155 2.63 30.79 17.78
CA SER J 155 2.53 29.44 17.25
C SER J 155 3.83 28.71 17.54
N TRP J 156 3.74 27.42 17.86
CA TRP J 156 4.94 26.62 18.11
C TRP J 156 5.58 26.16 16.81
N VAL J 157 4.76 25.89 15.80
CA VAL J 157 5.25 25.25 14.56
C VAL J 157 4.99 25.99 13.25
N TYR J 158 4.34 27.15 13.28
CA TYR J 158 3.98 27.87 12.07
C TYR J 158 4.64 29.24 12.05
N SER J 159 5.24 29.56 10.91
CA SER J 159 5.80 30.88 10.66
C SER J 159 4.71 31.89 10.37
N GLY J 160 5.15 33.13 10.23
CA GLY J 160 4.28 34.23 9.82
C GLY J 160 3.67 34.12 8.43
N PHE J 161 4.27 33.29 7.56
CA PHE J 161 3.66 32.96 6.27
C PHE J 161 2.57 31.89 6.32
N GLU J 162 2.31 31.32 7.50
CA GLU J 162 1.31 30.27 7.68
C GLU J 162 0.22 30.68 8.66
N ILE J 163 0.63 31.19 9.83
CA ILE J 163 -0.28 31.82 10.75
C ILE J 163 0.15 33.28 10.91
N ASP J 164 -0.71 34.18 10.43
CA ASP J 164 -0.50 35.60 10.61
C ASP J 164 -1.16 36.00 11.92
N LEU J 165 -0.33 36.15 12.94
CA LEU J 165 -0.80 36.43 14.27
C LEU J 165 -0.98 37.92 14.42
N LYS J 166 -2.17 38.35 14.88
CA LYS J 166 -2.50 39.77 15.07
C LYS J 166 -3.12 40.07 16.42
N THR J 167 -3.16 41.36 16.75
CA THR J 167 -3.91 41.87 17.90
C THR J 167 -4.89 42.92 17.39
N ASP J 168 -5.96 43.16 18.16
CA ASP J 168 -6.91 44.25 17.91
C ASP J 168 -6.50 45.53 18.64
N THR J 169 -5.75 45.39 19.72
CA THR J 169 -5.26 46.50 20.50
C THR J 169 -3.98 46.05 21.17
N ASP J 170 -3.15 47.01 21.54
CA ASP J 170 -1.94 46.70 22.30
C ASP J 170 -2.16 46.88 23.80
N GLN J 171 -3.38 47.26 24.21
CA GLN J 171 -3.71 47.37 25.63
C GLN J 171 -4.32 46.08 26.13
N VAL J 172 -3.72 45.49 27.15
CA VAL J 172 -4.29 44.33 27.82
C VAL J 172 -5.56 44.80 28.52
N ASP J 173 -6.61 43.99 28.45
CA ASP J 173 -7.87 44.39 29.07
C ASP J 173 -7.74 44.14 30.58
N LEU J 174 -7.80 45.22 31.35
CA LEU J 174 -7.68 45.18 32.82
C LEU J 174 -9.00 45.47 33.52
N SER J 175 -10.10 45.54 32.77
CA SER J 175 -11.40 45.91 33.34
C SER J 175 -12.00 44.86 34.29
N SER J 176 -11.53 43.60 34.21
CA SER J 176 -11.91 42.53 35.12
C SER J 176 -10.79 42.16 36.09
N TYR J 177 -9.74 42.97 36.19
CA TYR J 177 -8.62 42.61 37.07
C TYR J 177 -9.14 42.60 38.50
N TYR J 178 -8.75 41.57 39.25
CA TYR J 178 -9.22 41.37 40.61
C TYR J 178 -8.79 42.51 41.52
N ALA J 179 -9.77 43.26 42.01
CA ALA J 179 -9.51 44.48 42.81
C ALA J 179 -8.79 44.25 44.14
N SER J 180 -8.86 43.05 44.69
CA SER J 180 -8.18 42.75 45.96
C SER J 180 -7.02 41.78 45.80
N SER J 181 -6.46 41.71 44.59
CA SER J 181 -5.23 40.96 44.36
C SER J 181 -4.14 41.41 45.32
N LYS J 182 -3.18 40.53 45.57
CA LYS J 182 -1.96 40.92 46.29
C LYS J 182 -1.10 41.91 45.47
N TYR J 183 -1.27 41.90 44.15
CA TYR J 183 -0.50 42.74 43.26
C TYR J 183 -1.42 43.66 42.47
N GLU J 184 -1.08 44.95 42.43
CA GLU J 184 -1.78 45.89 41.58
C GLU J 184 -0.96 46.06 40.27
N ILE J 185 -1.69 46.25 39.17
CA ILE J 185 -1.13 46.40 37.84
C ILE J 185 -0.88 47.87 37.54
N LEU J 186 0.37 48.20 37.23
CA LEU J 186 0.75 49.54 36.79
C LEU J 186 0.55 49.70 35.29
N SER J 187 0.87 48.65 34.53
CA SER J 187 0.54 48.59 33.12
C SER J 187 0.65 47.18 32.58
N ALA J 188 -0.05 46.96 31.49
CA ALA J 188 -0.08 45.67 30.85
C ALA J 188 -0.33 45.86 29.37
N THR J 189 0.66 45.49 28.56
CA THR J 189 0.58 45.67 27.12
C THR J 189 0.80 44.34 26.41
N GLN J 190 0.26 44.27 25.20
CA GLN J 190 0.35 43.10 24.33
C GLN J 190 0.76 43.57 22.95
N THR J 191 2.02 43.31 22.58
CA THR J 191 2.60 43.92 21.37
C THR J 191 2.98 42.83 20.38
N ARG J 192 2.42 42.93 19.19
CA ARG J 192 2.82 42.08 18.08
C ARG J 192 4.24 42.40 17.69
N GLN J 193 5.08 41.39 17.61
CA GLN J 193 6.47 41.55 17.19
C GLN J 193 6.74 40.62 16.04
N VAL J 194 7.54 41.12 15.10
CA VAL J 194 8.00 40.35 13.95
C VAL J 194 9.48 40.09 14.18
N GLN J 195 9.85 38.82 14.04
CA GLN J 195 11.18 38.34 14.31
C GLN J 195 11.77 37.72 13.08
N HIS J 196 13.02 38.06 12.84
CA HIS J 196 13.80 37.40 11.85
C HIS J 196 14.89 36.57 12.44
N TYR J 197 15.03 35.34 11.92
CA TYR J 197 16.08 34.42 12.33
C TYR J 197 17.03 34.34 11.16
N SER J 198 18.33 34.37 11.44
CA SER J 198 19.34 34.44 10.40
C SER J 198 19.37 33.24 9.45
N CYS J 199 18.85 32.10 9.87
CA CYS J 199 18.71 30.91 9.02
C CYS J 199 17.75 31.07 7.85
N CYS J 200 16.76 31.95 7.99
CA CYS J 200 15.51 31.81 7.27
C CYS J 200 14.94 33.18 6.85
N PRO J 201 14.39 33.27 5.62
CA PRO J 201 13.81 34.55 5.18
C PRO J 201 12.42 34.86 5.77
N GLU J 202 11.65 33.82 6.08
CA GLU J 202 10.30 34.02 6.62
C GLU J 202 10.28 34.76 7.95
N PRO J 203 9.25 35.59 8.16
CA PRO J 203 9.05 36.20 9.46
C PRO J 203 8.40 35.25 10.48
N TYR J 204 8.77 35.46 11.74
CA TYR J 204 8.15 34.76 12.85
C TYR J 204 7.47 35.79 13.74
N ILE J 205 6.24 35.49 14.13
CA ILE J 205 5.39 36.45 14.81
C ILE J 205 5.15 35.96 16.22
N ASP J 206 5.22 36.88 17.17
CA ASP J 206 4.74 36.62 18.50
C ASP J 206 4.01 37.84 19.06
N VAL J 207 3.29 37.61 20.14
CA VAL J 207 2.67 38.69 20.90
C VAL J 207 3.35 38.71 22.27
N ASN J 208 4.00 39.84 22.58
CA ASN J 208 4.74 40.00 23.80
C ASN J 208 3.85 40.66 24.86
N LEU J 209 3.57 39.90 25.91
CA LEU J 209 2.76 40.38 27.00
C LEU J 209 3.72 40.92 28.05
N VAL J 210 3.68 42.24 28.28
CA VAL J 210 4.55 42.92 29.26
C VAL J 210 3.68 43.45 30.38
N VAL J 211 3.96 43.00 31.60
CA VAL J 211 3.17 43.39 32.75
C VAL J 211 4.09 44.05 33.78
N LYS J 212 3.69 45.24 34.22
CA LYS J 212 4.34 45.98 35.30
C LYS J 212 3.43 46.01 36.49
N PHE J 213 3.95 45.62 37.65
CA PHE J 213 3.11 45.37 38.81
C PHE J 213 3.89 45.54 40.09
N ARG J 214 3.15 45.75 41.17
CA ARG J 214 3.75 45.86 42.49
C ARG J 214 2.80 45.38 43.57
N GLU J 215 3.35 45.12 44.75
CA GLU J 215 2.55 44.76 45.91
C GLU J 215 1.58 45.88 46.23
N ARG J 216 0.33 45.52 46.49
CA ARG J 216 -0.72 46.49 46.83
CA ARG J 216 -0.73 46.48 46.85
C ARG J 216 -0.43 47.10 48.22
N ARG J 217 -0.64 48.41 48.34
CA ARG J 217 -0.27 49.15 49.57
C ARG J 217 -1.49 49.55 50.43
#